data_6AGF
#
_entry.id   6AGF
#
loop_
_entity.id
_entity.type
_entity.pdbx_description
1 polymer 'Sodium channel protein type 4 subunit alpha'
2 polymer 'Sodium channel subunit beta-1'
3 branched beta-D-mannopyranose-(1-4)-2-acetamido-2-deoxy-beta-D-glucopyranose-(1-4)-2-acetamido-2-deoxy-beta-D-glucopyranose
4 branched 2-acetamido-2-deoxy-beta-D-glucopyranose-(1-4)-2-acetamido-2-deoxy-beta-D-glucopyranose
5 non-polymer '[(2~{R})-1-[2-azanylethoxy(oxidanyl)phosphoryl]oxy-3-hexadecanoyloxy-propan-2-yl] (~{Z})-octadec-9-enoate'
6 non-polymer (3beta,14beta,17beta,25R)-3-[4-methoxy-3-(methoxymethyl)butoxy]spirost-5-en
7 non-polymer 2-acetamido-2-deoxy-beta-D-glucopyranose
#
loop_
_entity_poly.entity_id
_entity_poly.type
_entity_poly.pdbx_seq_one_letter_code
_entity_poly.pdbx_strand_id
1 'polypeptide(L)'
;MASWSHPQFEKGGGARGGSGGGSWSHPQFEKGFDYKDDDDKGTMARPSLCTLVPLGPECLRPFTRESLAAIEQRAVEEEA
RLQRNKQMEIEEPERKPRSDLEAGKNLPMIYGDPPPEVIGIPLEDLDPYYSNKKTFIVLNKGKAIFRFSATPALYLLSPF
SVVRRGAIKVLIHALFSMFIMITILTNCVFMTMSDPPPWSKNVEYTFTGIYTFESLIKILARGFCVDDFTFLRDPWNWLD
FSVIMMAYLTEFVDLGNISALRTFRVLRALKTITVIPGLKTIVGALIQSVKKLSDVMILTVFCLSVFALVGLQLFMGNLR
QKCVRWPPPFNDTNTTWYSNDTWYGNDTWYGNEMWYGNDSWYANDTWNSHASWATNDTFDWDAYISDEGNFYFLEGSNDA
LLCGNSSDAGHCPEGYECIKTGRNPNYGYTSYDTFSWAFLALFRLMTQDYWENLFQLTLRAAGKTYMIFFVVIIFLGSFY
LINLILAVVAMAYAEQNEATLAEDKEKEEEFQQMLEKFKKHQEELEKAKAAQALEGGEADGDPAHGKDCNGSLDTSQGEK
GAPRQSSSGDSGISDAMEELEEAHQKCPPWWYKCAHKVLIWNCCAPWLKFKNIIHLIVMDPFVDLGITICIVLNTLFMAM
EHYPMTEHFDNVLTVGNLVFTGIFTAEMVLKLIAMDPYEYFQQGWNIFDSIIVTLSLVELGLANVQGLSVLRSFRLLRVF
KLAKSWPTLNMLIKIIGNSVGALGNLTLVLAIIVFIFAVVGMQLFGKSYKECVCKIALDCNLPRWHMHDFFHSFLIVFRI
LCGEWIETMWDCMEVAGQAMCLTVFLMVMVIGNLVVLNLFLALLLSSFSADSLAASDEDGEMNNLQIAIGRIKLGIGFAK
AFLLGLLHGKILSPKDIMLSLGEADGAGEAGEAGETAPEDEKKEPPEEDLKKDNHILNHMGLADGPPSSLELDHLNFINN
PYLTIQVPIASEESDLEMPTEEETDTFSEPEDSKKPPQPLYDGNSSVCSTADYKPPEEDPEEQAEENPEGEQPEECFTEA
CVQRWPCLYVDISQGRGKKWWTLRRACFKIVEHNWFETFIVFMILLSSGALAFEDIYIEQRRVIRTILEYADKVFTYIFI
MEMLLKWVAYGFKVYFTNAWCWLDFLIVDVSIISLVANWLGYSELGPIKSLRTLRALRPLRALSRFEGMRVVVNALLGAI
PSIMNVLLVCLIFWLIFSIMGVNLFAGKFYYCINTTTSERFDISEVNNKSECESLMHTGQVRWLNVKVNYDNVGLGYLSL
LQVATFKGWMDIMYAAVDSREKEEQPQYEVNLYMYLYFVIFIIFGSFFTLNLFIGVIIDNFNQQKKKLGGKDIFMTEEQK
KYYNAMKKLGSKKPQKPIPRPQNKIQGMVYDLVTKQAFDITIMILICLNMVTMMVETDNQSQLKVDILYNINMIFIIIFT
GECVLKMLALRQYYFTVGWNIFDFVVVILSIVGLALSDLIQKYFVSPTLFRVIRLARIGRVLRLIRGAKGIRTLLFALMM
SLPALFNIGLLLFLVMFIYSIFGMSNFAYVKKESGIDDMFNFETFGNSIICLFEITTSAGWDGLLNPILNSGPPDCDPNL
ENPGTSVKGDCGNPSIGICFFCSYIIISFLIVVNMYIAIILENFNVATEESSEPLGEDDFEMFYETWEKFDPDATQFIAY
SRLSDFVDTLQEPLRIAKPNKIKLITLDLPMVPGDKIHCLDILFALTKEVLGDSGEMDALKQTMEEKFMAANPSKVSYEP
ITTTLKRKHEEVCAIKIQRAYRRHLLQRSMKQASYMYRHSHDGSGDDAPEKEGLLANTMSKMYGHENGNSSSPSPEEKGE
AGDAGPTMGLMPISPSDTAWPPAPPPGQTVRPGVKESLV
;
A
2 'polypeptide(L)'
;MGRLLALVVGAALVSSACGGCVEVDSETEAVYGMTFKILCISCKRRSETNAETFTEWTFRQKGTEEFVKILRYENEVLQL
EEDERFEGRVVWNGSRGTKDLQDLSIFITNVTYNHSGDYECHVYRLLFFENYEHNTSVVKKIHIEVVDKANRDMASIVSE
IMMYVLIVVLTIWLVAEMIYCYKKIAAATETAAQENASEYLAITSESKENCTGVQVAE
;
B
#
# COMPACT_ATOMS: atom_id res chain seq x y z
N VAL A 162 19.22 41.37 -53.38
CA VAL A 162 19.58 41.17 -51.99
C VAL A 162 19.34 39.70 -51.66
N VAL A 163 20.30 39.08 -50.96
CA VAL A 163 20.17 37.66 -50.61
C VAL A 163 19.17 37.48 -49.48
N ARG A 164 19.03 38.52 -48.63
CA ARG A 164 18.06 38.52 -47.53
C ARG A 164 16.63 38.29 -48.02
N ARG A 165 16.29 38.84 -49.18
CA ARG A 165 14.97 38.58 -49.76
C ARG A 165 14.86 37.15 -50.28
N GLY A 166 16.00 36.49 -50.48
CA GLY A 166 15.95 35.10 -50.92
C GLY A 166 15.83 34.12 -49.77
N ALA A 167 16.49 34.42 -48.66
CA ALA A 167 16.55 33.46 -47.56
C ALA A 167 15.22 33.39 -46.82
N ILE A 168 14.40 34.44 -46.94
CA ILE A 168 13.06 34.41 -46.37
C ILE A 168 12.19 33.42 -47.13
N LYS A 169 12.45 33.25 -48.43
CA LYS A 169 11.68 32.31 -49.22
C LYS A 169 12.05 30.87 -48.91
N VAL A 170 13.25 30.65 -48.36
CA VAL A 170 13.64 29.29 -47.98
C VAL A 170 13.23 29.00 -46.54
N LEU A 171 13.22 30.04 -45.70
CA LEU A 171 12.82 29.89 -44.30
C LEU A 171 11.35 29.53 -44.18
N ILE A 172 10.48 30.27 -44.88
CA ILE A 172 9.03 30.04 -44.81
C ILE A 172 8.61 28.78 -45.56
N HIS A 173 9.42 28.29 -46.50
CA HIS A 173 9.08 27.15 -47.34
C HIS A 173 8.95 25.88 -46.48
N ALA A 174 7.79 25.24 -46.55
CA ALA A 174 7.42 24.21 -45.59
C ALA A 174 8.09 22.87 -45.83
N LEU A 175 9.00 22.76 -46.80
CA LEU A 175 9.80 21.55 -46.90
C LEU A 175 11.05 21.67 -46.04
N PHE A 176 11.47 22.90 -45.75
CA PHE A 176 12.64 23.11 -44.90
C PHE A 176 12.34 22.76 -43.45
N SER A 177 11.11 22.99 -43.01
CA SER A 177 10.74 22.59 -41.65
C SER A 177 10.50 21.10 -41.58
N MET A 178 10.36 20.44 -42.72
CA MET A 178 10.28 18.99 -42.75
C MET A 178 11.68 18.38 -42.74
N PHE A 179 12.69 19.15 -43.12
CA PHE A 179 14.06 18.63 -43.18
C PHE A 179 14.75 18.73 -41.83
N ILE A 180 14.40 19.74 -41.04
CA ILE A 180 14.92 19.82 -39.69
C ILE A 180 14.25 18.76 -38.80
N MET A 181 13.04 18.36 -39.18
CA MET A 181 12.33 17.32 -38.42
C MET A 181 13.00 15.96 -38.58
N ILE A 182 13.52 15.68 -39.78
CA ILE A 182 14.18 14.39 -40.01
C ILE A 182 15.62 14.44 -39.51
N THR A 183 16.16 15.65 -39.37
CA THR A 183 17.50 15.80 -38.80
C THR A 183 17.52 15.40 -37.35
N ILE A 184 16.53 15.84 -36.58
CA ILE A 184 16.51 15.57 -35.15
C ILE A 184 16.16 14.12 -34.89
N LEU A 185 15.18 13.59 -35.61
CA LEU A 185 14.71 12.24 -35.34
C LEU A 185 15.70 11.18 -35.82
N THR A 186 16.73 11.57 -36.55
CA THR A 186 17.82 10.65 -36.83
C THR A 186 18.97 10.88 -35.86
N ASN A 187 19.09 12.10 -35.35
CA ASN A 187 20.04 12.36 -34.27
C ASN A 187 19.59 11.66 -33.00
N CYS A 188 18.28 11.55 -32.79
CA CYS A 188 17.75 10.91 -31.60
C CYS A 188 17.84 9.40 -31.67
N VAL A 189 18.31 8.86 -32.79
CA VAL A 189 18.66 7.44 -32.82
C VAL A 189 20.13 7.25 -32.46
N PHE A 190 20.97 8.21 -32.82
CA PHE A 190 22.39 8.07 -32.55
C PHE A 190 22.74 8.53 -31.15
N MET A 191 21.82 9.22 -30.48
CA MET A 191 22.00 9.41 -29.05
C MET A 191 21.62 8.15 -28.29
N THR A 192 20.86 7.29 -28.94
CA THR A 192 20.22 6.16 -28.30
C THR A 192 21.09 4.93 -28.46
N MET A 193 22.38 5.05 -28.17
CA MET A 193 23.30 3.92 -28.30
C MET A 193 24.55 4.21 -27.51
N SER A 194 25.01 3.22 -26.77
CA SER A 194 26.25 3.32 -26.01
C SER A 194 27.36 2.58 -26.74
N ASP A 195 28.58 3.11 -26.59
CA ASP A 195 29.77 2.76 -27.36
C ASP A 195 29.46 2.78 -28.86
N PRO A 196 29.32 3.95 -29.47
CA PRO A 196 29.09 3.99 -30.90
C PRO A 196 30.34 3.56 -31.64
N PRO A 197 30.20 2.90 -32.78
CA PRO A 197 31.37 2.52 -33.57
C PRO A 197 32.02 3.75 -34.16
N PRO A 198 33.28 3.66 -34.62
CA PRO A 198 33.94 4.81 -35.25
C PRO A 198 33.53 5.10 -36.69
N TRP A 199 32.23 4.96 -36.96
CA TRP A 199 31.57 5.54 -38.11
C TRP A 199 30.91 6.85 -37.76
N SER A 200 31.08 7.34 -36.54
CA SER A 200 30.19 8.37 -36.01
C SER A 200 30.84 9.74 -36.04
N LYS A 201 32.16 9.81 -36.17
CA LYS A 201 32.88 11.07 -36.03
C LYS A 201 32.50 12.06 -37.13
N ASN A 202 32.27 11.56 -38.34
CA ASN A 202 31.76 12.45 -39.40
C ASN A 202 30.26 12.68 -39.24
N VAL A 203 29.52 11.66 -38.78
CA VAL A 203 28.07 11.76 -38.65
C VAL A 203 27.71 12.73 -37.52
N GLU A 204 28.55 12.80 -36.50
CA GLU A 204 28.42 13.85 -35.50
C GLU A 204 28.67 15.23 -36.11
N TYR A 205 29.50 15.30 -37.15
CA TYR A 205 29.79 16.59 -37.77
C TYR A 205 28.76 16.96 -38.81
N THR A 206 28.18 15.99 -39.52
CA THR A 206 27.15 16.29 -40.52
C THR A 206 25.90 16.85 -39.87
N PHE A 207 25.53 16.37 -38.69
CA PHE A 207 24.41 16.96 -37.97
C PHE A 207 24.73 18.38 -37.56
N THR A 208 25.96 18.63 -37.12
CA THR A 208 26.37 20.00 -36.83
C THR A 208 26.41 20.83 -38.11
N GLY A 209 26.65 20.18 -39.25
CA GLY A 209 26.54 20.87 -40.52
C GLY A 209 25.12 21.28 -40.86
N ILE A 210 24.13 20.58 -40.34
CA ILE A 210 22.75 20.93 -40.62
C ILE A 210 22.20 21.94 -39.62
N TYR A 211 22.59 21.86 -38.33
CA TYR A 211 22.02 22.80 -37.37
C TYR A 211 22.68 24.17 -37.47
N THR A 212 23.94 24.22 -37.92
CA THR A 212 24.56 25.53 -38.10
C THR A 212 24.05 26.25 -39.34
N PHE A 213 23.71 25.49 -40.39
CA PHE A 213 23.10 26.10 -41.55
C PHE A 213 21.72 26.67 -41.23
N GLU A 214 20.97 26.02 -40.35
CA GLU A 214 19.69 26.55 -39.92
C GLU A 214 19.88 27.87 -39.17
N SER A 215 20.97 28.00 -38.41
CA SER A 215 21.20 29.24 -37.70
C SER A 215 21.65 30.35 -38.64
N LEU A 216 22.41 30.00 -39.68
CA LEU A 216 22.78 31.00 -40.68
C LEU A 216 21.60 31.41 -41.52
N ILE A 217 20.70 30.48 -41.81
CA ILE A 217 19.58 30.80 -42.70
C ILE A 217 18.52 31.59 -41.94
N LYS A 218 18.66 31.69 -40.61
CA LYS A 218 17.68 32.46 -39.84
C LYS A 218 18.20 33.84 -39.49
N ILE A 219 19.50 33.99 -39.24
CA ILE A 219 20.04 35.32 -38.97
C ILE A 219 20.07 36.15 -40.24
N LEU A 220 20.46 35.52 -41.36
CA LEU A 220 20.50 36.20 -42.65
C LEU A 220 19.10 36.53 -43.16
N ALA A 221 18.08 35.81 -42.69
CA ALA A 221 16.74 36.07 -43.19
C ALA A 221 16.05 37.17 -42.39
N ARG A 222 16.30 37.22 -41.08
CA ARG A 222 15.57 38.20 -40.26
C ARG A 222 16.14 39.60 -40.43
N GLY A 223 17.40 39.72 -40.84
CA GLY A 223 17.92 41.03 -41.21
C GLY A 223 19.44 41.13 -41.16
N PHE A 224 19.93 42.32 -40.77
CA PHE A 224 21.34 42.72 -40.86
C PHE A 224 22.10 42.31 -39.59
N CYS A 225 23.29 42.84 -39.31
CA CYS A 225 24.02 42.54 -38.09
C CYS A 225 23.29 43.06 -36.85
N VAL A 226 22.44 44.07 -37.00
CA VAL A 226 21.63 44.55 -35.88
C VAL A 226 20.60 43.50 -35.50
N ASP A 227 20.15 42.73 -36.49
CA ASP A 227 19.09 41.74 -36.31
C ASP A 227 19.50 40.55 -35.44
N ASP A 228 20.81 40.33 -35.25
CA ASP A 228 21.27 39.27 -34.34
C ASP A 228 20.80 39.51 -32.92
N PHE A 229 20.46 40.75 -32.56
CA PHE A 229 19.75 40.96 -31.32
C PHE A 229 18.27 40.56 -31.44
N THR A 230 17.65 40.77 -32.61
CA THR A 230 16.21 40.48 -32.74
C THR A 230 15.96 39.00 -33.04
N PHE A 231 16.94 38.32 -33.64
CA PHE A 231 16.90 36.86 -33.70
C PHE A 231 16.93 36.25 -32.31
N LEU A 232 17.72 36.80 -31.41
CA LEU A 232 17.74 36.31 -30.04
C LEU A 232 16.63 36.87 -29.18
N ARG A 233 15.65 37.58 -29.75
CA ARG A 233 14.53 38.06 -28.95
C ARG A 233 13.47 36.99 -28.78
N ASP A 234 13.42 36.02 -29.69
CA ASP A 234 12.44 34.95 -29.55
C ASP A 234 13.06 33.81 -28.75
N PRO A 235 12.64 33.61 -27.50
CA PRO A 235 13.40 32.76 -26.57
C PRO A 235 13.42 31.26 -26.87
N TRP A 236 12.80 30.80 -27.94
CA TRP A 236 13.05 29.45 -28.38
C TRP A 236 14.27 29.39 -29.28
N ASN A 237 14.78 30.54 -29.71
CA ASN A 237 16.02 30.58 -30.47
C ASN A 237 17.23 30.57 -29.55
N TRP A 238 17.01 30.82 -28.25
CA TRP A 238 18.11 30.78 -27.29
C TRP A 238 18.65 29.37 -27.16
N LEU A 239 17.78 28.38 -27.29
CA LEU A 239 18.21 27.01 -27.22
C LEU A 239 18.83 26.58 -28.55
N ASP A 240 18.40 27.18 -29.66
CA ASP A 240 18.99 26.84 -30.94
C ASP A 240 20.39 27.43 -31.06
N PHE A 241 20.65 28.50 -30.32
CA PHE A 241 21.96 29.14 -30.36
C PHE A 241 22.91 28.53 -29.32
N SER A 242 22.35 28.02 -28.23
CA SER A 242 23.18 27.40 -27.21
C SER A 242 23.68 26.03 -27.65
N VAL A 243 23.06 25.45 -28.67
CA VAL A 243 23.52 24.15 -29.16
C VAL A 243 24.85 24.28 -29.89
N ILE A 244 24.91 25.17 -30.88
CA ILE A 244 26.10 25.25 -31.73
C ILE A 244 27.28 25.91 -31.05
N MET A 245 27.05 26.66 -29.97
CA MET A 245 28.16 27.21 -29.21
C MET A 245 28.89 26.12 -28.43
N MET A 246 28.15 25.28 -27.70
CA MET A 246 28.80 24.25 -26.89
C MET A 246 29.33 23.11 -27.76
N ALA A 247 28.77 22.90 -28.95
CA ALA A 247 29.33 21.85 -29.81
C ALA A 247 30.75 22.24 -30.23
N TYR A 248 30.90 23.51 -30.55
CA TYR A 248 32.17 24.10 -31.00
C TYR A 248 33.28 24.05 -29.95
N LEU A 249 32.89 24.15 -28.68
CA LEU A 249 33.86 24.07 -27.61
C LEU A 249 34.45 22.67 -27.62
N THR A 250 33.60 21.67 -27.84
CA THR A 250 34.03 20.28 -27.91
C THR A 250 34.98 20.18 -29.08
N GLU A 251 34.63 20.86 -30.18
CA GLU A 251 35.45 20.83 -31.37
C GLU A 251 36.83 21.45 -31.17
N PHE A 252 36.89 22.56 -30.46
CA PHE A 252 38.16 23.23 -30.21
C PHE A 252 39.06 22.32 -29.40
N VAL A 253 38.46 21.69 -28.39
CA VAL A 253 39.08 20.74 -27.45
C VAL A 253 38.35 21.01 -26.14
N ASP A 254 38.64 20.26 -25.09
CA ASP A 254 37.98 20.49 -23.80
C ASP A 254 39.02 21.07 -22.85
N LEU A 255 38.73 22.20 -22.23
CA LEU A 255 39.69 22.78 -21.30
C LEU A 255 39.87 21.75 -20.21
N GLY A 256 38.75 21.20 -19.77
CA GLY A 256 38.74 20.15 -18.79
C GLY A 256 37.90 19.07 -19.41
N ASN A 257 38.51 17.95 -19.76
CA ASN A 257 37.76 16.85 -20.36
C ASN A 257 37.21 15.90 -19.34
N ILE A 258 36.15 16.31 -18.62
CA ILE A 258 35.61 15.39 -17.63
C ILE A 258 34.38 14.67 -18.19
N SER A 259 33.85 15.13 -19.34
CA SER A 259 32.94 14.45 -20.27
C SER A 259 31.50 14.33 -19.81
N ALA A 260 31.04 15.20 -18.91
CA ALA A 260 29.61 15.38 -18.73
C ALA A 260 29.05 16.50 -19.61
N LEU A 261 29.79 16.90 -20.64
CA LEU A 261 29.30 17.90 -21.58
C LEU A 261 28.59 17.24 -22.75
N ARG A 262 28.55 15.91 -22.77
CA ARG A 262 27.81 15.21 -23.82
C ARG A 262 26.31 15.32 -23.59
N THR A 263 25.89 15.50 -22.34
CA THR A 263 24.46 15.58 -22.08
C THR A 263 23.89 16.93 -22.41
N PHE A 264 24.73 17.92 -22.77
CA PHE A 264 24.22 19.13 -23.40
C PHE A 264 23.83 18.90 -24.84
N ARG A 265 24.36 17.86 -25.48
CA ARG A 265 23.97 17.54 -26.84
C ARG A 265 22.56 16.97 -26.88
N VAL A 266 22.07 16.48 -25.74
CA VAL A 266 20.71 15.97 -25.61
C VAL A 266 19.71 17.11 -25.67
N LEU A 267 20.14 18.35 -25.43
CA LEU A 267 19.28 19.50 -25.60
C LEU A 267 18.89 19.76 -27.05
N ARG A 268 19.49 19.05 -28.02
CA ARG A 268 19.04 19.14 -29.40
C ARG A 268 17.67 18.53 -29.57
N ALA A 269 17.30 17.57 -28.72
CA ALA A 269 15.99 16.93 -28.83
C ALA A 269 14.86 17.82 -28.38
N LEU A 270 15.17 18.97 -27.79
CA LEU A 270 14.15 19.97 -27.53
C LEU A 270 13.89 20.87 -28.73
N LYS A 271 14.62 20.70 -29.82
CA LYS A 271 14.30 21.46 -31.02
C LYS A 271 13.07 20.93 -31.72
N THR A 272 12.61 19.72 -31.36
CA THR A 272 11.34 19.21 -31.83
C THR A 272 10.17 20.07 -31.37
N ILE A 273 10.28 20.69 -30.20
CA ILE A 273 9.27 21.61 -29.73
C ILE A 273 9.19 22.83 -30.65
N THR A 274 10.33 23.21 -31.24
CA THR A 274 10.31 24.31 -32.21
C THR A 274 9.82 23.84 -33.58
N VAL A 275 10.07 22.58 -33.94
CA VAL A 275 9.78 22.14 -35.30
C VAL A 275 8.33 21.72 -35.44
N ILE A 276 7.88 20.73 -34.67
CA ILE A 276 6.55 20.15 -34.79
C ILE A 276 5.50 21.20 -34.43
N PRO A 277 4.50 21.43 -35.29
CA PRO A 277 3.49 22.44 -34.99
C PRO A 277 2.58 22.03 -33.85
N GLY A 278 2.39 22.95 -32.92
CA GLY A 278 1.51 22.75 -31.80
C GLY A 278 2.19 22.40 -30.50
N LEU A 279 3.43 21.90 -30.53
CA LEU A 279 4.07 21.49 -29.29
C LEU A 279 4.56 22.67 -28.50
N LYS A 280 4.58 23.86 -29.10
CA LYS A 280 5.05 25.02 -28.38
C LYS A 280 3.97 25.56 -27.45
N THR A 281 2.71 25.40 -27.83
CA THR A 281 1.64 25.99 -27.03
C THR A 281 1.28 25.08 -25.87
N ILE A 282 1.74 23.83 -25.91
CA ILE A 282 1.53 22.92 -24.79
C ILE A 282 2.54 23.17 -23.69
N VAL A 283 3.81 23.35 -24.07
CA VAL A 283 4.84 23.66 -23.09
C VAL A 283 4.61 25.05 -22.50
N GLY A 284 4.01 25.95 -23.28
CA GLY A 284 3.59 27.21 -22.72
C GLY A 284 2.39 27.14 -21.82
N ALA A 285 1.71 25.99 -21.75
CA ALA A 285 0.62 25.80 -20.79
C ALA A 285 0.98 24.89 -19.64
N LEU A 286 1.86 23.90 -19.86
CA LEU A 286 2.43 23.11 -18.77
C LEU A 286 3.16 23.99 -17.78
N ILE A 287 3.85 25.01 -18.29
CA ILE A 287 4.51 25.98 -17.43
C ILE A 287 3.48 26.94 -16.83
N GLN A 288 2.34 27.11 -17.49
CA GLN A 288 1.34 28.04 -16.96
C GLN A 288 0.56 27.44 -15.80
N SER A 289 0.38 26.12 -15.79
CA SER A 289 -0.35 25.49 -14.70
C SER A 289 0.50 25.36 -13.45
N VAL A 290 1.80 25.59 -13.56
CA VAL A 290 2.70 25.61 -12.41
C VAL A 290 2.55 26.92 -11.65
N LYS A 291 2.24 28.01 -12.34
CA LYS A 291 2.15 29.29 -11.66
C LYS A 291 1.13 29.29 -10.53
N LYS A 292 -0.01 28.62 -10.72
CA LYS A 292 -1.04 28.56 -9.69
C LYS A 292 -0.65 27.68 -8.50
N LEU A 293 0.39 26.88 -8.68
CA LEU A 293 0.86 25.94 -7.67
C LEU A 293 1.76 26.51 -6.59
N SER A 294 2.05 27.80 -6.64
CA SER A 294 2.94 28.42 -5.67
C SER A 294 2.47 28.34 -4.22
N ASP A 295 1.17 28.57 -3.98
CA ASP A 295 0.63 28.51 -2.63
C ASP A 295 0.70 27.13 -1.98
N VAL A 296 0.47 26.09 -2.77
CA VAL A 296 0.48 24.72 -2.28
C VAL A 296 1.90 24.29 -1.99
N MET A 297 2.86 24.78 -2.77
CA MET A 297 4.24 24.34 -2.61
C MET A 297 4.89 24.94 -1.38
N ILE A 298 4.39 26.09 -0.92
CA ILE A 298 4.86 26.61 0.36
C ILE A 298 4.32 25.76 1.50
N LEU A 299 3.05 25.39 1.42
CA LEU A 299 2.43 24.59 2.47
C LEU A 299 2.95 23.16 2.46
N THR A 300 3.21 22.59 1.29
CA THR A 300 3.68 21.21 1.34
C THR A 300 5.16 21.10 1.65
N VAL A 301 5.89 22.21 1.75
CA VAL A 301 7.26 22.14 2.23
C VAL A 301 7.36 22.65 3.66
N PHE A 302 6.38 23.42 4.12
CA PHE A 302 6.22 23.72 5.52
C PHE A 302 5.88 22.47 6.31
N CYS A 303 5.04 21.61 5.75
CA CYS A 303 4.56 20.41 6.43
C CYS A 303 5.52 19.24 6.33
N LEU A 304 6.33 19.13 5.28
CA LEU A 304 7.40 18.14 5.33
C LEU A 304 8.46 18.53 6.33
N SER A 305 8.62 19.83 6.57
CA SER A 305 9.67 20.28 7.48
C SER A 305 9.24 20.22 8.93
N VAL A 306 7.96 20.47 9.22
CA VAL A 306 7.48 20.30 10.59
C VAL A 306 7.45 18.84 10.97
N PHE A 307 7.00 17.97 10.07
CA PHE A 307 7.00 16.55 10.32
C PHE A 307 8.42 15.98 10.39
N ALA A 308 9.38 16.58 9.70
CA ALA A 308 10.75 16.10 9.78
C ALA A 308 11.36 16.43 11.13
N LEU A 309 10.95 17.53 11.74
CA LEU A 309 11.47 17.89 13.05
C LEU A 309 11.01 16.89 14.09
N VAL A 310 9.72 16.55 14.01
CA VAL A 310 9.13 15.60 14.93
C VAL A 310 9.75 14.24 14.75
N GLY A 311 9.91 13.82 13.51
CA GLY A 311 10.45 12.51 13.26
C GLY A 311 11.85 12.42 13.79
N LEU A 312 12.64 13.47 13.55
CA LEU A 312 14.01 13.46 14.00
C LEU A 312 14.03 13.35 15.51
N GLN A 313 13.23 14.17 16.17
CA GLN A 313 13.26 14.14 17.62
C GLN A 313 12.89 12.79 18.15
N LEU A 314 11.87 12.19 17.58
CA LEU A 314 11.44 10.88 18.03
C LEU A 314 12.38 9.72 17.77
N PHE A 315 12.99 9.67 16.58
CA PHE A 315 13.80 8.52 16.22
C PHE A 315 15.27 8.76 15.93
N MET A 316 15.82 9.80 16.53
CA MET A 316 17.20 10.15 16.25
C MET A 316 18.16 9.18 16.87
N GLY A 317 18.78 8.38 16.04
CA GLY A 317 19.73 7.39 16.49
C GLY A 317 19.19 5.99 16.57
N ASN A 318 17.90 5.80 16.35
CA ASN A 318 17.29 4.49 16.60
C ASN A 318 17.61 3.49 15.52
N LEU A 319 18.01 3.95 14.34
CA LEU A 319 18.14 3.02 13.23
C LEU A 319 19.48 2.31 13.24
N ARG A 320 20.44 2.80 14.01
CA ARG A 320 21.75 2.17 14.07
C ARG A 320 21.82 1.01 15.04
N GLN A 321 20.80 0.81 15.88
CA GLN A 321 20.78 -0.24 16.89
C GLN A 321 20.89 -1.62 16.28
N LYS A 322 21.85 -2.39 16.74
CA LYS A 322 22.11 -3.70 16.19
C LYS A 322 22.18 -4.66 17.36
N CYS A 323 22.46 -5.92 17.08
CA CYS A 323 22.35 -6.96 18.09
C CYS A 323 23.69 -7.64 18.22
N VAL A 324 24.51 -7.19 19.18
CA VAL A 324 25.92 -7.56 19.32
C VAL A 324 26.05 -8.60 20.42
N ARG A 325 26.98 -9.54 20.28
CA ARG A 325 27.11 -10.62 21.25
C ARG A 325 27.91 -10.19 22.48
N TRP A 326 28.37 -11.16 23.29
CA TRP A 326 29.18 -10.90 24.48
C TRP A 326 30.55 -11.57 24.45
N PRO A 327 31.61 -10.87 24.87
CA PRO A 327 32.96 -11.22 24.44
C PRO A 327 33.48 -12.43 25.19
N PRO A 328 34.32 -13.24 24.54
CA PRO A 328 34.85 -14.44 25.19
C PRO A 328 35.91 -14.18 26.25
N PRO A 329 36.43 -12.93 26.42
CA PRO A 329 37.00 -12.83 27.77
C PRO A 329 36.11 -12.09 28.76
N PHE A 379 41.43 0.13 22.56
CA PHE A 379 40.92 -0.59 21.40
C PHE A 379 40.24 -1.87 21.84
N ASP A 380 39.97 -1.98 23.14
CA ASP A 380 39.12 -3.06 23.62
C ASP A 380 37.72 -2.89 23.07
N TRP A 381 37.07 -1.78 23.39
CA TRP A 381 35.63 -1.69 23.20
C TRP A 381 35.27 -1.31 21.77
N ASP A 382 36.08 -0.46 21.15
CA ASP A 382 35.67 0.08 19.85
C ASP A 382 36.08 -0.84 18.72
N ALA A 383 37.01 -1.76 18.98
CA ALA A 383 37.33 -2.74 17.96
C ALA A 383 36.46 -3.98 18.13
N TYR A 384 35.74 -4.09 19.24
CA TYR A 384 34.77 -5.16 19.39
C TYR A 384 33.44 -4.76 18.76
N ILE A 385 33.05 -3.50 18.93
CA ILE A 385 31.83 -2.99 18.33
C ILE A 385 31.90 -2.99 16.81
N SER A 386 33.04 -2.56 16.25
CA SER A 386 33.12 -2.32 14.82
C SER A 386 33.06 -3.61 14.02
N ASP A 387 33.35 -4.74 14.65
CA ASP A 387 33.55 -5.97 13.93
C ASP A 387 32.22 -6.58 13.51
N GLU A 388 32.11 -6.92 12.24
CA GLU A 388 30.88 -7.47 11.67
C GLU A 388 30.68 -8.93 12.02
N GLY A 389 31.65 -9.57 12.65
CA GLY A 389 31.41 -10.92 13.16
C GLY A 389 30.64 -10.88 14.45
N ASN A 390 30.51 -9.70 15.04
CA ASN A 390 29.81 -9.61 16.30
C ASN A 390 28.36 -9.20 16.10
N PHE A 391 27.99 -8.82 14.88
CA PHE A 391 26.61 -8.46 14.61
C PHE A 391 25.83 -9.72 14.22
N TYR A 392 24.52 -9.59 14.13
CA TYR A 392 23.64 -10.73 13.84
C TYR A 392 22.94 -10.51 12.52
N PHE A 393 23.16 -11.41 11.57
CA PHE A 393 22.60 -11.30 10.24
C PHE A 393 21.60 -12.41 10.03
N LEU A 394 20.40 -12.06 9.56
CA LEU A 394 19.49 -13.07 9.06
C LEU A 394 20.05 -13.67 7.78
N GLU A 395 19.60 -14.88 7.46
CA GLU A 395 20.16 -15.61 6.33
C GLU A 395 19.71 -14.96 5.03
N GLY A 396 20.68 -14.68 4.16
CA GLY A 396 20.39 -14.03 2.91
C GLY A 396 20.11 -12.56 3.02
N SER A 397 20.57 -11.89 4.06
CA SER A 397 20.42 -10.46 4.19
C SER A 397 21.77 -9.80 4.39
N ASN A 398 21.87 -8.56 3.92
CA ASN A 398 23.11 -7.83 3.94
C ASN A 398 23.15 -6.66 4.91
N ASP A 399 22.07 -6.39 5.60
CA ASP A 399 22.09 -5.53 6.77
C ASP A 399 22.01 -6.39 8.04
N ALA A 400 22.44 -5.80 9.15
CA ALA A 400 22.35 -6.47 10.43
C ALA A 400 20.94 -6.36 10.96
N LEU A 401 20.56 -7.30 11.81
CA LEU A 401 19.21 -7.30 12.34
C LEU A 401 19.08 -6.16 13.32
N LEU A 402 17.91 -5.57 13.39
CA LEU A 402 17.69 -4.34 14.11
C LEU A 402 16.84 -4.67 15.33
N CYS A 403 17.14 -4.08 16.46
CA CYS A 403 16.70 -4.56 17.75
C CYS A 403 16.12 -3.41 18.57
N GLY A 404 15.63 -3.72 19.76
CA GLY A 404 14.94 -2.74 20.56
C GLY A 404 15.12 -3.01 22.04
N ASN A 405 15.19 -1.92 22.82
CA ASN A 405 15.39 -2.05 24.25
C ASN A 405 14.11 -2.47 24.93
N SER A 406 12.98 -2.07 24.35
CA SER A 406 11.69 -2.17 25.00
C SER A 406 11.22 -3.63 25.04
N SER A 407 10.12 -3.85 25.75
CA SER A 407 9.42 -5.12 25.74
C SER A 407 8.49 -5.24 24.55
N ASP A 408 8.57 -4.27 23.67
CA ASP A 408 7.66 -4.07 22.57
C ASP A 408 8.33 -4.24 21.22
N ALA A 409 9.49 -3.61 21.01
CA ALA A 409 10.30 -3.75 19.81
C ALA A 409 10.99 -5.12 19.78
N GLY A 410 11.68 -5.39 18.69
CA GLY A 410 12.31 -6.68 18.47
C GLY A 410 13.43 -7.07 19.39
N HIS A 411 13.51 -8.36 19.69
CA HIS A 411 14.57 -8.83 20.56
C HIS A 411 15.53 -9.78 19.88
N CYS A 412 16.81 -9.61 20.22
CA CYS A 412 17.88 -10.41 19.67
C CYS A 412 17.84 -11.79 20.28
N PRO A 413 18.50 -12.77 19.55
CA PRO A 413 18.45 -14.11 20.17
C PRO A 413 19.31 -14.20 21.41
N GLU A 414 19.14 -15.31 22.19
CA GLU A 414 19.94 -15.46 23.39
C GLU A 414 21.39 -15.45 22.97
N GLY A 415 22.22 -14.74 23.76
CA GLY A 415 23.63 -14.56 23.52
C GLY A 415 24.00 -13.28 22.82
N TYR A 416 23.10 -12.31 22.78
CA TYR A 416 23.28 -11.09 22.01
C TYR A 416 22.70 -9.94 22.80
N GLU A 417 23.09 -8.73 22.44
CA GLU A 417 22.69 -7.55 23.19
C GLU A 417 22.37 -6.42 22.23
N CYS A 418 21.27 -5.73 22.49
CA CYS A 418 20.85 -4.67 21.58
C CYS A 418 21.56 -3.40 21.91
N ILE A 419 22.69 -3.21 21.26
CA ILE A 419 23.56 -2.05 21.46
C ILE A 419 23.48 -1.12 20.26
N LYS A 420 23.63 0.19 20.51
CA LYS A 420 23.27 1.24 19.55
C LYS A 420 24.23 1.36 18.38
N THR A 421 25.51 1.11 18.58
CA THR A 421 26.53 1.28 17.52
C THR A 421 26.46 0.45 16.25
N GLY A 422 26.60 1.11 15.10
CA GLY A 422 26.58 0.44 13.81
C GLY A 422 26.59 1.31 12.56
N ARG A 423 26.58 0.62 11.43
CA ARG A 423 26.56 1.17 10.06
C ARG A 423 25.28 1.89 9.62
N ASN A 424 24.14 1.34 10.02
CA ASN A 424 22.78 1.81 9.67
C ASN A 424 22.09 1.02 8.55
N PRO A 425 20.71 1.19 8.44
CA PRO A 425 20.07 0.38 7.38
C PRO A 425 20.36 0.78 5.93
N ASN A 426 20.23 -0.18 5.02
CA ASN A 426 20.48 0.03 3.60
C ASN A 426 21.94 0.38 3.42
N TYR A 427 22.20 1.48 2.74
CA TYR A 427 23.57 1.92 2.53
C TYR A 427 23.86 3.10 3.45
N GLY A 428 22.99 3.33 4.42
CA GLY A 428 23.16 4.44 5.33
C GLY A 428 22.34 5.63 4.91
N TYR A 429 21.43 5.44 3.96
CA TYR A 429 20.57 6.49 3.43
C TYR A 429 19.17 6.44 4.00
N THR A 430 18.99 5.85 5.18
CA THR A 430 17.64 5.69 5.70
C THR A 430 17.39 6.41 7.02
N SER A 431 18.44 6.76 7.77
CA SER A 431 18.33 7.19 9.15
C SER A 431 17.53 8.47 9.34
N TYR A 432 17.18 8.75 10.59
CA TYR A 432 16.41 9.91 10.98
C TYR A 432 17.23 11.03 11.59
N ASP A 433 18.44 10.77 12.04
CA ASP A 433 19.30 11.87 12.46
C ASP A 433 19.72 12.68 11.25
N THR A 434 20.24 13.89 11.52
CA THR A 434 20.62 14.84 10.49
C THR A 434 19.42 15.19 9.64
N PHE A 435 18.65 16.20 10.09
CA PHE A 435 17.38 16.70 9.50
C PHE A 435 17.27 16.55 7.99
N SER A 436 18.36 16.72 7.26
CA SER A 436 18.35 16.47 5.82
C SER A 436 18.04 15.02 5.47
N TRP A 437 18.39 14.05 6.33
CA TRP A 437 17.96 12.68 6.05
C TRP A 437 16.53 12.44 6.51
N ALA A 438 16.08 13.14 7.55
CA ALA A 438 14.70 13.02 7.98
C ALA A 438 13.77 13.83 7.10
N PHE A 439 14.32 14.65 6.21
CA PHE A 439 13.49 15.23 5.18
C PHE A 439 13.24 14.23 4.06
N LEU A 440 14.23 13.41 3.74
CA LEU A 440 14.06 12.42 2.69
C LEU A 440 13.32 11.19 3.18
N ALA A 441 13.54 10.78 4.42
CA ALA A 441 12.83 9.64 4.98
C ALA A 441 11.36 9.93 5.15
N LEU A 442 10.97 11.18 5.23
CA LEU A 442 9.56 11.54 5.27
C LEU A 442 9.05 12.08 3.97
N PHE A 443 9.89 12.13 2.95
CA PHE A 443 9.40 12.45 1.62
C PHE A 443 9.05 11.19 0.87
N ARG A 444 9.67 10.07 1.23
CA ARG A 444 9.22 8.79 0.74
C ARG A 444 8.02 8.29 1.52
N LEU A 445 7.54 9.04 2.50
CA LEU A 445 6.23 8.74 3.06
C LEU A 445 5.15 9.54 2.39
N MET A 446 5.44 10.76 1.95
CA MET A 446 4.43 11.54 1.25
C MET A 446 4.08 10.90 -0.08
N THR A 447 5.09 10.40 -0.79
CA THR A 447 4.86 9.75 -2.06
C THR A 447 4.63 8.26 -1.93
N GLN A 448 4.83 7.70 -0.75
CA GLN A 448 4.63 6.28 -0.43
C GLN A 448 5.44 5.36 -1.33
N ASP A 449 6.72 5.66 -1.49
CA ASP A 449 7.63 4.77 -2.18
C ASP A 449 8.28 3.88 -1.14
N TYR A 450 7.90 2.61 -1.15
CA TYR A 450 8.52 1.54 -0.36
C TYR A 450 8.45 1.83 1.12
N TRP A 451 7.40 2.57 1.52
CA TRP A 451 7.34 3.17 2.84
C TRP A 451 7.10 2.11 3.90
N GLU A 452 6.67 0.93 3.50
CA GLU A 452 6.42 -0.12 4.47
C GLU A 452 7.68 -0.86 4.85
N ASN A 453 8.84 -0.42 4.36
CA ASN A 453 10.08 -0.89 4.92
C ASN A 453 10.57 0.10 5.97
N LEU A 454 10.37 1.39 5.71
CA LEU A 454 10.63 2.39 6.74
C LEU A 454 9.58 2.34 7.83
N PHE A 455 8.44 1.74 7.56
CA PHE A 455 7.50 1.46 8.63
C PHE A 455 7.97 0.29 9.49
N GLN A 456 8.53 -0.73 8.88
CA GLN A 456 8.96 -1.90 9.62
C GLN A 456 10.36 -1.80 10.16
N LEU A 457 10.97 -0.62 10.11
CA LEU A 457 12.27 -0.41 10.72
C LEU A 457 12.22 0.56 11.88
N THR A 458 11.33 1.54 11.87
CA THR A 458 11.18 2.35 13.07
C THR A 458 10.35 1.62 14.12
N LEU A 459 9.47 0.71 13.72
CA LEU A 459 8.72 -0.03 14.73
C LEU A 459 9.54 -1.16 15.30
N ARG A 460 10.50 -1.67 14.55
CA ARG A 460 11.39 -2.68 15.09
C ARG A 460 12.39 -2.07 16.03
N ALA A 461 12.71 -0.79 15.84
CA ALA A 461 13.58 -0.09 16.77
C ALA A 461 12.82 0.51 17.93
N ALA A 462 11.88 1.39 17.66
CA ALA A 462 11.25 2.18 18.68
C ALA A 462 10.01 1.54 19.27
N GLY A 463 9.51 0.47 18.68
CA GLY A 463 8.43 -0.26 19.31
C GLY A 463 7.10 0.00 18.65
N LYS A 464 6.14 -0.88 18.87
CA LYS A 464 4.90 -0.86 18.09
C LYS A 464 4.01 0.30 18.47
N THR A 465 4.22 0.90 19.63
CA THR A 465 3.36 1.99 20.06
C THR A 465 3.64 3.29 19.33
N TYR A 466 4.67 3.33 18.50
CA TYR A 466 4.93 4.45 17.61
C TYR A 466 4.22 4.30 16.29
N MET A 467 3.15 3.52 16.24
CA MET A 467 2.33 3.47 15.04
C MET A 467 1.56 4.78 14.85
N ILE A 468 1.27 5.48 15.95
CA ILE A 468 0.47 6.69 15.98
C ILE A 468 1.16 7.79 15.18
N PHE A 469 2.48 7.71 15.09
CA PHE A 469 3.22 8.61 14.22
C PHE A 469 2.84 8.37 12.76
N PHE A 470 2.82 7.12 12.31
CA PHE A 470 2.55 6.86 10.90
C PHE A 470 1.09 6.98 10.53
N VAL A 471 0.16 6.77 11.46
CA VAL A 471 -1.24 6.98 11.13
C VAL A 471 -1.51 8.46 10.87
N VAL A 472 -0.79 9.34 11.56
CA VAL A 472 -0.96 10.77 11.29
C VAL A 472 -0.23 11.17 10.02
N ILE A 473 0.92 10.57 9.73
CA ILE A 473 1.63 11.01 8.53
C ILE A 473 1.02 10.44 7.25
N ILE A 474 0.59 9.18 7.26
CA ILE A 474 -0.08 8.61 6.08
C ILE A 474 -1.42 9.31 5.82
N PHE A 475 -2.05 9.83 6.87
CA PHE A 475 -3.25 10.63 6.67
C PHE A 475 -2.93 12.07 6.33
N LEU A 476 -2.30 12.79 7.24
CA LEU A 476 -2.22 14.23 7.12
C LEU A 476 -1.15 14.65 6.12
N GLY A 477 -0.14 13.83 5.89
CA GLY A 477 0.84 14.19 4.90
C GLY A 477 0.64 13.53 3.57
N SER A 478 0.51 12.22 3.57
CA SER A 478 0.49 11.45 2.34
C SER A 478 -0.85 11.45 1.63
N PHE A 479 -1.88 11.98 2.22
CA PHE A 479 -3.21 11.88 1.65
C PHE A 479 -3.90 13.22 1.56
N TYR A 480 -3.71 14.10 2.52
CA TYR A 480 -4.26 15.42 2.36
C TYR A 480 -3.39 16.28 1.45
N LEU A 481 -2.08 16.23 1.57
CA LEU A 481 -1.26 17.11 0.75
C LEU A 481 -1.19 16.67 -0.69
N ILE A 482 -1.42 15.39 -0.97
CA ILE A 482 -1.48 14.96 -2.35
C ILE A 482 -2.76 15.45 -3.00
N ASN A 483 -3.86 15.51 -2.25
CA ASN A 483 -5.11 16.02 -2.80
C ASN A 483 -5.23 17.50 -2.73
N LEU A 484 -4.15 18.19 -2.44
CA LEU A 484 -4.08 19.60 -2.72
C LEU A 484 -3.33 19.87 -4.01
N ILE A 485 -2.33 19.06 -4.29
CA ILE A 485 -1.68 19.10 -5.57
C ILE A 485 -2.59 18.56 -6.67
N LEU A 486 -3.48 17.63 -6.37
CA LEU A 486 -4.40 17.13 -7.37
C LEU A 486 -5.60 18.02 -7.60
N ALA A 487 -5.93 18.91 -6.68
CA ALA A 487 -7.07 19.79 -6.85
C ALA A 487 -6.70 21.17 -7.34
N VAL A 488 -5.42 21.53 -7.33
CA VAL A 488 -5.04 22.85 -7.80
C VAL A 488 -4.53 22.78 -9.23
N VAL A 489 -3.97 21.65 -9.63
CA VAL A 489 -3.72 21.44 -11.05
C VAL A 489 -5.05 21.29 -11.79
N ALA A 490 -6.05 20.69 -11.16
CA ALA A 490 -7.33 20.52 -11.83
C ALA A 490 -8.09 21.83 -11.93
N MET A 491 -8.07 22.67 -10.89
CA MET A 491 -8.65 24.00 -11.01
C MET A 491 -7.90 24.88 -12.00
N ALA A 492 -6.59 24.66 -12.16
CA ALA A 492 -5.87 25.47 -13.11
C ALA A 492 -6.01 24.92 -14.52
N TYR A 493 -6.19 23.61 -14.68
CA TYR A 493 -6.46 23.08 -16.00
C TYR A 493 -7.84 23.48 -16.47
N ALA A 494 -8.85 23.24 -15.64
CA ALA A 494 -10.23 23.47 -16.03
C ALA A 494 -10.58 24.94 -16.16
N GLU A 495 -9.70 25.84 -15.75
CA GLU A 495 -9.81 27.24 -16.07
C GLU A 495 -9.08 27.58 -17.38
N GLN A 496 -8.00 26.88 -17.66
CA GLN A 496 -7.30 27.09 -18.93
C GLN A 496 -8.05 26.40 -20.07
N ASN A 497 -8.70 25.28 -19.79
CA ASN A 497 -9.57 24.63 -20.77
C ASN A 497 -10.76 25.52 -21.10
N GLU A 498 -11.34 26.14 -20.09
CA GLU A 498 -12.50 26.99 -20.30
C GLU A 498 -12.10 28.30 -20.99
N ALA A 499 -10.84 28.69 -20.88
CA ALA A 499 -10.43 29.96 -21.47
C ALA A 499 -10.15 29.82 -22.96
N THR A 500 -10.05 28.60 -23.46
CA THR A 500 -9.91 28.44 -24.91
C THR A 500 -11.27 28.39 -25.59
N LEU A 501 -12.26 27.78 -24.93
CA LEU A 501 -13.58 27.69 -25.53
C LEU A 501 -14.27 29.05 -25.55
N ALA A 502 -13.92 29.93 -24.61
CA ALA A 502 -14.39 31.31 -24.67
C ALA A 502 -13.81 32.03 -25.87
N GLU A 503 -12.54 31.75 -26.19
CA GLU A 503 -11.92 32.39 -27.34
C GLU A 503 -12.31 31.70 -28.64
N ASP A 504 -12.69 30.42 -28.55
CA ASP A 504 -13.11 29.71 -29.75
C ASP A 504 -14.51 30.14 -30.19
N LYS A 505 -15.39 30.40 -29.21
CA LYS A 505 -16.72 30.90 -29.54
C LYS A 505 -16.65 32.35 -30.00
N GLU A 506 -15.88 33.18 -29.30
CA GLU A 506 -15.72 34.57 -29.69
C GLU A 506 -14.69 34.70 -30.81
N ASN A 602 -17.08 -14.92 -67.17
CA ASN A 602 -17.27 -14.58 -65.77
C ASN A 602 -18.61 -13.91 -65.49
N CYS A 603 -19.32 -13.53 -66.57
CA CYS A 603 -20.74 -13.18 -66.55
C CYS A 603 -21.06 -12.00 -65.63
N CYS A 604 -20.62 -10.80 -66.02
CA CYS A 604 -20.72 -9.61 -65.18
C CYS A 604 -22.17 -9.26 -64.82
N ALA A 605 -23.11 -9.51 -65.71
CA ALA A 605 -24.51 -9.28 -65.36
C ALA A 605 -25.10 -10.39 -64.48
N PRO A 606 -24.75 -11.68 -64.63
CA PRO A 606 -25.01 -12.61 -63.52
C PRO A 606 -24.07 -12.44 -62.32
N TRP A 607 -22.96 -11.71 -62.45
CA TRP A 607 -22.16 -11.41 -61.26
C TRP A 607 -22.89 -10.41 -60.38
N LEU A 608 -23.79 -9.62 -60.96
CA LEU A 608 -24.70 -8.83 -60.15
C LEU A 608 -25.84 -9.66 -59.60
N LYS A 609 -26.08 -10.85 -60.17
CA LYS A 609 -26.99 -11.78 -59.51
C LYS A 609 -26.31 -12.38 -58.30
N PHE A 610 -24.98 -12.51 -58.35
CA PHE A 610 -24.24 -12.94 -57.18
C PHE A 610 -24.21 -11.83 -56.12
N LYS A 611 -23.92 -10.60 -56.56
CA LYS A 611 -23.68 -9.51 -55.62
C LYS A 611 -24.96 -9.10 -54.89
N ASN A 612 -26.10 -9.14 -55.58
CA ASN A 612 -27.33 -8.61 -55.00
C ASN A 612 -27.89 -9.51 -53.89
N ILE A 613 -27.63 -10.82 -53.97
CA ILE A 613 -28.19 -11.73 -52.99
C ILE A 613 -27.28 -11.84 -51.77
N ILE A 614 -25.98 -11.55 -51.95
CA ILE A 614 -25.07 -11.50 -50.81
C ILE A 614 -25.31 -10.22 -50.03
N HIS A 615 -25.69 -9.15 -50.72
CA HIS A 615 -25.98 -7.89 -50.04
C HIS A 615 -27.30 -7.99 -49.26
N LEU A 616 -28.12 -9.00 -49.55
CA LEU A 616 -29.33 -9.20 -48.75
C LEU A 616 -29.01 -9.93 -47.45
N ILE A 617 -27.96 -10.76 -47.45
CA ILE A 617 -27.55 -11.46 -46.23
C ILE A 617 -26.85 -10.50 -45.28
N VAL A 618 -26.06 -9.58 -45.83
CA VAL A 618 -25.26 -8.66 -45.03
C VAL A 618 -26.14 -7.61 -44.38
N MET A 619 -27.09 -7.05 -45.14
CA MET A 619 -27.92 -5.98 -44.61
C MET A 619 -28.87 -6.48 -43.53
N ASP A 620 -29.50 -7.63 -43.75
CA ASP A 620 -30.50 -8.11 -42.81
C ASP A 620 -29.81 -8.68 -41.58
N PRO A 621 -30.47 -8.70 -40.42
CA PRO A 621 -29.84 -9.20 -39.19
C PRO A 621 -29.67 -10.71 -39.19
N PHE A 622 -29.32 -11.21 -38.00
CA PHE A 622 -29.08 -12.59 -37.59
C PHE A 622 -27.83 -13.17 -38.24
N VAL A 623 -27.04 -12.36 -38.94
CA VAL A 623 -25.67 -12.68 -39.25
C VAL A 623 -24.74 -11.74 -38.50
N ASP A 624 -25.15 -10.48 -38.37
CA ASP A 624 -24.47 -9.56 -37.46
C ASP A 624 -24.61 -10.01 -36.02
N LEU A 625 -25.75 -10.62 -35.68
CA LEU A 625 -25.92 -11.19 -34.35
C LEU A 625 -25.24 -12.55 -34.26
N GLY A 626 -25.03 -13.19 -35.40
CA GLY A 626 -24.32 -14.44 -35.43
C GLY A 626 -22.82 -14.31 -35.46
N ILE A 627 -22.30 -13.10 -35.62
CA ILE A 627 -20.87 -12.86 -35.51
C ILE A 627 -20.50 -12.45 -34.09
N THR A 628 -21.27 -11.57 -33.47
CA THR A 628 -20.98 -11.18 -32.11
C THR A 628 -21.20 -12.30 -31.10
N ILE A 629 -21.98 -13.32 -31.42
CA ILE A 629 -21.95 -14.53 -30.63
C ILE A 629 -20.70 -15.33 -30.93
N CYS A 630 -20.26 -15.34 -32.20
CA CYS A 630 -19.11 -16.13 -32.58
C CYS A 630 -17.79 -15.51 -32.15
N ILE A 631 -17.80 -14.27 -31.69
CA ILE A 631 -16.61 -13.69 -31.06
C ILE A 631 -16.49 -14.18 -29.62
N VAL A 632 -17.60 -14.16 -28.88
CA VAL A 632 -17.60 -14.48 -27.46
C VAL A 632 -17.32 -15.96 -27.23
N LEU A 633 -17.65 -16.82 -28.18
CA LEU A 633 -17.24 -18.20 -28.06
C LEU A 633 -15.85 -18.46 -28.57
N ASN A 634 -15.17 -17.48 -29.15
CA ASN A 634 -13.75 -17.63 -29.41
C ASN A 634 -12.93 -17.26 -28.20
N THR A 635 -13.25 -16.16 -27.54
CA THR A 635 -12.46 -15.72 -26.41
C THR A 635 -12.70 -16.56 -25.16
N LEU A 636 -13.81 -17.28 -25.07
CA LEU A 636 -14.04 -18.25 -24.01
C LEU A 636 -13.50 -19.62 -24.36
N PHE A 637 -12.93 -19.76 -25.55
CA PHE A 637 -12.31 -21.00 -25.99
C PHE A 637 -10.81 -20.91 -25.86
N MET A 638 -10.27 -19.70 -25.97
CA MET A 638 -8.85 -19.49 -25.75
C MET A 638 -8.52 -19.47 -24.27
N ALA A 639 -9.47 -19.03 -23.44
CA ALA A 639 -9.23 -18.87 -22.01
C ALA A 639 -9.06 -20.20 -21.32
N MET A 640 -9.55 -21.28 -21.91
CA MET A 640 -9.42 -22.60 -21.30
C MET A 640 -8.19 -23.31 -21.84
N GLU A 641 -7.09 -22.58 -21.84
CA GLU A 641 -5.76 -23.11 -22.06
C GLU A 641 -5.02 -22.99 -20.74
N HIS A 642 -4.28 -24.02 -20.38
CA HIS A 642 -3.68 -24.10 -19.07
C HIS A 642 -2.38 -24.87 -19.22
N TYR A 643 -1.53 -24.91 -18.18
CA TYR A 643 -0.27 -25.56 -18.51
C TYR A 643 -0.31 -27.09 -18.48
N PRO A 644 -0.60 -27.80 -17.37
CA PRO A 644 -0.47 -29.26 -17.48
C PRO A 644 -1.66 -29.77 -18.26
N MET A 645 -1.44 -30.04 -19.54
CA MET A 645 -2.51 -30.13 -20.51
C MET A 645 -2.22 -31.32 -21.41
N THR A 646 -3.19 -32.21 -21.55
CA THR A 646 -2.98 -33.42 -22.30
C THR A 646 -2.92 -33.08 -23.78
N GLU A 647 -2.23 -33.90 -24.57
CA GLU A 647 -2.17 -33.69 -26.01
C GLU A 647 -3.54 -33.89 -26.66
N HIS A 648 -4.42 -34.65 -26.01
CA HIS A 648 -5.78 -34.78 -26.51
C HIS A 648 -6.57 -33.50 -26.31
N PHE A 649 -6.42 -32.86 -25.15
CA PHE A 649 -7.05 -31.56 -24.95
C PHE A 649 -6.34 -30.49 -25.76
N ASP A 650 -5.06 -30.70 -26.05
CA ASP A 650 -4.31 -29.72 -26.81
C ASP A 650 -4.73 -29.71 -28.27
N ASN A 651 -5.01 -30.89 -28.85
CA ASN A 651 -5.36 -30.94 -30.27
C ASN A 651 -6.79 -30.47 -30.51
N VAL A 652 -7.61 -30.42 -29.46
CA VAL A 652 -8.89 -29.74 -29.59
C VAL A 652 -8.67 -28.26 -29.85
N LEU A 653 -7.78 -27.64 -29.11
CA LEU A 653 -7.59 -26.21 -29.28
C LEU A 653 -6.73 -25.84 -30.47
N THR A 654 -6.03 -26.80 -31.08
CA THR A 654 -5.43 -26.48 -32.38
C THR A 654 -6.50 -26.47 -33.46
N VAL A 655 -7.38 -27.48 -33.46
CA VAL A 655 -8.44 -27.59 -34.43
C VAL A 655 -9.48 -26.50 -34.23
N GLY A 656 -9.85 -26.22 -32.98
CA GLY A 656 -10.91 -25.27 -32.72
C GLY A 656 -10.57 -23.84 -33.09
N ASN A 657 -9.29 -23.49 -33.11
CA ASN A 657 -8.92 -22.13 -33.49
C ASN A 657 -8.65 -21.97 -34.97
N LEU A 658 -8.43 -23.07 -35.70
CA LEU A 658 -8.43 -22.99 -37.16
C LEU A 658 -9.83 -22.74 -37.68
N VAL A 659 -10.82 -23.35 -37.03
CA VAL A 659 -12.21 -23.19 -37.43
C VAL A 659 -12.65 -21.74 -37.26
N PHE A 660 -12.42 -21.15 -36.08
CA PHE A 660 -12.86 -19.78 -35.85
C PHE A 660 -12.09 -18.77 -36.69
N THR A 661 -10.88 -19.10 -37.14
CA THR A 661 -10.27 -18.26 -38.16
C THR A 661 -11.03 -18.40 -39.48
N GLY A 662 -11.44 -19.62 -39.81
CA GLY A 662 -12.07 -19.86 -41.09
C GLY A 662 -13.43 -19.20 -41.22
N ILE A 663 -14.15 -19.03 -40.11
CA ILE A 663 -15.39 -18.25 -40.14
C ILE A 663 -15.09 -16.80 -40.49
N PHE A 664 -14.16 -16.18 -39.76
CA PHE A 664 -13.99 -14.73 -39.91
C PHE A 664 -13.23 -14.36 -41.17
N THR A 665 -12.59 -15.33 -41.84
CA THR A 665 -12.06 -15.06 -43.16
C THR A 665 -13.14 -15.20 -44.23
N ALA A 666 -13.93 -16.26 -44.15
CA ALA A 666 -15.03 -16.44 -45.08
C ALA A 666 -16.09 -15.37 -44.88
N GLU A 667 -16.24 -14.88 -43.66
CA GLU A 667 -17.16 -13.79 -43.44
C GLU A 667 -16.60 -12.48 -44.00
N MET A 668 -15.27 -12.37 -44.06
CA MET A 668 -14.69 -11.13 -44.52
C MET A 668 -14.70 -11.04 -46.04
N VAL A 669 -14.46 -12.18 -46.72
CA VAL A 669 -14.39 -12.16 -48.17
C VAL A 669 -15.77 -12.11 -48.77
N LEU A 670 -16.81 -12.44 -48.00
CA LEU A 670 -18.16 -12.20 -48.49
C LEU A 670 -18.50 -10.72 -48.47
N LYS A 671 -17.95 -9.97 -47.51
CA LYS A 671 -18.23 -8.55 -47.45
C LYS A 671 -17.56 -7.81 -48.60
N LEU A 672 -16.41 -8.31 -49.06
CA LEU A 672 -15.77 -7.73 -50.25
C LEU A 672 -16.61 -7.98 -51.49
N ILE A 673 -17.31 -9.11 -51.53
CA ILE A 673 -18.19 -9.41 -52.64
C ILE A 673 -19.52 -8.67 -52.48
N ALA A 674 -19.96 -8.46 -51.24
CA ALA A 674 -21.30 -7.94 -50.97
C ALA A 674 -21.47 -6.51 -51.46
N MET A 675 -20.65 -5.60 -50.96
CA MET A 675 -20.91 -4.22 -51.38
C MET A 675 -20.08 -3.91 -52.60
N ASP A 676 -18.76 -3.76 -52.41
CA ASP A 676 -17.70 -3.56 -53.38
C ASP A 676 -16.44 -3.38 -52.55
N PRO A 677 -15.25 -3.53 -53.10
CA PRO A 677 -14.06 -3.12 -52.34
C PRO A 677 -13.77 -1.63 -52.34
N TYR A 678 -14.75 -0.78 -52.66
CA TYR A 678 -14.55 0.67 -52.65
C TYR A 678 -15.30 1.31 -51.49
N GLU A 679 -16.56 0.93 -51.26
CA GLU A 679 -17.30 1.49 -50.15
C GLU A 679 -16.94 0.78 -48.84
N TYR A 680 -16.43 -0.44 -48.95
CA TYR A 680 -16.15 -1.29 -47.80
C TYR A 680 -15.00 -0.74 -46.96
N PHE A 681 -13.98 -0.18 -47.61
CA PHE A 681 -12.85 0.34 -46.87
C PHE A 681 -13.06 1.77 -46.42
N GLN A 682 -14.27 2.31 -46.54
CA GLN A 682 -14.47 3.70 -46.13
C GLN A 682 -14.90 3.80 -44.67
N GLN A 683 -15.77 2.91 -44.23
CA GLN A 683 -16.21 2.94 -42.84
C GLN A 683 -15.21 2.21 -41.95
N GLY A 684 -15.22 2.58 -40.67
CA GLY A 684 -14.05 2.38 -39.83
C GLY A 684 -13.81 0.94 -39.40
N TRP A 685 -14.87 0.20 -39.09
CA TRP A 685 -14.67 -1.10 -38.46
C TRP A 685 -14.16 -2.13 -39.44
N ASN A 686 -14.45 -1.95 -40.72
CA ASN A 686 -14.07 -2.96 -41.70
C ASN A 686 -12.58 -2.94 -41.99
N ILE A 687 -11.94 -1.79 -41.77
CA ILE A 687 -10.49 -1.71 -41.83
C ILE A 687 -9.88 -2.47 -40.67
N PHE A 688 -10.52 -2.38 -39.50
CA PHE A 688 -10.03 -3.06 -38.30
C PHE A 688 -10.13 -4.58 -38.43
N ASP A 689 -11.19 -5.06 -39.07
CA ASP A 689 -11.36 -6.50 -39.25
C ASP A 689 -10.33 -7.06 -40.23
N SER A 690 -9.89 -6.23 -41.17
CA SER A 690 -9.04 -6.70 -42.25
C SER A 690 -7.61 -6.91 -41.79
N ILE A 691 -7.17 -6.15 -40.80
CA ILE A 691 -5.83 -6.33 -40.23
C ILE A 691 -5.75 -7.64 -39.47
N ILE A 692 -6.80 -7.96 -38.71
CA ILE A 692 -6.81 -9.15 -37.87
C ILE A 692 -6.86 -10.41 -38.72
N VAL A 693 -7.68 -10.40 -39.76
CA VAL A 693 -7.72 -11.52 -40.70
C VAL A 693 -6.37 -11.67 -41.40
N THR A 694 -5.71 -10.56 -41.70
CA THR A 694 -4.39 -10.63 -42.29
C THR A 694 -3.37 -11.17 -41.30
N LEU A 695 -3.34 -10.62 -40.08
CA LEU A 695 -2.34 -11.02 -39.08
C LEU A 695 -2.55 -12.45 -38.63
N SER A 696 -3.79 -12.92 -38.60
CA SER A 696 -4.03 -14.30 -38.22
C SER A 696 -3.66 -15.25 -39.33
N LEU A 697 -3.55 -14.76 -40.57
CA LEU A 697 -3.12 -15.62 -41.66
C LEU A 697 -1.62 -15.51 -41.89
N VAL A 698 -1.02 -14.38 -41.51
CA VAL A 698 0.43 -14.28 -41.48
C VAL A 698 1.00 -15.24 -40.44
N GLU A 699 0.38 -15.28 -39.26
CA GLU A 699 0.82 -16.18 -38.20
C GLU A 699 0.58 -17.63 -38.56
N LEU A 700 -0.53 -17.90 -39.23
CA LEU A 700 -0.76 -19.27 -39.70
C LEU A 700 0.17 -19.60 -40.84
N GLY A 701 0.48 -18.60 -41.68
CA GLY A 701 1.27 -18.84 -42.87
C GLY A 701 2.74 -19.08 -42.60
N LEU A 702 3.22 -18.76 -41.42
CA LEU A 702 4.60 -19.08 -41.07
C LEU A 702 4.78 -20.59 -40.96
N ALA A 703 4.15 -21.19 -39.95
CA ALA A 703 4.14 -22.61 -39.64
C ALA A 703 5.54 -23.22 -39.44
N ASN A 704 6.57 -22.41 -39.25
CA ASN A 704 7.94 -22.86 -38.99
C ASN A 704 8.56 -22.20 -37.77
N VAL A 705 8.32 -20.90 -37.57
CA VAL A 705 9.02 -20.15 -36.54
C VAL A 705 8.29 -20.31 -35.21
N GLN A 706 9.03 -20.73 -34.18
CA GLN A 706 8.51 -20.87 -32.83
C GLN A 706 8.99 -19.78 -31.88
N GLY A 707 9.77 -18.82 -32.37
CA GLY A 707 10.20 -17.70 -31.56
C GLY A 707 9.37 -16.48 -31.85
N LEU A 708 8.28 -16.69 -32.58
CA LEU A 708 7.36 -15.61 -32.92
C LEU A 708 5.97 -16.11 -32.59
N SER A 709 5.55 -15.91 -31.34
CA SER A 709 4.25 -16.32 -30.88
C SER A 709 3.54 -15.24 -30.10
N VAL A 710 3.88 -13.98 -30.33
CA VAL A 710 3.01 -12.91 -29.86
C VAL A 710 1.92 -12.66 -30.88
N LEU A 711 2.04 -13.29 -32.05
CA LEU A 711 1.11 -13.01 -33.15
C LEU A 711 -0.15 -13.84 -33.05
N ARG A 712 -0.13 -14.91 -32.27
CA ARG A 712 -1.35 -15.65 -32.00
C ARG A 712 -2.13 -15.02 -30.87
N SER A 713 -1.66 -13.88 -30.38
CA SER A 713 -2.39 -13.16 -29.35
C SER A 713 -3.08 -11.94 -29.93
N PHE A 714 -3.02 -11.76 -31.25
CA PHE A 714 -3.63 -10.57 -31.84
C PHE A 714 -5.05 -10.85 -32.27
N ARG A 715 -5.44 -12.12 -32.29
CA ARG A 715 -6.82 -12.49 -32.59
C ARG A 715 -7.70 -12.26 -31.38
N LEU A 716 -7.10 -11.92 -30.25
CA LEU A 716 -7.85 -11.51 -29.08
C LEU A 716 -8.52 -10.16 -29.28
N LEU A 717 -8.08 -9.36 -30.25
CA LEU A 717 -8.62 -8.02 -30.36
C LEU A 717 -10.01 -7.96 -30.98
N ARG A 718 -10.58 -9.10 -31.38
CA ARG A 718 -11.93 -9.14 -31.91
C ARG A 718 -12.97 -8.80 -30.85
N VAL A 719 -12.60 -8.83 -29.58
CA VAL A 719 -13.47 -8.51 -28.46
C VAL A 719 -13.91 -7.06 -28.51
N PHE A 720 -13.14 -6.19 -29.18
CA PHE A 720 -13.58 -4.83 -29.37
C PHE A 720 -14.62 -4.66 -30.47
N LYS A 721 -15.05 -5.74 -31.14
CA LYS A 721 -16.13 -5.57 -32.09
C LYS A 721 -17.47 -5.49 -31.39
N LEU A 722 -17.52 -5.83 -30.10
CA LEU A 722 -18.65 -5.61 -29.22
C LEU A 722 -18.79 -4.17 -28.80
N ALA A 723 -18.03 -3.26 -29.38
CA ALA A 723 -18.05 -1.87 -28.93
C ALA A 723 -19.30 -1.15 -29.34
N LYS A 724 -19.89 -1.55 -30.46
CA LYS A 724 -21.07 -0.84 -30.93
C LYS A 724 -22.30 -1.23 -30.13
N SER A 725 -22.35 -2.45 -29.64
CA SER A 725 -23.48 -2.88 -28.83
C SER A 725 -23.38 -2.34 -27.41
N TRP A 726 -22.19 -2.40 -26.83
CA TRP A 726 -21.99 -2.10 -25.42
C TRP A 726 -21.47 -0.67 -25.26
N PRO A 727 -22.26 0.25 -24.73
CA PRO A 727 -21.91 1.67 -24.81
C PRO A 727 -20.96 2.14 -23.72
N THR A 728 -20.50 1.24 -22.85
CA THR A 728 -19.45 1.60 -21.92
C THR A 728 -18.10 1.20 -22.46
N LEU A 729 -18.05 0.14 -23.26
CA LEU A 729 -16.82 -0.20 -23.95
C LEU A 729 -16.60 0.74 -25.13
N ASN A 730 -17.63 1.45 -25.56
CA ASN A 730 -17.44 2.48 -26.57
C ASN A 730 -16.74 3.68 -25.98
N MET A 731 -16.97 3.96 -24.69
CA MET A 731 -16.29 5.07 -24.05
C MET A 731 -14.81 4.80 -23.88
N LEU A 732 -14.43 3.55 -23.61
CA LEU A 732 -13.04 3.24 -23.39
C LEU A 732 -12.25 3.21 -24.68
N ILE A 733 -12.90 3.07 -25.83
CA ILE A 733 -12.22 3.29 -27.10
C ILE A 733 -12.11 4.77 -27.44
N LYS A 734 -13.08 5.57 -27.05
CA LYS A 734 -13.01 7.01 -27.24
C LYS A 734 -11.92 7.65 -26.38
N ILE A 735 -11.66 7.12 -25.20
CA ILE A 735 -10.57 7.64 -24.37
C ILE A 735 -9.24 7.31 -24.99
N ILE A 736 -9.07 6.08 -25.48
CA ILE A 736 -7.85 5.73 -26.20
C ILE A 736 -7.75 6.49 -27.51
N GLY A 737 -8.90 6.80 -28.11
CA GLY A 737 -8.90 7.46 -29.39
C GLY A 737 -8.50 8.92 -29.32
N ASN A 738 -8.75 9.58 -28.18
CA ASN A 738 -8.41 10.99 -28.05
C ASN A 738 -6.91 11.20 -27.94
N SER A 739 -6.22 10.29 -27.26
CA SER A 739 -4.82 10.53 -26.94
C SER A 739 -3.95 10.31 -28.15
N VAL A 740 -4.47 9.64 -29.18
CA VAL A 740 -3.84 9.66 -30.50
C VAL A 740 -4.38 10.79 -31.35
N GLY A 741 -5.59 11.26 -31.06
CA GLY A 741 -6.22 12.29 -31.86
C GLY A 741 -6.13 13.68 -31.28
N ALA A 742 -7.21 14.16 -30.68
CA ALA A 742 -7.33 15.57 -30.31
C ALA A 742 -6.39 15.98 -29.20
N LEU A 743 -5.96 15.05 -28.36
CA LEU A 743 -4.93 15.29 -27.36
C LEU A 743 -3.62 14.65 -27.76
N GLY A 744 -3.36 14.54 -29.05
CA GLY A 744 -2.24 13.72 -29.49
C GLY A 744 -0.95 14.49 -29.55
N ASN A 745 -1.00 15.79 -29.32
CA ASN A 745 0.24 16.55 -29.16
C ASN A 745 0.68 16.59 -27.70
N LEU A 746 -0.23 16.28 -26.78
CA LEU A 746 0.15 16.26 -25.38
C LEU A 746 0.68 14.89 -25.00
N THR A 747 0.50 13.91 -25.87
CA THR A 747 1.16 12.63 -25.66
C THR A 747 2.52 12.60 -26.33
N LEU A 748 2.71 13.51 -27.28
CA LEU A 748 3.95 13.64 -27.99
C LEU A 748 4.98 14.21 -27.03
N VAL A 749 4.53 15.21 -26.28
CA VAL A 749 5.38 15.87 -25.30
C VAL A 749 5.76 14.88 -24.23
N LEU A 750 4.80 14.09 -23.79
CA LEU A 750 5.07 13.10 -22.75
C LEU A 750 6.07 12.10 -23.26
N ALA A 751 5.92 11.67 -24.50
CA ALA A 751 6.84 10.71 -25.08
C ALA A 751 8.24 11.28 -25.21
N ILE A 752 8.34 12.54 -25.61
CA ILE A 752 9.63 13.19 -25.79
C ILE A 752 10.39 13.32 -24.48
N ILE A 753 9.69 13.68 -23.42
CA ILE A 753 10.31 13.86 -22.10
C ILE A 753 10.83 12.54 -21.55
N VAL A 754 10.11 11.45 -21.75
CA VAL A 754 10.58 10.15 -21.29
C VAL A 754 11.72 9.66 -22.17
N PHE A 755 11.81 10.18 -23.39
CA PHE A 755 12.99 9.89 -24.21
C PHE A 755 14.21 10.64 -23.70
N ILE A 756 14.03 11.89 -23.26
CA ILE A 756 15.16 12.71 -22.84
C ILE A 756 15.77 12.18 -21.55
N PHE A 757 14.94 11.82 -20.58
CA PHE A 757 15.49 11.37 -19.31
C PHE A 757 16.07 9.97 -19.39
N ALA A 758 15.76 9.23 -20.44
CA ALA A 758 16.45 7.95 -20.61
C ALA A 758 17.83 8.16 -21.15
N VAL A 759 18.03 9.24 -21.90
CA VAL A 759 19.32 9.50 -22.54
C VAL A 759 20.23 10.27 -21.60
N VAL A 760 19.69 11.28 -20.90
CA VAL A 760 20.43 12.02 -19.90
C VAL A 760 20.91 11.10 -18.79
N GLY A 761 20.05 10.19 -18.37
CA GLY A 761 20.44 9.27 -17.31
C GLY A 761 21.46 8.25 -17.76
N MET A 762 21.51 7.98 -19.06
CA MET A 762 22.44 6.97 -19.55
C MET A 762 23.84 7.55 -19.67
N GLN A 763 23.94 8.79 -20.12
CA GLN A 763 25.27 9.33 -20.37
C GLN A 763 25.90 9.86 -19.10
N LEU A 764 25.09 10.24 -18.12
CA LEU A 764 25.64 10.65 -16.84
C LEU A 764 26.06 9.44 -16.01
N PHE A 765 25.19 8.44 -15.90
CA PHE A 765 25.40 7.40 -14.90
C PHE A 765 25.77 6.07 -15.50
N GLY A 766 25.75 5.93 -16.81
CA GLY A 766 25.85 4.60 -17.36
C GLY A 766 27.25 4.09 -17.47
N LYS A 767 28.21 4.99 -17.58
CA LYS A 767 29.60 4.56 -17.64
C LYS A 767 30.11 4.12 -16.29
N SER A 768 29.47 4.56 -15.21
CA SER A 768 29.96 4.32 -13.87
C SER A 768 29.31 3.13 -13.20
N TYR A 769 28.12 2.70 -13.65
CA TYR A 769 27.55 1.43 -13.20
C TYR A 769 28.46 0.26 -13.48
N LYS A 770 29.16 0.25 -14.59
CA LYS A 770 29.97 -0.90 -14.99
C LYS A 770 31.33 -0.90 -14.31
N GLU A 771 31.82 0.25 -13.88
CA GLU A 771 33.11 0.27 -13.22
C GLU A 771 32.99 0.15 -11.71
N CYS A 772 31.88 0.57 -11.12
CA CYS A 772 31.64 0.47 -9.69
C CYS A 772 30.60 -0.60 -9.42
N VAL A 773 30.73 -1.73 -10.11
CA VAL A 773 29.77 -2.83 -9.97
C VAL A 773 29.79 -3.37 -8.57
N CYS A 774 30.98 -3.69 -8.06
CA CYS A 774 31.13 -4.48 -6.85
C CYS A 774 30.73 -3.73 -5.59
N LYS A 775 30.39 -2.45 -5.69
CA LYS A 775 29.74 -1.76 -4.60
C LYS A 775 28.25 -2.08 -4.53
N ILE A 776 27.66 -2.62 -5.60
CA ILE A 776 26.25 -2.92 -5.59
C ILE A 776 26.02 -4.40 -5.37
N ALA A 777 26.48 -5.20 -6.31
CA ALA A 777 26.14 -6.61 -6.35
C ALA A 777 27.30 -7.45 -5.85
N LEU A 778 26.98 -8.43 -5.02
CA LEU A 778 27.99 -9.28 -4.43
C LEU A 778 28.56 -10.29 -5.44
N ASP A 779 27.86 -10.48 -6.56
CA ASP A 779 28.32 -11.34 -7.64
C ASP A 779 29.31 -10.62 -8.54
N CYS A 780 29.39 -9.29 -8.43
CA CYS A 780 30.13 -8.41 -9.33
C CYS A 780 29.71 -8.57 -10.79
N ASN A 781 28.43 -8.84 -11.01
CA ASN A 781 27.75 -8.67 -12.28
C ASN A 781 26.81 -7.50 -12.13
N LEU A 782 26.22 -7.05 -13.24
CA LEU A 782 25.32 -5.92 -13.18
C LEU A 782 24.02 -6.33 -12.50
N PRO A 783 23.34 -5.41 -11.85
CA PRO A 783 22.06 -5.74 -11.23
C PRO A 783 20.94 -5.92 -12.24
N ARG A 784 19.71 -6.08 -11.75
CA ARG A 784 18.57 -6.15 -12.64
C ARG A 784 18.25 -4.80 -13.25
N TRP A 785 18.40 -3.74 -12.48
CA TRP A 785 17.99 -2.41 -12.92
C TRP A 785 19.23 -1.54 -12.89
N HIS A 786 19.76 -1.19 -14.07
CA HIS A 786 20.94 -0.37 -14.18
C HIS A 786 20.68 0.69 -15.22
N MET A 787 21.73 1.38 -15.64
CA MET A 787 21.63 2.40 -16.68
C MET A 787 22.71 2.28 -17.73
N HIS A 788 23.35 1.12 -17.84
CA HIS A 788 24.48 0.96 -18.74
C HIS A 788 24.04 0.84 -20.19
N ASP A 789 22.76 0.60 -20.44
CA ASP A 789 22.24 0.38 -21.76
C ASP A 789 21.17 1.44 -21.99
N PHE A 790 20.62 1.51 -23.19
CA PHE A 790 19.52 2.46 -23.37
C PHE A 790 18.24 1.94 -22.78
N PHE A 791 17.90 0.69 -23.08
CA PHE A 791 16.60 0.16 -22.74
C PHE A 791 16.42 0.04 -21.24
N HIS A 792 17.51 -0.16 -20.50
CA HIS A 792 17.42 -0.23 -19.06
C HIS A 792 17.23 1.13 -18.42
N SER A 793 17.85 2.17 -18.97
CA SER A 793 17.60 3.49 -18.44
C SER A 793 16.24 4.00 -18.82
N PHE A 794 15.64 3.48 -19.90
CA PHE A 794 14.23 3.73 -20.14
C PHE A 794 13.37 3.02 -19.10
N LEU A 795 13.72 1.78 -18.76
CA LEU A 795 12.94 1.04 -17.77
C LEU A 795 13.08 1.62 -16.38
N ILE A 796 14.17 2.31 -16.04
CA ILE A 796 14.22 3.03 -14.78
C ILE A 796 13.30 4.25 -14.83
N VAL A 797 13.32 5.00 -15.92
CA VAL A 797 12.48 6.19 -16.02
C VAL A 797 11.01 5.80 -16.11
N PHE A 798 10.70 4.63 -16.66
CA PHE A 798 9.31 4.18 -16.65
C PHE A 798 8.88 3.77 -15.25
N ARG A 799 9.79 3.27 -14.44
CA ARG A 799 9.43 2.80 -13.10
C ARG A 799 9.20 3.97 -12.16
N ILE A 800 9.88 5.09 -12.38
CA ILE A 800 9.73 6.28 -11.55
C ILE A 800 8.35 6.89 -11.75
N LEU A 801 7.82 6.82 -12.97
CA LEU A 801 6.49 7.36 -13.21
C LEU A 801 5.42 6.46 -12.62
N CYS A 802 5.71 5.16 -12.54
CA CYS A 802 4.87 4.22 -11.79
C CYS A 802 4.97 4.47 -10.29
N GLY A 803 6.04 5.11 -9.85
CA GLY A 803 6.09 5.63 -8.50
C GLY A 803 7.19 5.10 -7.63
N GLU A 804 8.02 4.18 -8.14
CA GLU A 804 9.05 3.54 -7.34
C GLU A 804 10.42 4.13 -7.65
N TRP A 805 10.76 5.21 -6.97
CA TRP A 805 11.98 5.94 -7.28
C TRP A 805 13.08 5.79 -6.25
N ILE A 806 12.80 5.30 -5.04
CA ILE A 806 13.79 5.39 -3.96
C ILE A 806 14.82 4.29 -4.06
N GLU A 807 14.47 3.18 -4.67
CA GLU A 807 15.26 1.99 -4.46
C GLU A 807 16.30 1.84 -5.54
N THR A 808 16.00 2.34 -6.73
CA THR A 808 17.01 2.41 -7.77
C THR A 808 17.84 3.67 -7.61
N MET A 809 17.44 4.55 -6.71
CA MET A 809 18.23 5.73 -6.40
C MET A 809 19.40 5.39 -5.49
N TRP A 810 19.22 4.45 -4.57
CA TRP A 810 20.28 4.05 -3.68
C TRP A 810 21.42 3.39 -4.43
N ASP A 811 21.10 2.67 -5.49
CA ASP A 811 22.12 2.05 -6.33
C ASP A 811 22.89 3.13 -7.08
N CYS A 812 22.16 4.11 -7.59
CA CYS A 812 22.79 5.19 -8.33
C CYS A 812 23.68 6.04 -7.44
N MET A 813 23.20 6.35 -6.24
CA MET A 813 23.97 7.18 -5.33
C MET A 813 25.23 6.45 -4.93
N GLU A 814 25.12 5.15 -4.73
CA GLU A 814 26.27 4.36 -4.36
C GLU A 814 27.27 4.39 -5.50
N VAL A 815 26.77 4.20 -6.72
CA VAL A 815 27.59 4.18 -7.94
C VAL A 815 28.25 5.48 -8.44
N ALA A 816 27.54 6.61 -8.38
CA ALA A 816 28.01 7.86 -8.94
C ALA A 816 28.19 8.93 -7.89
N GLY A 817 27.15 9.31 -7.19
CA GLY A 817 27.28 10.33 -6.17
C GLY A 817 25.94 10.90 -5.79
N GLN A 818 25.87 11.45 -4.59
CA GLN A 818 24.59 11.92 -4.07
C GLN A 818 24.19 13.24 -4.68
N ALA A 819 25.12 13.92 -5.31
CA ALA A 819 24.79 15.22 -5.88
C ALA A 819 23.94 15.08 -7.12
N MET A 820 24.38 14.25 -8.06
CA MET A 820 23.67 14.13 -9.33
C MET A 820 22.42 13.27 -9.19
N CYS A 821 22.48 12.21 -8.39
CA CYS A 821 21.41 11.24 -8.39
C CYS A 821 20.18 11.75 -7.66
N LEU A 822 20.34 12.68 -6.72
CA LEU A 822 19.17 13.36 -6.21
C LEU A 822 18.68 14.41 -7.20
N THR A 823 19.55 14.88 -8.06
CA THR A 823 19.18 15.98 -8.94
C THR A 823 18.45 15.47 -10.17
N VAL A 824 18.80 14.29 -10.66
CA VAL A 824 18.14 13.76 -11.84
C VAL A 824 16.90 12.97 -11.45
N PHE A 825 16.98 12.12 -10.42
CA PHE A 825 15.83 11.29 -10.13
C PHE A 825 14.73 12.04 -9.42
N LEU A 826 14.97 13.26 -8.95
CA LEU A 826 13.90 14.13 -8.47
C LEU A 826 13.45 15.13 -9.50
N MET A 827 14.15 15.27 -10.61
CA MET A 827 13.66 16.06 -11.71
C MET A 827 12.89 15.23 -12.71
N VAL A 828 13.12 13.92 -12.75
CA VAL A 828 12.20 13.03 -13.45
C VAL A 828 10.85 13.05 -12.77
N MET A 829 10.83 12.87 -11.46
CA MET A 829 9.61 12.62 -10.72
C MET A 829 8.72 13.86 -10.65
N VAL A 830 9.32 15.03 -10.49
CA VAL A 830 8.50 16.25 -10.39
C VAL A 830 8.01 16.68 -11.77
N ILE A 831 8.87 16.65 -12.77
CA ILE A 831 8.47 17.04 -14.11
C ILE A 831 7.62 15.97 -14.77
N GLY A 832 7.98 14.70 -14.59
CA GLY A 832 7.27 13.65 -15.30
C GLY A 832 5.90 13.36 -14.74
N ASN A 833 5.72 13.48 -13.43
CA ASN A 833 4.39 13.26 -12.87
C ASN A 833 3.49 14.47 -13.10
N LEU A 834 4.08 15.58 -13.51
CA LEU A 834 3.27 16.76 -13.81
C LEU A 834 2.74 16.70 -15.24
N VAL A 835 3.42 15.96 -16.11
CA VAL A 835 2.94 15.78 -17.46
C VAL A 835 1.97 14.61 -17.54
N VAL A 836 2.23 13.56 -16.76
CA VAL A 836 1.32 12.42 -16.75
C VAL A 836 -0.01 12.87 -16.17
N LEU A 837 0.07 13.67 -15.11
CA LEU A 837 -1.13 14.17 -14.44
C LEU A 837 -1.93 15.03 -15.38
N ASN A 838 -1.25 15.88 -16.15
CA ASN A 838 -1.95 16.75 -17.08
C ASN A 838 -2.66 15.95 -18.15
N LEU A 839 -2.01 14.92 -18.68
CA LEU A 839 -2.63 14.10 -19.70
C LEU A 839 -3.86 13.44 -19.11
N PHE A 840 -3.73 12.96 -17.89
CA PHE A 840 -4.86 12.30 -17.25
C PHE A 840 -6.01 13.27 -17.11
N LEU A 841 -5.73 14.49 -16.68
CA LEU A 841 -6.77 15.50 -16.50
C LEU A 841 -7.42 15.86 -17.82
N ALA A 842 -6.61 15.95 -18.87
CA ALA A 842 -7.11 16.29 -20.18
C ALA A 842 -8.06 15.23 -20.67
N LEU A 843 -7.77 13.96 -20.40
CA LEU A 843 -8.67 12.91 -20.85
C LEU A 843 -10.08 12.99 -20.25
N LEU A 844 -10.18 13.31 -18.97
CA LEU A 844 -11.44 13.46 -18.25
C LEU A 844 -12.23 14.63 -18.77
N LEU A 845 -11.60 15.79 -18.90
CA LEU A 845 -12.25 17.02 -19.31
C LEU A 845 -12.72 17.00 -20.76
N SER A 846 -12.30 16.02 -21.55
CA SER A 846 -12.89 15.76 -22.84
C SER A 846 -13.64 14.44 -22.91
N SER A 847 -13.65 13.65 -21.83
CA SER A 847 -14.55 12.50 -21.76
C SER A 847 -15.99 12.97 -21.68
N PHE A 848 -16.32 13.70 -20.62
CA PHE A 848 -17.64 14.31 -20.50
C PHE A 848 -17.60 15.71 -21.07
N SER A 849 -18.66 16.07 -21.79
CA SER A 849 -18.84 17.41 -22.30
C SER A 849 -20.33 17.65 -22.47
N GLY A 1057 -59.06 -9.85 22.41
CA GLY A 1057 -58.33 -9.42 21.23
C GLY A 1057 -58.08 -7.93 21.18
N LYS A 1058 -58.84 -7.17 21.98
CA LYS A 1058 -58.64 -5.73 22.08
C LYS A 1058 -57.32 -5.41 22.76
N LYS A 1059 -56.88 -6.31 23.64
CA LYS A 1059 -55.69 -6.04 24.44
C LYS A 1059 -54.42 -6.52 23.76
N TRP A 1060 -54.53 -7.29 22.69
CA TRP A 1060 -53.32 -7.68 21.98
C TRP A 1060 -52.70 -6.45 21.33
N TRP A 1061 -53.57 -5.68 20.69
CA TRP A 1061 -53.16 -4.47 19.98
C TRP A 1061 -52.60 -3.41 20.89
N THR A 1062 -53.19 -3.26 22.07
CA THR A 1062 -52.70 -2.28 22.99
C THR A 1062 -51.28 -2.69 23.36
N LEU A 1063 -51.07 -4.00 23.53
CA LEU A 1063 -49.75 -4.51 23.89
C LEU A 1063 -48.75 -4.17 22.80
N ARG A 1064 -49.15 -4.36 21.55
CA ARG A 1064 -48.25 -4.04 20.44
C ARG A 1064 -47.93 -2.55 20.42
N ARG A 1065 -48.94 -1.72 20.66
CA ARG A 1065 -48.73 -0.28 20.65
C ARG A 1065 -47.73 0.07 21.73
N ALA A 1066 -47.87 -0.59 22.87
CA ALA A 1066 -46.99 -0.37 24.00
C ALA A 1066 -45.54 -0.75 23.70
N CYS A 1067 -45.33 -1.88 23.03
CA CYS A 1067 -43.97 -2.29 22.73
C CYS A 1067 -43.29 -1.30 21.82
N PHE A 1068 -44.03 -0.88 20.79
CA PHE A 1068 -43.54 0.06 19.80
C PHE A 1068 -42.87 1.26 20.45
N LYS A 1069 -43.37 1.69 21.60
CA LYS A 1069 -42.83 2.88 22.22
C LYS A 1069 -41.55 2.58 22.96
N ILE A 1070 -41.28 1.31 23.25
CA ILE A 1070 -39.99 0.93 23.84
C ILE A 1070 -38.89 0.94 22.79
N VAL A 1071 -39.16 0.39 21.60
CA VAL A 1071 -38.15 0.25 20.56
C VAL A 1071 -37.73 1.61 20.02
N GLU A 1072 -38.69 2.51 19.84
CA GLU A 1072 -38.40 3.84 19.33
C GLU A 1072 -37.65 4.68 20.35
N HIS A 1073 -37.73 4.31 21.63
CA HIS A 1073 -37.27 5.17 22.71
C HIS A 1073 -35.75 5.23 22.74
N ASN A 1074 -35.25 6.30 23.34
CA ASN A 1074 -33.86 6.68 23.11
C ASN A 1074 -32.92 5.92 24.01
N TRP A 1075 -33.40 5.43 25.14
CA TRP A 1075 -32.54 4.63 26.02
C TRP A 1075 -32.35 3.23 25.49
N PHE A 1076 -33.38 2.66 24.87
CA PHE A 1076 -33.27 1.31 24.32
C PHE A 1076 -32.34 1.26 23.13
N GLU A 1077 -32.26 2.34 22.38
CA GLU A 1077 -31.30 2.37 21.29
C GLU A 1077 -29.89 2.59 21.82
N THR A 1078 -29.74 3.45 22.83
CA THR A 1078 -28.43 3.69 23.42
C THR A 1078 -27.95 2.47 24.18
N PHE A 1079 -28.87 1.65 24.67
CA PHE A 1079 -28.48 0.44 25.37
C PHE A 1079 -27.91 -0.60 24.42
N ILE A 1080 -28.50 -0.77 23.24
CA ILE A 1080 -28.06 -1.86 22.36
C ILE A 1080 -26.79 -1.48 21.62
N VAL A 1081 -26.65 -0.20 21.23
CA VAL A 1081 -25.42 0.28 20.61
C VAL A 1081 -24.22 0.08 21.54
N PHE A 1082 -24.45 0.15 22.84
CA PHE A 1082 -23.41 -0.22 23.78
C PHE A 1082 -23.15 -1.73 23.81
N MET A 1083 -24.16 -2.55 23.51
CA MET A 1083 -23.93 -3.99 23.51
C MET A 1083 -23.37 -4.51 22.19
N ILE A 1084 -23.51 -3.77 21.10
CA ILE A 1084 -22.81 -4.16 19.88
C ILE A 1084 -21.30 -4.07 20.10
N LEU A 1085 -20.84 -3.00 20.74
CA LEU A 1085 -19.42 -2.74 20.84
C LEU A 1085 -18.72 -3.67 21.83
N LEU A 1086 -19.39 -4.14 22.87
CA LEU A 1086 -18.79 -5.17 23.72
C LEU A 1086 -18.72 -6.50 23.02
N SER A 1087 -19.73 -6.85 22.22
CA SER A 1087 -19.70 -8.08 21.46
C SER A 1087 -18.61 -8.05 20.41
N SER A 1088 -18.25 -6.86 19.93
CA SER A 1088 -17.19 -6.70 18.95
C SER A 1088 -15.82 -6.67 19.61
N GLY A 1089 -15.68 -5.88 20.69
CA GLY A 1089 -14.45 -5.88 21.45
C GLY A 1089 -14.13 -7.17 22.16
N ALA A 1090 -15.09 -8.09 22.27
CA ALA A 1090 -14.79 -9.39 22.85
C ALA A 1090 -14.16 -10.32 21.83
N LEU A 1091 -14.16 -9.92 20.55
CA LEU A 1091 -13.59 -10.79 19.54
C LEU A 1091 -12.09 -10.58 19.41
N ALA A 1092 -11.59 -9.47 19.93
CA ALA A 1092 -10.18 -9.15 19.82
C ALA A 1092 -9.29 -10.01 20.70
N PHE A 1093 -9.86 -10.70 21.67
CA PHE A 1093 -9.14 -11.45 22.68
C PHE A 1093 -8.91 -12.89 22.29
N GLU A 1094 -9.28 -13.30 21.08
CA GLU A 1094 -9.27 -14.70 20.71
C GLU A 1094 -7.98 -15.14 20.03
N ASP A 1095 -6.85 -14.54 20.38
CA ASP A 1095 -5.58 -14.84 19.76
C ASP A 1095 -4.98 -16.15 20.29
N ILE A 1096 -3.71 -16.37 19.98
CA ILE A 1096 -3.10 -17.66 20.33
C ILE A 1096 -2.69 -17.67 21.79
N TYR A 1097 -2.75 -16.52 22.44
CA TYR A 1097 -2.42 -16.41 23.86
C TYR A 1097 -3.61 -16.66 24.75
N ILE A 1098 -4.61 -17.39 24.27
CA ILE A 1098 -5.83 -17.63 25.04
C ILE A 1098 -5.75 -18.94 25.79
N GLU A 1099 -4.81 -19.81 25.44
CA GLU A 1099 -4.50 -20.95 26.28
C GLU A 1099 -3.69 -20.53 27.49
N GLN A 1100 -3.01 -19.39 27.38
CA GLN A 1100 -2.18 -18.88 28.46
C GLN A 1100 -3.00 -18.17 29.52
N ARG A 1101 -3.97 -17.37 29.14
CA ARG A 1101 -4.80 -16.66 30.10
C ARG A 1101 -6.11 -17.42 30.27
N ARG A 1102 -6.39 -17.84 31.50
CA ARG A 1102 -7.54 -18.71 31.75
C ARG A 1102 -8.74 -17.92 32.25
N VAL A 1103 -8.49 -16.77 32.87
CA VAL A 1103 -9.58 -16.03 33.49
C VAL A 1103 -10.42 -15.34 32.43
N ILE A 1104 -9.77 -14.70 31.46
CA ILE A 1104 -10.49 -13.99 30.41
C ILE A 1104 -11.12 -14.99 29.44
N ARG A 1105 -10.62 -16.22 29.42
CA ARG A 1105 -11.22 -17.23 28.56
C ARG A 1105 -12.59 -17.65 29.09
N THR A 1106 -12.69 -17.92 30.39
CA THR A 1106 -13.97 -18.38 30.93
C THR A 1106 -14.94 -17.24 31.13
N ILE A 1107 -14.45 -16.00 31.17
CA ILE A 1107 -15.38 -14.87 31.18
C ILE A 1107 -16.07 -14.76 29.83
N LEU A 1108 -15.31 -14.83 28.74
CA LEU A 1108 -15.87 -14.59 27.43
C LEU A 1108 -16.63 -15.80 26.91
N GLU A 1109 -16.52 -16.94 27.59
CA GLU A 1109 -17.41 -18.06 27.24
C GLU A 1109 -18.78 -17.89 27.86
N TYR A 1110 -18.85 -17.28 29.04
CA TYR A 1110 -20.15 -17.05 29.64
C TYR A 1110 -20.72 -15.70 29.26
N ALA A 1111 -19.89 -14.73 28.92
CA ALA A 1111 -20.43 -13.51 28.36
C ALA A 1111 -21.00 -13.73 26.97
N ASP A 1112 -20.49 -14.73 26.25
CA ASP A 1112 -21.01 -15.04 24.92
C ASP A 1112 -22.42 -15.59 24.98
N LYS A 1113 -22.84 -16.13 26.12
CA LYS A 1113 -24.20 -16.56 26.31
C LYS A 1113 -25.10 -15.46 26.85
N VAL A 1114 -24.51 -14.43 27.46
CA VAL A 1114 -25.30 -13.25 27.79
C VAL A 1114 -25.65 -12.48 26.55
N PHE A 1115 -24.71 -12.37 25.60
CA PHE A 1115 -24.97 -11.51 24.45
C PHE A 1115 -25.94 -12.13 23.46
N THR A 1116 -25.94 -13.45 23.28
CA THR A 1116 -26.92 -14.02 22.37
C THR A 1116 -28.30 -14.10 22.99
N TYR A 1117 -28.44 -13.78 24.27
CA TYR A 1117 -29.75 -13.59 24.85
C TYR A 1117 -30.25 -12.18 24.71
N ILE A 1118 -29.37 -11.20 24.69
CA ILE A 1118 -29.82 -9.83 24.44
C ILE A 1118 -30.25 -9.66 22.99
N PHE A 1119 -29.52 -10.25 22.06
CA PHE A 1119 -29.86 -10.06 20.66
C PHE A 1119 -30.89 -11.07 20.16
N ILE A 1120 -31.48 -11.88 21.03
CA ILE A 1120 -32.74 -12.53 20.71
C ILE A 1120 -33.89 -11.79 21.34
N MET A 1121 -33.75 -11.44 22.61
CA MET A 1121 -34.81 -10.76 23.34
C MET A 1121 -34.99 -9.32 22.85
N GLU A 1122 -34.11 -8.81 21.97
CA GLU A 1122 -34.46 -7.59 21.24
C GLU A 1122 -34.96 -7.90 19.85
N MET A 1123 -34.74 -9.11 19.34
CA MET A 1123 -35.35 -9.48 18.06
C MET A 1123 -36.84 -9.76 18.24
N LEU A 1124 -37.19 -10.57 19.23
CA LEU A 1124 -38.58 -10.88 19.50
C LEU A 1124 -39.33 -9.68 20.03
N LEU A 1125 -38.64 -8.71 20.62
CA LEU A 1125 -39.31 -7.50 21.04
C LEU A 1125 -39.58 -6.61 19.86
N LYS A 1126 -38.93 -6.88 18.74
CA LYS A 1126 -39.03 -6.08 17.54
C LYS A 1126 -39.95 -6.72 16.51
N TRP A 1127 -40.16 -8.04 16.56
CA TRP A 1127 -41.25 -8.63 15.80
C TRP A 1127 -42.59 -8.15 16.30
N VAL A 1128 -42.75 -8.10 17.62
CA VAL A 1128 -44.01 -7.68 18.21
C VAL A 1128 -44.26 -6.20 17.96
N ALA A 1129 -43.22 -5.38 18.09
CA ALA A 1129 -43.42 -3.94 18.00
C ALA A 1129 -43.68 -3.48 16.57
N TYR A 1130 -42.73 -3.71 15.68
CA TYR A 1130 -42.86 -3.27 14.29
C TYR A 1130 -43.90 -4.03 13.51
N GLY A 1131 -43.92 -5.34 13.62
CA GLY A 1131 -44.67 -6.17 12.72
C GLY A 1131 -43.82 -7.29 12.16
N PHE A 1132 -44.49 -8.23 11.52
CA PHE A 1132 -43.87 -9.38 10.89
C PHE A 1132 -43.62 -9.10 9.42
N LYS A 1133 -44.29 -8.07 8.88
CA LYS A 1133 -44.09 -7.68 7.50
C LYS A 1133 -43.30 -6.38 7.40
N VAL A 1134 -43.41 -5.52 8.41
CA VAL A 1134 -42.60 -4.31 8.43
C VAL A 1134 -41.16 -4.67 8.81
N TYR A 1135 -40.98 -5.81 9.46
CA TYR A 1135 -39.64 -6.28 9.77
C TYR A 1135 -38.95 -6.83 8.53
N PHE A 1136 -39.59 -7.78 7.84
CA PHE A 1136 -38.91 -8.49 6.76
C PHE A 1136 -38.82 -7.68 5.47
N THR A 1137 -39.36 -6.48 5.45
CA THR A 1137 -39.12 -5.58 4.33
C THR A 1137 -38.21 -4.43 4.69
N ASN A 1138 -37.17 -4.66 5.50
CA ASN A 1138 -36.33 -3.55 5.93
C ASN A 1138 -34.95 -3.63 5.30
N ALA A 1139 -34.39 -4.83 5.25
CA ALA A 1139 -33.08 -5.22 4.74
C ALA A 1139 -31.92 -4.71 5.57
N TRP A 1140 -32.16 -3.88 6.58
CA TRP A 1140 -31.26 -3.81 7.73
C TRP A 1140 -31.66 -4.83 8.78
N CYS A 1141 -32.97 -4.91 9.06
CA CYS A 1141 -33.50 -5.93 9.96
C CYS A 1141 -33.28 -7.33 9.43
N TRP A 1142 -33.10 -7.46 8.12
CA TRP A 1142 -32.59 -8.71 7.57
C TRP A 1142 -31.16 -8.98 8.02
N LEU A 1143 -30.32 -7.94 8.03
CA LEU A 1143 -28.90 -8.15 8.32
C LEU A 1143 -28.67 -8.58 9.76
N ASP A 1144 -29.52 -8.12 10.68
CA ASP A 1144 -29.39 -8.54 12.07
C ASP A 1144 -29.95 -9.92 12.27
N PHE A 1145 -30.92 -10.30 11.44
CA PHE A 1145 -31.59 -11.58 11.61
C PHE A 1145 -30.69 -12.73 11.21
N LEU A 1146 -29.80 -12.53 10.24
CA LEU A 1146 -28.91 -13.59 9.83
C LEU A 1146 -27.80 -13.82 10.85
N ILE A 1147 -27.34 -12.74 11.49
CA ILE A 1147 -26.23 -12.87 12.43
C ILE A 1147 -26.67 -13.60 13.69
N VAL A 1148 -27.89 -13.33 14.14
CA VAL A 1148 -28.43 -14.03 15.31
C VAL A 1148 -28.68 -15.50 14.98
N ASP A 1149 -29.12 -15.77 13.75
CA ASP A 1149 -29.43 -17.15 13.38
C ASP A 1149 -28.20 -18.01 13.25
N VAL A 1150 -27.06 -17.40 12.92
CA VAL A 1150 -25.79 -18.12 12.97
C VAL A 1150 -25.43 -18.46 14.40
N SER A 1151 -25.71 -17.55 15.34
CA SER A 1151 -25.33 -17.79 16.72
C SER A 1151 -26.32 -18.67 17.46
N ILE A 1152 -27.29 -19.26 16.75
CA ILE A 1152 -28.14 -20.29 17.34
C ILE A 1152 -27.74 -21.66 16.82
N ILE A 1153 -27.36 -21.73 15.55
CA ILE A 1153 -26.80 -22.95 14.97
C ILE A 1153 -25.53 -23.33 15.70
N SER A 1154 -24.72 -22.34 16.09
CA SER A 1154 -23.52 -22.63 16.85
C SER A 1154 -23.81 -22.84 18.32
N LEU A 1155 -25.00 -22.45 18.79
CA LEU A 1155 -25.27 -22.56 20.22
C LEU A 1155 -26.07 -23.80 20.54
N VAL A 1156 -27.03 -24.15 19.70
CA VAL A 1156 -27.82 -25.36 19.92
C VAL A 1156 -26.98 -26.60 19.63
N ALA A 1157 -26.20 -26.57 18.54
CA ALA A 1157 -25.40 -27.74 18.21
C ALA A 1157 -24.15 -27.84 19.09
N ASN A 1158 -23.87 -26.79 19.87
CA ASN A 1158 -22.85 -26.92 20.90
C ASN A 1158 -23.32 -27.85 22.01
N TRP A 1159 -24.63 -27.88 22.26
CA TRP A 1159 -25.16 -28.69 23.34
C TRP A 1159 -25.17 -30.17 22.97
N LEU A 1160 -25.49 -30.50 21.73
CA LEU A 1160 -25.95 -31.85 21.46
C LEU A 1160 -25.77 -32.20 19.99
N GLY A 1161 -25.44 -33.47 19.75
CA GLY A 1161 -25.51 -34.02 18.41
C GLY A 1161 -24.24 -33.78 17.61
N TYR A 1162 -24.46 -33.40 16.35
CA TYR A 1162 -23.34 -33.02 15.49
C TYR A 1162 -22.73 -31.72 16.02
N SER A 1163 -21.56 -31.86 16.65
CA SER A 1163 -21.14 -30.87 17.64
C SER A 1163 -19.88 -30.11 17.23
N GLU A 1164 -18.78 -30.83 16.99
CA GLU A 1164 -17.58 -30.17 16.47
C GLU A 1164 -16.95 -31.02 15.37
N LEU A 1165 -17.45 -30.85 14.15
CA LEU A 1165 -16.84 -31.34 12.93
C LEU A 1165 -17.34 -30.54 11.75
N GLY A 1166 -16.45 -30.23 10.80
CA GLY A 1166 -16.82 -29.80 9.47
C GLY A 1166 -17.54 -28.49 9.38
N PRO A 1167 -18.85 -28.54 9.11
CA PRO A 1167 -19.63 -27.32 8.91
C PRO A 1167 -20.02 -26.59 10.19
N ILE A 1168 -19.58 -27.02 11.36
CA ILE A 1168 -19.89 -26.31 12.60
C ILE A 1168 -18.66 -25.57 13.06
N LYS A 1169 -17.49 -26.14 12.81
CA LYS A 1169 -16.25 -25.38 12.96
C LYS A 1169 -16.19 -24.30 11.88
N SER A 1170 -16.81 -24.56 10.74
CA SER A 1170 -16.76 -23.59 9.65
C SER A 1170 -17.75 -22.45 9.89
N LEU A 1171 -18.78 -22.70 10.70
CA LEU A 1171 -19.69 -21.63 11.10
C LEU A 1171 -19.10 -20.81 12.24
N ARG A 1172 -18.05 -21.31 12.86
CA ARG A 1172 -17.37 -20.61 13.93
C ARG A 1172 -16.59 -19.44 13.36
N THR A 1173 -16.11 -19.56 12.12
CA THR A 1173 -15.37 -18.46 11.53
C THR A 1173 -16.28 -17.36 11.02
N LEU A 1174 -17.58 -17.60 10.89
CA LEU A 1174 -18.54 -16.55 10.59
C LEU A 1174 -18.91 -15.74 11.79
N ARG A 1175 -18.20 -15.90 12.90
CA ARG A 1175 -18.43 -15.07 14.07
C ARG A 1175 -17.80 -13.71 13.90
N ALA A 1176 -17.01 -13.51 12.85
CA ALA A 1176 -16.32 -12.26 12.63
C ALA A 1176 -17.24 -11.19 12.09
N LEU A 1177 -18.47 -11.55 11.75
CA LEU A 1177 -19.40 -10.59 11.14
C LEU A 1177 -20.35 -9.96 12.12
N ARG A 1178 -20.26 -10.31 13.39
CA ARG A 1178 -20.94 -9.59 14.46
C ARG A 1178 -20.71 -8.07 14.50
N PRO A 1179 -19.59 -7.50 14.06
CA PRO A 1179 -19.53 -6.03 13.96
C PRO A 1179 -20.42 -5.40 12.92
N LEU A 1180 -21.00 -6.15 11.99
CA LEU A 1180 -21.84 -5.53 10.97
C LEU A 1180 -23.17 -5.05 11.51
N ARG A 1181 -23.50 -5.38 12.75
CA ARG A 1181 -24.72 -4.84 13.35
C ARG A 1181 -24.57 -3.36 13.67
N ALA A 1182 -23.34 -2.88 13.78
CA ALA A 1182 -23.10 -1.48 14.11
C ALA A 1182 -23.35 -0.58 12.93
N LEU A 1183 -23.40 -1.13 11.72
CA LEU A 1183 -23.48 -0.32 10.52
C LEU A 1183 -24.88 0.26 10.38
N SER A 1184 -25.88 -0.40 10.96
CA SER A 1184 -27.26 0.07 10.88
C SER A 1184 -27.50 1.19 11.88
N ARG A 1185 -26.62 1.32 12.87
CA ARG A 1185 -26.96 2.05 14.08
C ARG A 1185 -26.46 3.48 14.03
N PHE A 1186 -25.27 3.69 13.49
CA PHE A 1186 -24.68 5.01 13.39
C PHE A 1186 -25.24 5.71 12.17
N GLU A 1187 -25.62 6.98 12.32
CA GLU A 1187 -26.21 7.70 11.20
C GLU A 1187 -25.17 8.05 10.16
N GLY A 1188 -23.91 8.18 10.60
CA GLY A 1188 -22.86 8.52 9.65
C GLY A 1188 -22.48 7.35 8.76
N MET A 1189 -22.56 6.13 9.27
CA MET A 1189 -22.28 4.99 8.42
C MET A 1189 -23.43 4.70 7.48
N ARG A 1190 -24.62 5.23 7.74
CA ARG A 1190 -25.73 4.94 6.86
C ARG A 1190 -25.79 5.92 5.69
N VAL A 1191 -25.38 7.16 5.91
CA VAL A 1191 -25.38 8.13 4.83
C VAL A 1191 -24.31 7.78 3.80
N VAL A 1192 -23.21 7.20 4.25
CA VAL A 1192 -22.16 6.80 3.33
C VAL A 1192 -22.55 5.53 2.60
N VAL A 1193 -23.10 4.54 3.30
CA VAL A 1193 -23.53 3.28 2.69
C VAL A 1193 -24.67 3.51 1.70
N ASN A 1194 -25.57 4.44 1.99
CA ASN A 1194 -26.63 4.75 1.04
C ASN A 1194 -26.11 5.48 -0.19
N ALA A 1195 -24.90 6.00 -0.17
CA ALA A 1195 -24.35 6.66 -1.35
C ALA A 1195 -23.41 5.73 -2.11
N LEU A 1196 -22.71 4.85 -1.42
CA LEU A 1196 -21.94 3.82 -2.12
C LEU A 1196 -22.84 2.78 -2.75
N LEU A 1197 -24.04 2.61 -2.22
CA LEU A 1197 -25.01 1.71 -2.86
C LEU A 1197 -25.68 2.39 -4.04
N GLY A 1198 -25.71 3.72 -4.04
CA GLY A 1198 -26.28 4.42 -5.17
C GLY A 1198 -25.35 4.44 -6.36
N ALA A 1199 -24.08 4.07 -6.17
CA ALA A 1199 -23.10 4.07 -7.24
C ALA A 1199 -22.90 2.70 -7.85
N ILE A 1200 -23.41 1.65 -7.20
CA ILE A 1200 -23.20 0.28 -7.71
C ILE A 1200 -23.75 0.01 -9.11
N PRO A 1201 -24.96 0.47 -9.51
CA PRO A 1201 -25.37 0.18 -10.90
C PRO A 1201 -24.51 0.83 -11.97
N SER A 1202 -23.76 1.89 -11.65
CA SER A 1202 -22.85 2.46 -12.63
C SER A 1202 -21.44 1.89 -12.48
N ILE A 1203 -21.08 1.45 -11.28
CA ILE A 1203 -19.78 0.80 -11.07
C ILE A 1203 -19.74 -0.54 -11.79
N MET A 1204 -20.84 -1.28 -11.78
CA MET A 1204 -20.83 -2.61 -12.36
C MET A 1204 -20.78 -2.57 -13.88
N ASN A 1205 -21.06 -1.41 -14.47
CA ASN A 1205 -20.75 -1.23 -15.88
C ASN A 1205 -19.25 -1.19 -16.12
N VAL A 1206 -18.53 -0.43 -15.30
CA VAL A 1206 -17.09 -0.28 -15.48
C VAL A 1206 -16.37 -1.57 -15.14
N LEU A 1207 -16.75 -2.21 -14.04
CA LEU A 1207 -16.10 -3.44 -13.62
C LEU A 1207 -16.34 -4.60 -14.56
N LEU A 1208 -17.37 -4.54 -15.41
CA LEU A 1208 -17.48 -5.54 -16.45
C LEU A 1208 -16.50 -5.29 -17.57
N VAL A 1209 -16.14 -4.04 -17.82
CA VAL A 1209 -15.14 -3.76 -18.85
C VAL A 1209 -13.75 -4.18 -18.37
N CYS A 1210 -13.42 -3.87 -17.12
CA CYS A 1210 -12.10 -4.18 -16.60
C CYS A 1210 -11.88 -5.68 -16.50
N LEU A 1211 -12.93 -6.44 -16.21
CA LEU A 1211 -12.82 -7.89 -16.32
C LEU A 1211 -12.68 -8.34 -17.75
N ILE A 1212 -13.35 -7.67 -18.70
CA ILE A 1212 -13.23 -8.05 -20.10
C ILE A 1212 -11.89 -7.63 -20.65
N PHE A 1213 -11.49 -6.40 -20.38
CA PHE A 1213 -10.25 -5.86 -20.93
C PHE A 1213 -9.01 -6.46 -20.29
N TRP A 1214 -9.08 -6.97 -19.05
CA TRP A 1214 -7.95 -7.68 -18.50
C TRP A 1214 -7.93 -9.14 -18.86
N LEU A 1215 -9.02 -9.68 -19.43
CA LEU A 1215 -9.00 -11.06 -19.86
C LEU A 1215 -8.21 -11.22 -21.14
N ILE A 1216 -8.06 -10.14 -21.92
CA ILE A 1216 -7.19 -10.18 -23.08
C ILE A 1216 -5.73 -10.28 -22.66
N PHE A 1217 -5.33 -9.49 -21.67
CA PHE A 1217 -3.95 -9.55 -21.20
C PHE A 1217 -3.69 -10.81 -20.40
N SER A 1218 -4.74 -11.44 -19.88
CA SER A 1218 -4.53 -12.67 -19.12
C SER A 1218 -4.30 -13.84 -20.03
N ILE A 1219 -4.99 -13.88 -21.18
CA ILE A 1219 -4.81 -14.97 -22.13
C ILE A 1219 -3.51 -14.77 -22.90
N MET A 1220 -3.19 -13.52 -23.21
CA MET A 1220 -1.92 -13.20 -23.82
C MET A 1220 -0.75 -13.59 -22.92
N GLY A 1221 -0.94 -13.51 -21.60
CA GLY A 1221 0.05 -13.99 -20.68
C GLY A 1221 0.20 -15.50 -20.71
N VAL A 1222 -0.91 -16.23 -20.77
CA VAL A 1222 -0.87 -17.68 -20.76
C VAL A 1222 -0.25 -18.21 -22.04
N ASN A 1223 -0.47 -17.52 -23.15
CA ASN A 1223 0.17 -17.92 -24.40
C ASN A 1223 1.67 -17.75 -24.31
N LEU A 1224 2.11 -16.69 -23.66
CA LEU A 1224 3.53 -16.40 -23.60
C LEU A 1224 4.24 -17.18 -22.50
N PHE A 1225 3.65 -17.26 -21.30
CA PHE A 1225 4.41 -17.60 -20.12
C PHE A 1225 4.03 -18.91 -19.44
N ALA A 1226 3.00 -19.62 -19.90
CA ALA A 1226 2.52 -20.79 -19.18
C ALA A 1226 3.51 -21.93 -19.28
N GLY A 1227 3.91 -22.48 -18.14
CA GLY A 1227 4.84 -23.58 -18.12
C GLY A 1227 6.28 -23.17 -18.09
N LYS A 1228 6.56 -21.87 -18.13
CA LYS A 1228 7.90 -21.37 -18.33
C LYS A 1228 8.47 -20.77 -17.06
N PHE A 1229 7.83 -21.02 -15.94
CA PHE A 1229 8.29 -20.50 -14.67
C PHE A 1229 8.93 -21.54 -13.78
N TYR A 1230 8.85 -22.82 -14.11
CA TYR A 1230 9.53 -23.84 -13.33
C TYR A 1230 11.03 -23.70 -13.45
N TYR A 1231 11.76 -24.12 -12.41
CA TYR A 1231 13.21 -24.03 -12.40
C TYR A 1231 13.79 -24.96 -11.36
N CYS A 1232 15.04 -25.35 -11.57
CA CYS A 1232 15.72 -26.36 -10.75
C CYS A 1232 16.67 -25.62 -9.82
N ILE A 1233 16.67 -26.01 -8.55
CA ILE A 1233 17.46 -25.38 -7.50
C ILE A 1233 18.33 -26.41 -6.80
N ASN A 1234 19.59 -26.05 -6.57
CA ASN A 1234 20.45 -26.69 -5.59
C ASN A 1234 19.95 -26.37 -4.19
N THR A 1235 19.41 -27.34 -3.47
CA THR A 1235 18.62 -27.09 -2.26
C THR A 1235 19.43 -26.55 -1.10
N THR A 1236 20.75 -26.76 -1.11
CA THR A 1236 21.55 -26.38 0.04
C THR A 1236 22.06 -24.95 -0.11
N THR A 1237 22.54 -24.62 -1.30
CA THR A 1237 23.05 -23.29 -1.56
C THR A 1237 21.92 -22.34 -1.93
N SER A 1238 20.81 -22.90 -2.42
CA SER A 1238 19.52 -22.26 -2.63
C SER A 1238 19.52 -21.22 -3.75
N GLU A 1239 20.31 -21.40 -4.79
CA GLU A 1239 20.14 -20.65 -6.02
C GLU A 1239 20.02 -21.62 -7.18
N ARG A 1240 19.47 -21.14 -8.28
CA ARG A 1240 19.13 -22.02 -9.37
C ARG A 1240 20.34 -22.23 -10.26
N PHE A 1241 20.42 -23.45 -10.80
CA PHE A 1241 21.49 -23.88 -11.68
C PHE A 1241 21.59 -23.03 -12.93
N ASP A 1242 22.70 -23.09 -13.61
CA ASP A 1242 22.81 -22.45 -14.89
C ASP A 1242 22.42 -23.46 -15.96
N ILE A 1243 22.03 -22.94 -17.12
CA ILE A 1243 21.60 -23.70 -18.29
C ILE A 1243 22.68 -24.64 -18.83
N SER A 1244 23.94 -24.45 -18.43
CA SER A 1244 25.04 -25.21 -19.01
C SER A 1244 25.02 -26.66 -18.58
N GLU A 1245 24.32 -26.99 -17.50
CA GLU A 1245 24.29 -28.35 -17.02
C GLU A 1245 22.91 -28.90 -16.69
N VAL A 1246 21.93 -28.05 -16.36
CA VAL A 1246 20.61 -28.54 -15.98
C VAL A 1246 19.54 -27.83 -16.83
N ASN A 1247 19.68 -27.80 -18.16
CA ASN A 1247 18.79 -26.92 -18.93
C ASN A 1247 17.35 -27.39 -18.98
N ASN A 1248 17.05 -28.59 -18.54
CA ASN A 1248 15.78 -29.17 -18.92
C ASN A 1248 15.07 -29.69 -17.66
N LYS A 1249 13.78 -30.00 -17.77
CA LYS A 1249 13.12 -30.67 -16.67
C LYS A 1249 13.60 -32.10 -16.54
N SER A 1250 13.78 -32.77 -17.67
CA SER A 1250 14.23 -34.15 -17.70
C SER A 1250 15.71 -34.30 -17.44
N GLU A 1251 16.40 -33.26 -17.03
CA GLU A 1251 17.77 -33.38 -16.59
C GLU A 1251 17.93 -33.00 -15.13
N CYS A 1252 17.02 -32.17 -14.61
CA CYS A 1252 16.89 -31.99 -13.17
C CYS A 1252 16.27 -33.20 -12.50
N GLU A 1253 15.46 -33.95 -13.22
CA GLU A 1253 14.80 -35.11 -12.68
C GLU A 1253 15.73 -36.31 -12.58
N SER A 1254 16.81 -36.31 -13.35
CA SER A 1254 17.83 -37.34 -13.19
C SER A 1254 18.84 -36.99 -12.10
N LEU A 1255 18.70 -35.85 -11.45
CA LEU A 1255 19.49 -35.50 -10.29
C LEU A 1255 18.66 -35.53 -9.01
N MET A 1256 17.58 -36.31 -8.99
CA MET A 1256 16.79 -36.37 -7.76
C MET A 1256 17.40 -37.34 -6.77
N HIS A 1257 18.30 -38.21 -7.23
CA HIS A 1257 18.84 -39.24 -6.36
C HIS A 1257 19.93 -38.73 -5.42
N THR A 1258 20.46 -37.54 -5.66
CA THR A 1258 21.41 -36.96 -4.72
C THR A 1258 20.74 -36.15 -3.63
N GLY A 1259 19.44 -35.88 -3.74
CA GLY A 1259 18.71 -35.16 -2.73
C GLY A 1259 19.11 -33.73 -2.51
N GLN A 1260 19.82 -33.15 -3.49
CA GLN A 1260 20.33 -31.79 -3.35
C GLN A 1260 19.53 -30.85 -4.23
N VAL A 1261 18.50 -31.38 -4.90
CA VAL A 1261 18.00 -30.82 -6.16
C VAL A 1261 16.47 -30.88 -6.14
N ARG A 1262 15.85 -29.74 -6.42
CA ARG A 1262 14.40 -29.64 -6.40
C ARG A 1262 13.88 -28.82 -7.56
N TRP A 1263 12.84 -29.29 -8.22
CA TRP A 1263 12.20 -28.58 -9.34
C TRP A 1263 10.94 -27.89 -8.86
N LEU A 1264 10.95 -26.57 -8.79
CA LEU A 1264 9.88 -25.82 -8.14
C LEU A 1264 9.28 -24.79 -9.09
N ASN A 1265 8.47 -23.89 -8.57
CA ASN A 1265 7.67 -22.99 -9.36
C ASN A 1265 7.63 -21.62 -8.71
N VAL A 1266 7.49 -20.59 -9.54
CA VAL A 1266 7.15 -19.28 -9.01
C VAL A 1266 5.71 -19.34 -8.53
N LYS A 1267 5.43 -18.67 -7.41
CA LYS A 1267 4.15 -18.85 -6.73
C LYS A 1267 3.02 -18.22 -7.51
N VAL A 1268 3.22 -17.02 -8.01
CA VAL A 1268 2.19 -16.27 -8.71
C VAL A 1268 2.62 -16.21 -10.16
N ASN A 1269 1.97 -16.99 -11.01
CA ASN A 1269 2.45 -17.23 -12.34
C ASN A 1269 1.28 -17.16 -13.30
N TYR A 1270 1.47 -17.72 -14.49
CA TYR A 1270 0.48 -17.68 -15.56
C TYR A 1270 0.13 -19.06 -16.08
N ASP A 1271 -0.22 -19.99 -15.20
CA ASP A 1271 -0.66 -21.30 -15.65
C ASP A 1271 -2.13 -21.37 -15.99
N ASN A 1272 -2.94 -20.40 -15.58
CA ASN A 1272 -4.36 -20.37 -15.86
C ASN A 1272 -4.74 -18.97 -16.27
N VAL A 1273 -5.99 -18.81 -16.70
CA VAL A 1273 -6.54 -17.47 -16.78
C VAL A 1273 -6.92 -16.99 -15.40
N GLY A 1274 -7.17 -17.91 -14.46
CA GLY A 1274 -7.36 -17.51 -13.08
C GLY A 1274 -6.09 -16.98 -12.45
N LEU A 1275 -5.00 -17.73 -12.57
CA LEU A 1275 -3.72 -17.28 -12.02
C LEU A 1275 -3.14 -16.12 -12.81
N GLY A 1276 -3.55 -15.96 -14.06
CA GLY A 1276 -3.23 -14.74 -14.78
C GLY A 1276 -3.83 -13.52 -14.14
N TYR A 1277 -5.10 -13.60 -13.74
CA TYR A 1277 -5.80 -12.51 -13.06
C TYR A 1277 -5.14 -12.09 -11.76
N LEU A 1278 -4.39 -12.98 -11.13
CA LEU A 1278 -3.74 -12.62 -9.88
C LEU A 1278 -2.33 -12.15 -10.14
N SER A 1279 -1.74 -12.55 -11.26
CA SER A 1279 -0.47 -11.98 -11.67
C SER A 1279 -0.67 -10.60 -12.27
N LEU A 1280 -1.85 -10.34 -12.83
CA LEU A 1280 -2.11 -9.01 -13.38
C LEU A 1280 -2.50 -8.04 -12.28
N LEU A 1281 -2.92 -8.52 -11.12
CA LEU A 1281 -3.36 -7.62 -10.06
C LEU A 1281 -2.17 -7.13 -9.26
N GLN A 1282 -1.06 -7.86 -9.33
CA GLN A 1282 0.16 -7.41 -8.70
C GLN A 1282 0.95 -6.47 -9.59
N VAL A 1283 0.87 -6.64 -10.90
CA VAL A 1283 1.49 -5.70 -11.81
C VAL A 1283 0.73 -4.39 -11.81
N ALA A 1284 -0.57 -4.44 -11.56
CA ALA A 1284 -1.39 -3.24 -11.69
C ALA A 1284 -1.31 -2.37 -10.45
N THR A 1285 -1.13 -2.98 -9.29
CA THR A 1285 -1.03 -2.19 -8.07
C THR A 1285 0.42 -1.97 -7.68
N PHE A 1286 1.36 -2.48 -8.49
CA PHE A 1286 2.80 -2.25 -8.45
C PHE A 1286 3.44 -2.87 -7.21
N LYS A 1287 2.76 -3.80 -6.56
CA LYS A 1287 3.29 -4.49 -5.39
C LYS A 1287 3.35 -5.97 -5.70
N GLY A 1288 4.55 -6.52 -5.78
CA GLY A 1288 4.72 -7.91 -6.13
C GLY A 1288 5.11 -8.14 -7.55
N TRP A 1289 5.20 -7.07 -8.31
CA TRP A 1289 5.33 -7.10 -9.76
C TRP A 1289 6.75 -7.45 -10.19
N MET A 1290 7.68 -7.43 -9.26
CA MET A 1290 9.08 -7.59 -9.61
C MET A 1290 9.43 -9.05 -9.77
N ASP A 1291 8.87 -9.92 -8.93
CA ASP A 1291 9.16 -11.34 -9.06
C ASP A 1291 8.55 -11.91 -10.31
N ILE A 1292 7.41 -11.37 -10.73
CA ILE A 1292 6.76 -11.81 -11.96
C ILE A 1292 7.60 -11.42 -13.16
N MET A 1293 8.05 -10.16 -13.20
CA MET A 1293 8.83 -9.64 -14.31
C MET A 1293 10.19 -10.28 -14.41
N TYR A 1294 10.80 -10.61 -13.28
CA TYR A 1294 12.14 -11.19 -13.30
C TYR A 1294 12.10 -12.61 -13.83
N ALA A 1295 10.94 -13.23 -13.86
CA ALA A 1295 10.88 -14.62 -14.27
C ALA A 1295 10.24 -14.75 -15.62
N ALA A 1296 9.38 -13.79 -15.97
CA ALA A 1296 8.84 -13.73 -17.31
C ALA A 1296 9.95 -13.46 -18.30
N VAL A 1297 10.87 -12.58 -17.95
CA VAL A 1297 12.05 -12.32 -18.74
C VAL A 1297 12.90 -13.57 -18.90
N ASP A 1298 13.33 -14.21 -17.81
CA ASP A 1298 14.21 -15.37 -17.84
C ASP A 1298 13.74 -16.56 -18.68
N SER A 1299 12.47 -16.61 -19.05
CA SER A 1299 11.81 -17.84 -19.47
C SER A 1299 12.27 -18.33 -20.84
N ARG A 1300 12.35 -19.65 -21.02
CA ARG A 1300 12.75 -20.21 -22.31
C ARG A 1300 11.67 -21.02 -23.01
N GLU A 1301 11.26 -22.18 -22.49
CA GLU A 1301 10.26 -23.03 -23.14
C GLU A 1301 9.44 -23.76 -22.09
N LYS A 1302 8.77 -24.82 -22.51
CA LYS A 1302 7.70 -25.38 -21.71
C LYS A 1302 8.24 -26.21 -20.55
N GLU A 1303 9.39 -26.83 -20.71
CA GLU A 1303 9.98 -27.57 -19.61
C GLU A 1303 11.45 -27.25 -19.45
N GLU A 1304 11.82 -26.00 -19.61
CA GLU A 1304 13.22 -25.63 -19.75
C GLU A 1304 13.63 -24.62 -18.70
N GLN A 1305 14.79 -24.90 -18.13
CA GLN A 1305 15.42 -24.08 -17.12
C GLN A 1305 15.71 -22.70 -17.65
N PRO A 1306 15.29 -21.65 -16.95
CA PRO A 1306 15.51 -20.30 -17.43
C PRO A 1306 16.98 -19.91 -17.49
N GLN A 1307 17.25 -18.81 -18.17
CA GLN A 1307 18.59 -18.25 -18.22
C GLN A 1307 18.41 -16.78 -17.91
N TYR A 1308 19.50 -16.07 -17.60
CA TYR A 1308 19.39 -14.83 -16.83
C TYR A 1308 18.79 -13.67 -17.63
N GLU A 1309 19.14 -13.52 -18.89
CA GLU A 1309 18.48 -12.45 -19.64
C GLU A 1309 18.12 -12.85 -21.05
N VAL A 1310 17.79 -14.11 -21.28
CA VAL A 1310 17.18 -14.51 -22.52
C VAL A 1310 15.80 -13.91 -22.46
N ASN A 1311 15.15 -13.66 -23.59
CA ASN A 1311 13.80 -13.08 -23.52
C ASN A 1311 13.74 -11.71 -22.84
N LEU A 1312 14.74 -10.88 -23.08
CA LEU A 1312 14.83 -9.56 -22.49
C LEU A 1312 13.75 -8.54 -22.83
N TYR A 1313 13.12 -8.66 -24.00
CA TYR A 1313 12.13 -7.67 -24.44
C TYR A 1313 10.70 -7.83 -23.97
N MET A 1314 10.48 -8.82 -23.12
CA MET A 1314 9.17 -9.07 -22.56
C MET A 1314 8.67 -7.89 -21.74
N TYR A 1315 9.58 -7.25 -21.03
CA TYR A 1315 9.22 -6.15 -20.14
C TYR A 1315 8.18 -5.27 -20.78
N LEU A 1316 8.11 -5.27 -22.10
CA LEU A 1316 7.16 -4.41 -22.79
C LEU A 1316 5.75 -4.95 -22.69
N TYR A 1317 5.59 -6.24 -22.42
CA TYR A 1317 4.28 -6.79 -22.11
C TYR A 1317 3.73 -6.10 -20.87
N PHE A 1318 4.56 -5.98 -19.86
CA PHE A 1318 4.18 -5.33 -18.64
C PHE A 1318 4.08 -3.84 -18.82
N VAL A 1319 4.80 -3.26 -19.76
CA VAL A 1319 4.71 -1.84 -20.05
C VAL A 1319 3.41 -1.51 -20.78
N ILE A 1320 3.00 -2.36 -21.72
CA ILE A 1320 1.76 -2.15 -22.45
C ILE A 1320 0.55 -2.31 -21.55
N PHE A 1321 0.59 -3.26 -20.61
CA PHE A 1321 -0.55 -3.47 -19.70
C PHE A 1321 -0.75 -2.29 -18.75
N ILE A 1322 0.33 -1.68 -18.28
CA ILE A 1322 0.21 -0.60 -17.31
C ILE A 1322 -0.33 0.65 -17.95
N ILE A 1323 -0.01 0.89 -19.22
CA ILE A 1323 -0.59 2.03 -19.92
C ILE A 1323 -2.05 1.78 -20.22
N PHE A 1324 -2.41 0.55 -20.58
CA PHE A 1324 -3.77 0.28 -21.01
C PHE A 1324 -4.68 -0.23 -19.91
N GLY A 1325 -4.28 -1.27 -19.20
CA GLY A 1325 -5.18 -1.79 -18.19
C GLY A 1325 -5.23 -1.01 -16.91
N SER A 1326 -4.35 -0.02 -16.75
CA SER A 1326 -4.33 0.75 -15.52
C SER A 1326 -4.62 2.22 -15.73
N PHE A 1327 -3.82 2.89 -16.55
CA PHE A 1327 -4.06 4.30 -16.77
C PHE A 1327 -5.37 4.60 -17.48
N PHE A 1328 -5.60 3.92 -18.61
CA PHE A 1328 -6.82 4.15 -19.37
C PHE A 1328 -8.07 3.67 -18.64
N THR A 1329 -7.97 2.50 -18.03
CA THR A 1329 -9.06 1.94 -17.27
C THR A 1329 -9.35 2.87 -16.10
N LEU A 1330 -8.31 3.40 -15.47
CA LEU A 1330 -8.50 4.26 -14.34
C LEU A 1330 -9.24 5.50 -14.80
N ASN A 1331 -8.86 5.99 -15.96
CA ASN A 1331 -9.49 7.17 -16.51
C ASN A 1331 -10.95 6.91 -16.79
N LEU A 1332 -11.26 5.74 -17.31
CA LEU A 1332 -12.63 5.38 -17.60
C LEU A 1332 -13.43 5.33 -16.32
N PHE A 1333 -12.85 4.75 -15.28
CA PHE A 1333 -13.51 4.64 -13.99
C PHE A 1333 -13.80 5.93 -13.26
N ILE A 1334 -12.86 6.88 -13.29
CA ILE A 1334 -13.04 8.14 -12.58
C ILE A 1334 -14.11 8.99 -13.24
N GLY A 1335 -14.14 9.01 -14.57
CA GLY A 1335 -15.12 9.82 -15.28
C GLY A 1335 -16.55 9.38 -15.09
N VAL A 1336 -16.77 8.10 -14.78
CA VAL A 1336 -18.11 7.63 -14.51
C VAL A 1336 -18.61 8.14 -13.15
N ILE A 1337 -17.74 8.14 -12.14
CA ILE A 1337 -18.13 8.51 -10.78
C ILE A 1337 -18.47 9.99 -10.67
N ILE A 1338 -17.70 10.86 -11.30
CA ILE A 1338 -17.95 12.29 -11.17
C ILE A 1338 -19.27 12.67 -11.85
N ASP A 1339 -19.60 11.99 -12.95
CA ASP A 1339 -20.89 12.27 -13.55
C ASP A 1339 -22.00 11.52 -12.81
N ASN A 1340 -21.64 10.50 -12.04
CA ASN A 1340 -22.60 9.88 -11.12
C ASN A 1340 -22.88 10.78 -9.94
N PHE A 1341 -21.84 11.24 -9.27
CA PHE A 1341 -22.03 12.02 -8.05
C PHE A 1341 -22.62 13.38 -8.31
N ASN A 1342 -22.50 13.91 -9.53
CA ASN A 1342 -23.15 15.18 -9.81
C ASN A 1342 -24.64 15.01 -9.99
N GLN A 1343 -25.08 13.88 -10.53
CA GLN A 1343 -26.52 13.70 -10.73
C GLN A 1343 -27.15 13.07 -9.50
N GLN A 1344 -26.36 12.44 -8.64
CA GLN A 1344 -26.87 11.99 -7.36
C GLN A 1344 -26.93 13.15 -6.38
N LYS A 1345 -26.21 14.24 -6.68
CA LYS A 1345 -26.29 15.42 -5.83
C LYS A 1345 -27.41 16.34 -6.29
N LYS A 1346 -27.60 16.48 -7.60
CA LYS A 1346 -28.66 17.34 -8.08
C LYS A 1346 -30.02 16.75 -7.71
N LYS A 1347 -30.15 15.45 -7.96
CA LYS A 1347 -31.37 14.70 -7.68
C LYS A 1347 -31.72 14.51 -6.21
N LEU A 1348 -30.71 14.22 -5.39
CA LEU A 1348 -30.95 13.97 -3.98
C LEU A 1348 -31.51 15.16 -3.22
N GLY A 1349 -32.45 14.86 -2.32
CA GLY A 1349 -33.08 15.88 -1.52
C GLY A 1349 -32.01 16.53 -0.67
N GLY A 1350 -31.10 15.72 -0.16
CA GLY A 1350 -30.01 16.26 0.62
C GLY A 1350 -29.12 16.91 -0.42
N LYS A 1351 -28.82 18.19 -0.23
CA LYS A 1351 -27.97 18.93 -1.15
C LYS A 1351 -26.53 18.44 -1.23
N ASP A 1352 -25.95 18.08 -0.08
CA ASP A 1352 -24.58 17.61 -0.03
C ASP A 1352 -24.46 16.17 0.42
N ILE A 1353 -23.78 15.36 -0.39
CA ILE A 1353 -23.57 13.96 -0.06
C ILE A 1353 -22.46 13.73 0.94
N PHE A 1354 -22.64 12.70 1.74
CA PHE A 1354 -21.70 12.25 2.78
C PHE A 1354 -21.78 13.07 4.05
N MET A 1355 -22.72 13.99 4.20
CA MET A 1355 -22.95 14.63 5.48
C MET A 1355 -24.36 14.31 5.95
N THR A 1356 -24.51 14.11 7.26
CA THR A 1356 -25.81 13.91 7.86
C THR A 1356 -26.53 15.25 8.02
N GLU A 1357 -27.72 15.20 8.60
CA GLU A 1357 -28.49 16.42 8.80
C GLU A 1357 -27.99 17.20 10.00
N GLU A 1358 -27.44 16.51 11.00
CA GLU A 1358 -26.98 17.20 12.20
C GLU A 1358 -25.66 17.90 11.95
N GLN A 1359 -24.95 17.50 10.91
CA GLN A 1359 -23.64 18.06 10.65
C GLN A 1359 -23.73 19.31 9.80
N LYS A 1360 -24.82 19.45 9.03
CA LYS A 1360 -24.97 20.61 8.16
C LYS A 1360 -25.32 21.86 8.94
N LYS A 1361 -25.74 21.70 10.19
CA LYS A 1361 -25.82 22.85 11.08
C LYS A 1361 -24.44 23.19 11.65
N TYR A 1362 -23.62 22.17 11.89
CA TYR A 1362 -22.23 22.40 12.27
C TYR A 1362 -21.43 22.90 11.09
N TYR A 1363 -21.83 22.52 9.88
CA TYR A 1363 -21.12 22.91 8.66
C TYR A 1363 -21.29 24.39 8.38
N ASN A 1364 -22.53 24.87 8.39
CA ASN A 1364 -22.79 26.25 8.00
C ASN A 1364 -22.37 27.21 9.09
N ALA A 1365 -22.29 26.76 10.33
CA ALA A 1365 -21.77 27.61 11.38
C ALA A 1365 -20.26 27.63 11.38
N MET A 1366 -19.64 26.70 10.66
CA MET A 1366 -18.19 26.70 10.51
C MET A 1366 -17.78 27.46 9.26
N LYS A 1367 -18.69 27.59 8.29
CA LYS A 1367 -18.40 28.39 7.12
C LYS A 1367 -18.48 29.87 7.44
N LYS A 1368 -19.28 30.23 8.44
CA LYS A 1368 -19.41 31.63 8.83
C LYS A 1368 -18.17 32.11 9.58
N LEU A 1369 -17.48 31.21 10.27
CA LEU A 1369 -16.29 31.56 11.04
C LEU A 1369 -15.12 31.94 10.13
N GLY A 1370 -15.05 31.36 8.93
CA GLY A 1370 -13.97 31.67 8.02
C GLY A 1370 -14.33 32.75 7.02
N SER A 1371 -15.48 33.36 7.21
CA SER A 1371 -15.95 34.44 6.34
C SER A 1371 -16.00 35.78 7.05
N LYS A 1372 -15.90 35.79 8.38
CA LYS A 1372 -16.00 37.02 9.14
C LYS A 1372 -14.63 37.67 9.32
N LYS A 1373 -14.61 39.01 9.23
CA LYS A 1373 -13.39 39.77 9.43
C LYS A 1373 -13.70 41.20 9.88
N PRO A 1374 -13.29 41.58 11.10
CA PRO A 1374 -13.46 42.98 11.53
C PRO A 1374 -12.20 43.80 11.29
N GLN A 1375 -12.35 45.11 11.15
CA GLN A 1375 -11.18 45.97 10.98
C GLN A 1375 -11.30 47.22 11.85
N LYS A 1376 -12.22 47.21 12.81
CA LYS A 1376 -12.24 48.12 13.94
C LYS A 1376 -13.01 47.48 15.10
N PRO A 1377 -12.39 46.58 15.88
CA PRO A 1377 -12.84 46.42 17.28
C PRO A 1377 -11.92 47.16 18.23
N ILE A 1378 -12.28 47.19 19.52
CA ILE A 1378 -11.43 47.30 20.72
C ILE A 1378 -10.27 48.30 20.66
N PRO A 1379 -10.54 49.58 20.90
CA PRO A 1379 -9.45 50.47 21.29
C PRO A 1379 -8.84 50.05 22.62
N ARG A 1380 -7.66 50.54 22.91
CA ARG A 1380 -6.92 50.05 24.08
C ARG A 1380 -7.16 50.96 25.28
N PRO A 1381 -6.69 50.59 26.52
CA PRO A 1381 -6.73 51.55 27.64
C PRO A 1381 -5.97 52.86 27.40
N GLN A 1382 -6.16 53.81 28.31
CA GLN A 1382 -5.43 55.07 28.25
C GLN A 1382 -4.72 55.31 29.58
N ASN A 1383 -3.43 54.99 29.62
CA ASN A 1383 -2.60 55.19 30.79
C ASN A 1383 -1.28 55.77 30.31
N LYS A 1384 -0.52 56.35 31.23
CA LYS A 1384 0.78 56.89 30.87
C LYS A 1384 1.85 55.82 30.94
N ILE A 1385 1.91 55.11 32.07
CA ILE A 1385 2.94 54.10 32.29
C ILE A 1385 2.57 52.79 31.61
N GLN A 1386 1.35 52.32 31.86
CA GLN A 1386 0.91 51.06 31.26
C GLN A 1386 0.50 51.25 29.80
N GLY A 1387 0.10 52.45 29.43
CA GLY A 1387 -0.40 52.67 28.08
C GLY A 1387 0.68 52.93 27.06
N MET A 1388 1.92 53.11 27.48
CA MET A 1388 2.98 53.26 26.50
C MET A 1388 3.43 51.91 25.94
N VAL A 1389 2.98 50.81 26.53
CA VAL A 1389 3.40 49.48 26.07
C VAL A 1389 2.70 49.11 24.79
N TYR A 1390 1.38 49.34 24.70
CA TYR A 1390 0.64 48.88 23.52
C TYR A 1390 0.93 49.75 22.31
N ASP A 1391 1.60 50.89 22.51
CA ASP A 1391 1.88 51.81 21.42
C ASP A 1391 2.82 51.20 20.39
N LEU A 1392 3.66 50.25 20.80
CA LEU A 1392 4.61 49.65 19.87
C LEU A 1392 4.18 48.27 19.40
N VAL A 1393 3.42 47.54 20.24
CA VAL A 1393 2.87 46.24 19.86
C VAL A 1393 1.88 46.40 18.72
N THR A 1394 1.13 47.49 18.71
CA THR A 1394 0.13 47.75 17.67
C THR A 1394 0.79 48.08 16.34
N LYS A 1395 2.01 48.61 16.36
CA LYS A 1395 2.71 48.96 15.13
C LYS A 1395 3.10 47.71 14.37
N GLN A 1396 3.36 47.89 13.07
CA GLN A 1396 3.56 46.75 12.18
C GLN A 1396 4.92 46.09 12.41
N ALA A 1397 5.90 46.84 12.88
CA ALA A 1397 7.25 46.30 13.04
C ALA A 1397 7.43 45.44 14.28
N PHE A 1398 6.41 45.28 15.12
CA PHE A 1398 6.52 44.31 16.20
C PHE A 1398 6.42 42.89 15.65
N ASP A 1399 5.53 42.66 14.69
CA ASP A 1399 5.31 41.31 14.19
C ASP A 1399 6.46 40.85 13.31
N ILE A 1400 6.96 41.74 12.44
CA ILE A 1400 8.14 41.47 11.62
C ILE A 1400 9.35 41.12 12.48
N THR A 1401 9.45 41.71 13.67
CA THR A 1401 10.48 41.31 14.61
C THR A 1401 10.30 39.86 15.07
N ILE A 1402 9.07 39.48 15.44
CA ILE A 1402 8.82 38.15 16.01
C ILE A 1402 8.88 37.08 14.94
N MET A 1403 8.30 37.36 13.76
CA MET A 1403 8.26 36.37 12.69
C MET A 1403 9.63 36.03 12.12
N ILE A 1404 10.63 36.89 12.32
CA ILE A 1404 11.99 36.53 11.92
C ILE A 1404 12.78 35.96 13.10
N LEU A 1405 12.32 36.18 14.33
CA LEU A 1405 12.89 35.47 15.46
C LEU A 1405 12.42 34.03 15.53
N ILE A 1406 11.35 33.69 14.83
CA ILE A 1406 10.73 32.38 14.92
C ILE A 1406 11.15 31.47 13.78
N CYS A 1407 11.77 32.02 12.73
CA CYS A 1407 12.44 31.17 11.77
C CYS A 1407 13.85 30.86 12.22
N LEU A 1408 14.41 31.69 13.11
CA LEU A 1408 15.68 31.35 13.72
C LEU A 1408 15.48 30.38 14.88
N ASN A 1409 14.26 30.29 15.38
CA ASN A 1409 13.94 29.24 16.33
C ASN A 1409 13.71 27.94 15.60
N MET A 1410 13.52 27.99 14.30
CA MET A 1410 13.36 26.77 13.53
C MET A 1410 14.72 26.23 13.11
N VAL A 1411 15.66 27.12 12.81
CA VAL A 1411 16.97 26.69 12.34
C VAL A 1411 17.82 26.22 13.51
N THR A 1412 17.49 26.66 14.72
CA THR A 1412 18.18 26.10 15.88
C THR A 1412 17.64 24.72 16.22
N MET A 1413 16.53 24.32 15.61
CA MET A 1413 16.03 22.96 15.75
C MET A 1413 16.58 22.07 14.65
N MET A 1414 16.79 22.64 13.46
CA MET A 1414 17.19 21.83 12.31
C MET A 1414 18.63 21.36 12.41
N VAL A 1415 19.49 22.11 13.10
CA VAL A 1415 20.91 21.78 13.13
C VAL A 1415 21.24 20.73 14.17
N GLU A 1416 20.24 20.25 14.91
CA GLU A 1416 20.47 19.20 15.89
C GLU A 1416 20.79 17.89 15.17
N THR A 1417 21.64 17.06 15.78
CA THR A 1417 22.15 15.87 15.12
C THR A 1417 22.46 14.83 16.20
N ASP A 1418 22.30 13.54 15.86
CA ASP A 1418 22.79 12.47 16.71
C ASP A 1418 24.30 12.49 16.81
N ASN A 1419 24.79 12.27 18.04
CA ASN A 1419 26.21 12.08 18.35
C ASN A 1419 27.02 13.28 17.88
N GLN A 1420 26.61 14.46 18.33
CA GLN A 1420 27.11 15.70 17.73
C GLN A 1420 28.44 16.16 18.32
N SER A 1421 28.43 16.57 19.59
CA SER A 1421 29.56 17.07 20.37
C SER A 1421 29.03 17.39 21.75
N GLN A 1422 29.92 17.34 22.74
CA GLN A 1422 29.55 17.84 24.06
C GLN A 1422 29.55 19.37 24.07
N LEU A 1423 30.31 19.97 23.17
CA LEU A 1423 30.33 21.42 23.08
C LEU A 1423 29.12 21.96 22.32
N LYS A 1424 28.58 21.17 21.39
CA LYS A 1424 27.47 21.64 20.57
C LYS A 1424 26.16 21.60 21.35
N VAL A 1425 25.98 20.59 22.20
CA VAL A 1425 24.79 20.48 23.06
C VAL A 1425 24.70 21.68 23.99
N ASP A 1426 25.84 22.13 24.51
CA ASP A 1426 25.84 23.22 25.47
C ASP A 1426 25.50 24.55 24.82
N ILE A 1427 25.82 24.69 23.53
CA ILE A 1427 25.52 25.94 22.83
C ILE A 1427 24.03 26.05 22.53
N LEU A 1428 23.47 25.00 21.92
CA LEU A 1428 22.07 25.02 21.50
C LEU A 1428 21.12 25.01 22.69
N TYR A 1429 21.55 24.51 23.84
CA TYR A 1429 20.75 24.67 25.05
C TYR A 1429 20.76 26.11 25.52
N ASN A 1430 21.83 26.85 25.26
CA ASN A 1430 21.88 28.25 25.66
C ASN A 1430 21.08 29.13 24.71
N ILE A 1431 21.05 28.77 23.43
CA ILE A 1431 20.30 29.56 22.47
C ILE A 1431 18.81 29.30 22.64
N ASN A 1432 18.44 28.05 22.90
CA ASN A 1432 17.03 27.70 23.06
C ASN A 1432 16.48 28.28 24.36
N MET A 1433 17.36 28.52 25.34
CA MET A 1433 16.91 29.06 26.61
C MET A 1433 16.54 30.53 26.50
N ILE A 1434 17.15 31.25 25.56
CA ILE A 1434 16.80 32.67 25.44
C ILE A 1434 15.58 32.83 24.54
N PHE A 1435 15.26 31.82 23.73
CA PHE A 1435 14.06 31.92 22.91
C PHE A 1435 12.81 31.64 23.73
N ILE A 1436 12.96 31.00 24.89
CA ILE A 1436 11.89 31.00 25.86
C ILE A 1436 11.70 32.41 26.41
N ILE A 1437 12.79 33.14 26.61
CA ILE A 1437 12.76 34.41 27.32
C ILE A 1437 12.11 35.50 26.47
N ILE A 1438 12.44 35.53 25.18
CA ILE A 1438 11.83 36.53 24.31
C ILE A 1438 10.38 36.21 24.03
N PHE A 1439 10.07 34.94 23.75
CA PHE A 1439 8.70 34.57 23.41
C PHE A 1439 7.78 34.61 24.61
N THR A 1440 8.34 34.58 25.82
CA THR A 1440 7.55 34.96 26.99
C THR A 1440 7.48 36.48 27.10
N GLY A 1441 8.57 37.16 26.74
CA GLY A 1441 8.61 38.60 26.89
C GLY A 1441 7.80 39.33 25.82
N GLU A 1442 7.42 38.63 24.76
CA GLU A 1442 6.42 39.19 23.86
C GLU A 1442 5.02 38.95 24.39
N CYS A 1443 4.85 37.89 25.18
CA CYS A 1443 3.53 37.52 25.67
C CYS A 1443 3.08 38.46 26.78
N VAL A 1444 3.97 38.74 27.74
CA VAL A 1444 3.66 39.64 28.84
C VAL A 1444 3.46 41.06 28.33
N LEU A 1445 4.26 41.48 27.37
CA LEU A 1445 4.14 42.83 26.84
C LEU A 1445 2.94 42.97 25.90
N LYS A 1446 2.29 41.86 25.56
CA LYS A 1446 1.06 41.96 24.81
C LYS A 1446 -0.16 41.77 25.72
N MET A 1447 -0.09 40.80 26.63
CA MET A 1447 -1.20 40.46 27.51
C MET A 1447 -1.52 41.60 28.48
N LEU A 1448 -0.48 42.18 29.09
CA LEU A 1448 -0.71 43.25 30.05
C LEU A 1448 -1.05 44.55 29.32
N ALA A 1449 -0.63 44.67 28.07
CA ALA A 1449 -0.96 45.88 27.30
C ALA A 1449 -2.36 45.77 26.70
N LEU A 1450 -2.69 44.59 26.19
CA LEU A 1450 -4.05 44.32 25.74
C LEU A 1450 -4.83 43.56 26.81
N ARG A 1451 -5.32 44.27 27.83
CA ARG A 1451 -5.82 43.72 29.10
C ARG A 1451 -6.89 42.63 28.98
N GLN A 1452 -7.80 42.76 28.02
CA GLN A 1452 -8.90 41.80 27.90
C GLN A 1452 -8.91 41.16 26.53
N TYR A 1453 -8.41 41.87 25.52
CA TYR A 1453 -8.48 41.38 24.14
C TYR A 1453 -7.40 40.34 23.87
N TYR A 1454 -6.53 40.09 24.84
CA TYR A 1454 -5.49 39.06 24.70
C TYR A 1454 -6.10 37.67 24.64
N PHE A 1455 -7.05 37.37 25.53
CA PHE A 1455 -7.66 36.05 25.54
C PHE A 1455 -8.74 35.91 24.48
N THR A 1456 -9.04 36.99 23.75
CA THR A 1456 -10.21 37.01 22.87
C THR A 1456 -9.95 36.27 21.56
N VAL A 1457 -8.91 36.65 20.83
CA VAL A 1457 -8.71 36.12 19.47
C VAL A 1457 -8.17 34.70 19.54
N GLY A 1458 -8.69 33.83 18.66
CA GLY A 1458 -8.33 32.43 18.67
C GLY A 1458 -6.87 32.13 18.31
N TRP A 1459 -6.22 33.03 17.56
CA TRP A 1459 -4.78 32.87 17.38
C TRP A 1459 -4.04 33.12 18.68
N ASN A 1460 -4.50 34.09 19.45
CA ASN A 1460 -3.77 34.50 20.64
C ASN A 1460 -4.03 33.52 21.77
N ILE A 1461 -5.13 32.77 21.68
CA ILE A 1461 -5.33 31.66 22.60
C ILE A 1461 -4.32 30.56 22.35
N PHE A 1462 -4.00 30.31 21.06
CA PHE A 1462 -2.98 29.32 20.73
C PHE A 1462 -1.60 29.77 21.18
N ASP A 1463 -1.33 31.07 21.08
CA ASP A 1463 -0.04 31.61 21.51
C ASP A 1463 0.16 31.44 23.01
N PHE A 1464 -0.88 31.63 23.80
CA PHE A 1464 -0.72 31.69 25.25
C PHE A 1464 -0.43 30.31 25.84
N VAL A 1465 -0.93 29.26 25.20
CA VAL A 1465 -0.65 27.90 25.67
C VAL A 1465 0.81 27.54 25.40
N VAL A 1466 1.34 27.99 24.26
CA VAL A 1466 2.70 27.66 23.85
C VAL A 1466 3.72 28.36 24.74
N VAL A 1467 3.43 29.61 25.13
CA VAL A 1467 4.32 30.36 26.01
C VAL A 1467 4.42 29.66 27.36
N ILE A 1468 3.29 29.15 27.86
CA ILE A 1468 3.28 28.43 29.12
C ILE A 1468 4.02 27.10 28.99
N LEU A 1469 3.76 26.38 27.90
CA LEU A 1469 4.23 25.01 27.79
C LEU A 1469 5.72 24.96 27.48
N SER A 1470 6.26 26.02 26.87
CA SER A 1470 7.67 26.07 26.55
C SER A 1470 8.53 26.17 27.81
N ILE A 1471 8.03 26.88 28.82
CA ILE A 1471 8.72 26.94 30.10
C ILE A 1471 8.61 25.60 30.81
N VAL A 1472 7.48 24.92 30.64
CA VAL A 1472 7.30 23.57 31.18
C VAL A 1472 8.30 22.61 30.56
N GLY A 1473 8.57 22.75 29.26
CA GLY A 1473 9.54 21.90 28.59
C GLY A 1473 10.98 22.17 28.97
N LEU A 1474 11.25 23.18 29.78
CA LEU A 1474 12.59 23.48 30.26
C LEU A 1474 12.81 22.99 31.69
N ALA A 1475 11.83 23.27 32.57
CA ALA A 1475 11.93 22.86 33.96
C ALA A 1475 11.78 21.36 34.13
N LEU A 1476 11.13 20.68 33.18
CA LEU A 1476 10.98 19.24 33.27
C LEU A 1476 12.29 18.51 33.01
N SER A 1477 13.30 19.20 32.48
CA SER A 1477 14.54 18.54 32.11
C SER A 1477 15.35 18.13 33.33
N ASP A 1478 15.09 18.73 34.49
CA ASP A 1478 15.66 18.21 35.74
C ASP A 1478 14.78 17.11 36.28
N LEU A 1479 13.47 17.18 36.01
CA LEU A 1479 12.54 16.20 36.56
C LEU A 1479 12.71 14.86 35.88
N ILE A 1480 13.12 14.86 34.61
CA ILE A 1480 13.37 13.61 33.90
C ILE A 1480 14.65 12.96 34.41
N GLN A 1481 15.64 13.77 34.78
CA GLN A 1481 16.80 13.27 35.52
C GLN A 1481 16.38 12.70 36.87
N LYS A 1482 15.39 13.32 37.52
CA LYS A 1482 14.83 12.76 38.74
C LYS A 1482 14.05 11.48 38.45
N TYR A 1483 13.48 11.37 37.25
CA TYR A 1483 12.79 10.15 36.85
C TYR A 1483 13.75 9.13 36.25
N PHE A 1484 13.14 8.14 35.60
CA PHE A 1484 13.77 6.91 35.10
C PHE A 1484 14.52 7.13 33.80
N VAL A 1485 14.82 6.04 33.08
CA VAL A 1485 15.55 6.12 31.81
C VAL A 1485 14.77 6.96 30.79
N SER A 1486 15.51 7.55 29.87
CA SER A 1486 14.79 8.45 28.98
C SER A 1486 15.24 8.42 27.52
N PRO A 1487 14.98 7.35 26.77
CA PRO A 1487 14.86 7.54 25.31
C PRO A 1487 13.41 7.71 24.92
N THR A 1488 12.52 7.68 25.91
CA THR A 1488 11.12 7.38 25.63
C THR A 1488 10.19 8.50 26.07
N LEU A 1489 10.47 9.09 27.22
CA LEU A 1489 9.55 10.08 27.76
C LEU A 1489 10.13 11.48 27.79
N PHE A 1490 11.45 11.62 27.78
CA PHE A 1490 12.07 12.94 27.67
C PHE A 1490 11.78 13.55 26.31
N ARG A 1491 11.69 12.72 25.28
CA ARG A 1491 11.57 13.21 23.92
C ARG A 1491 10.19 13.81 23.66
N VAL A 1492 9.15 13.16 24.17
CA VAL A 1492 7.80 13.43 23.68
C VAL A 1492 7.26 14.74 24.24
N ILE A 1493 7.76 15.17 25.40
CA ILE A 1493 7.39 16.49 25.91
C ILE A 1493 8.05 17.59 25.08
N ARG A 1494 9.25 17.32 24.56
CA ARG A 1494 9.96 18.33 23.76
C ARG A 1494 9.36 18.48 22.37
N LEU A 1495 8.43 17.62 21.97
CA LEU A 1495 7.71 17.83 20.72
C LEU A 1495 6.87 19.07 20.73
N ALA A 1496 6.50 19.56 21.90
CA ALA A 1496 5.59 20.69 21.95
C ALA A 1496 6.28 22.03 21.86
N ARG A 1497 7.56 22.07 21.54
CA ARG A 1497 8.15 23.35 21.20
C ARG A 1497 8.23 23.54 19.70
N ILE A 1498 7.93 22.50 18.94
CA ILE A 1498 7.65 22.62 17.51
C ILE A 1498 6.34 23.36 17.28
N GLY A 1499 5.46 23.38 18.29
CA GLY A 1499 4.28 24.22 18.25
C GLY A 1499 4.57 25.71 18.31
N ARG A 1500 5.81 26.11 18.58
CA ARG A 1500 6.17 27.50 18.34
C ARG A 1500 6.08 27.85 16.87
N VAL A 1501 6.50 26.91 16.00
CA VAL A 1501 6.63 27.15 14.57
C VAL A 1501 5.28 27.44 13.90
N LEU A 1502 4.22 26.83 14.43
CA LEU A 1502 2.89 26.97 13.84
C LEU A 1502 2.44 28.42 13.76
N ARG A 1503 2.80 29.21 14.74
CA ARG A 1503 2.40 30.62 14.78
C ARG A 1503 2.96 31.38 13.58
N LEU A 1504 3.92 30.74 12.92
CA LEU A 1504 4.58 31.22 11.71
C LEU A 1504 3.65 31.35 10.50
N ILE A 1505 2.73 30.41 10.35
CA ILE A 1505 1.81 30.40 9.20
C ILE A 1505 0.55 31.25 9.40
N ARG A 1506 0.48 31.94 10.52
CA ARG A 1506 -0.66 32.79 10.80
C ARG A 1506 -0.75 33.83 9.69
N GLY A 1507 0.40 34.31 9.25
CA GLY A 1507 0.50 35.33 8.24
C GLY A 1507 -0.01 35.15 6.81
N ALA A 1508 0.16 33.96 6.22
CA ALA A 1508 -0.25 33.79 4.82
C ALA A 1508 -1.73 33.50 4.58
N LYS A 1509 -2.39 34.43 3.89
CA LYS A 1509 -3.80 34.30 3.54
C LYS A 1509 -4.04 33.13 2.59
N GLY A 1510 -3.15 32.98 1.61
CA GLY A 1510 -3.26 31.89 0.66
C GLY A 1510 -3.25 30.53 1.33
N ILE A 1511 -2.43 30.38 2.37
CA ILE A 1511 -2.35 29.10 3.07
C ILE A 1511 -3.47 28.97 4.08
N ARG A 1512 -3.98 30.11 4.57
CA ARG A 1512 -5.08 30.06 5.54
C ARG A 1512 -6.41 29.79 4.85
N THR A 1513 -6.41 29.63 3.53
CA THR A 1513 -7.60 29.14 2.84
C THR A 1513 -7.46 27.65 2.54
N LEU A 1514 -6.23 27.17 2.31
CA LEU A 1514 -6.03 25.76 2.03
C LEU A 1514 -6.27 24.91 3.27
N LEU A 1515 -5.94 25.44 4.44
CA LEU A 1515 -6.20 24.75 5.71
C LEU A 1515 -7.70 24.69 5.97
N PHE A 1516 -8.35 25.79 5.62
CA PHE A 1516 -9.78 25.95 5.81
C PHE A 1516 -10.60 24.92 5.05
N ALA A 1517 -10.18 24.60 3.83
CA ALA A 1517 -10.91 23.61 3.05
C ALA A 1517 -10.84 22.28 3.78
N LEU A 1518 -9.69 21.96 4.36
CA LEU A 1518 -9.52 20.71 5.08
C LEU A 1518 -10.46 20.68 6.27
N MET A 1519 -10.53 21.80 6.98
CA MET A 1519 -11.42 21.86 8.12
C MET A 1519 -12.88 21.69 7.71
N MET A 1520 -13.24 22.30 6.59
CA MET A 1520 -14.60 22.22 6.06
C MET A 1520 -14.95 20.80 5.69
N SER A 1521 -13.97 20.11 5.14
CA SER A 1521 -14.15 18.73 4.69
C SER A 1521 -14.03 17.72 5.81
N LEU A 1522 -13.72 18.18 7.01
CA LEU A 1522 -13.59 17.24 8.13
C LEU A 1522 -14.81 16.40 8.53
N PRO A 1523 -16.03 16.94 8.58
CA PRO A 1523 -17.15 16.09 8.98
C PRO A 1523 -17.53 15.05 7.95
N ALA A 1524 -17.39 15.33 6.66
CA ALA A 1524 -17.69 14.33 5.65
C ALA A 1524 -16.70 13.20 5.67
N LEU A 1525 -15.43 13.53 5.90
CA LEU A 1525 -14.35 12.55 5.82
C LEU A 1525 -14.33 11.66 7.05
N PHE A 1526 -14.96 12.10 8.13
CA PHE A 1526 -15.08 11.27 9.31
C PHE A 1526 -16.10 10.15 9.13
N ASN A 1527 -17.10 10.36 8.27
CA ASN A 1527 -18.15 9.37 8.09
C ASN A 1527 -17.65 8.18 7.30
N ILE A 1528 -16.74 8.39 6.35
CA ILE A 1528 -16.19 7.27 5.61
C ILE A 1528 -15.10 6.59 6.42
N GLY A 1529 -14.36 7.36 7.21
CA GLY A 1529 -13.30 6.79 8.02
C GLY A 1529 -13.80 5.82 9.07
N LEU A 1530 -15.03 6.04 9.54
CA LEU A 1530 -15.66 5.13 10.47
C LEU A 1530 -15.86 3.83 9.74
N LEU A 1531 -16.32 3.95 8.49
CA LEU A 1531 -16.58 2.79 7.64
C LEU A 1531 -15.31 2.02 7.32
N LEU A 1532 -14.23 2.72 7.03
CA LEU A 1532 -12.97 2.06 6.72
C LEU A 1532 -12.49 1.29 7.93
N PHE A 1533 -12.63 1.91 9.10
CA PHE A 1533 -12.22 1.26 10.34
C PHE A 1533 -13.06 0.02 10.60
N LEU A 1534 -14.34 0.11 10.31
CA LEU A 1534 -15.24 -1.01 10.53
C LEU A 1534 -14.86 -2.23 9.72
N VAL A 1535 -14.39 -2.00 8.49
CA VAL A 1535 -14.01 -3.05 7.58
C VAL A 1535 -12.59 -3.52 7.84
N MET A 1536 -11.70 -2.65 8.36
CA MET A 1536 -10.44 -3.12 8.91
C MET A 1536 -10.66 -4.02 10.11
N PHE A 1537 -11.74 -3.78 10.85
CA PHE A 1537 -11.95 -4.51 12.07
C PHE A 1537 -12.46 -5.91 11.81
N ILE A 1538 -13.28 -6.09 10.78
CA ILE A 1538 -13.81 -7.40 10.45
C ILE A 1538 -12.71 -8.26 9.83
N TYR A 1539 -11.86 -7.65 9.02
CA TYR A 1539 -10.81 -8.40 8.35
C TYR A 1539 -9.68 -8.72 9.29
N SER A 1540 -9.56 -8.00 10.40
CA SER A 1540 -8.50 -8.27 11.35
C SER A 1540 -8.84 -9.48 12.21
N ILE A 1541 -10.14 -9.70 12.43
CA ILE A 1541 -10.57 -10.84 13.22
C ILE A 1541 -10.64 -12.08 12.35
N PHE A 1542 -10.91 -11.91 11.07
CA PHE A 1542 -10.99 -13.07 10.21
C PHE A 1542 -9.60 -13.55 9.82
N GLY A 1543 -8.61 -12.68 9.91
CA GLY A 1543 -7.25 -13.10 9.64
C GLY A 1543 -6.57 -13.67 10.85
N MET A 1544 -6.98 -13.22 12.04
CA MET A 1544 -6.37 -13.72 13.27
C MET A 1544 -6.79 -15.14 13.55
N SER A 1545 -7.99 -15.52 13.14
CA SER A 1545 -8.43 -16.89 13.36
C SER A 1545 -7.90 -17.83 12.29
N ASN A 1546 -7.71 -17.33 11.07
CA ASN A 1546 -7.26 -18.18 9.98
C ASN A 1546 -5.76 -18.21 9.89
N PHE A 1547 -5.14 -17.04 9.88
CA PHE A 1547 -3.77 -16.91 9.39
C PHE A 1547 -2.75 -16.74 10.49
N ALA A 1548 -2.99 -17.28 11.68
CA ALA A 1548 -1.88 -17.56 12.56
C ALA A 1548 -1.44 -18.96 12.22
N TYR A 1549 -0.35 -19.42 12.83
CA TYR A 1549 0.28 -20.74 12.62
C TYR A 1549 0.85 -20.90 11.21
N VAL A 1550 0.77 -19.88 10.36
CA VAL A 1550 1.37 -19.85 9.04
C VAL A 1550 2.88 -19.74 9.21
N LYS A 1551 3.62 -20.37 8.31
CA LYS A 1551 5.08 -20.37 8.40
C LYS A 1551 5.64 -18.97 8.26
N LYS A 1552 6.59 -18.64 9.14
CA LYS A 1552 7.24 -17.34 9.14
C LYS A 1552 8.15 -17.27 7.93
N GLU A 1553 7.72 -16.51 6.93
CA GLU A 1553 8.49 -16.27 5.72
C GLU A 1553 8.29 -14.81 5.34
N SER A 1554 8.53 -14.51 4.06
CA SER A 1554 8.92 -13.20 3.53
C SER A 1554 8.25 -12.00 4.18
N GLY A 1555 6.94 -11.97 4.22
CA GLY A 1555 6.29 -10.79 4.76
C GLY A 1555 5.77 -10.93 6.17
N ILE A 1556 5.86 -12.13 6.72
CA ILE A 1556 5.33 -12.43 8.05
C ILE A 1556 6.54 -12.67 8.95
N ASP A 1557 6.94 -11.65 9.71
CA ASP A 1557 8.23 -11.78 10.36
C ASP A 1557 8.19 -12.45 11.72
N ASP A 1558 8.05 -11.63 12.74
CA ASP A 1558 7.89 -12.06 14.13
C ASP A 1558 7.28 -10.92 14.93
N MET A 1559 7.03 -9.79 14.25
CA MET A 1559 6.46 -8.61 14.84
C MET A 1559 5.19 -8.26 14.09
N PHE A 1560 5.30 -8.29 12.77
CA PHE A 1560 4.18 -7.98 11.88
C PHE A 1560 3.67 -9.34 11.49
N ASN A 1561 2.56 -9.70 12.11
CA ASN A 1561 1.95 -10.99 11.99
C ASN A 1561 0.50 -10.92 12.31
N PHE A 1562 -0.18 -12.03 12.10
CA PHE A 1562 -1.61 -12.13 12.41
C PHE A 1562 -1.77 -12.92 13.69
N GLU A 1563 -0.73 -13.02 14.52
CA GLU A 1563 -0.87 -13.86 15.71
C GLU A 1563 -1.81 -13.22 16.72
N THR A 1564 -1.78 -11.91 16.87
CA THR A 1564 -2.66 -11.24 17.80
C THR A 1564 -3.43 -10.16 17.08
N PHE A 1565 -4.04 -9.27 17.85
CA PHE A 1565 -4.86 -8.22 17.25
C PHE A 1565 -4.11 -6.90 17.19
N GLY A 1566 -3.07 -6.75 17.99
CA GLY A 1566 -2.18 -5.64 17.74
C GLY A 1566 -1.35 -5.87 16.50
N ASN A 1567 -0.93 -7.11 16.28
CA ASN A 1567 -0.15 -7.44 15.10
C ASN A 1567 -0.97 -7.36 13.84
N SER A 1568 -2.25 -7.68 13.90
CA SER A 1568 -2.99 -7.83 12.67
C SER A 1568 -3.86 -6.63 12.33
N ILE A 1569 -4.01 -5.67 13.23
CA ILE A 1569 -4.50 -4.36 12.82
C ILE A 1569 -3.37 -3.50 12.28
N ILE A 1570 -2.14 -3.98 12.40
CA ILE A 1570 -0.98 -3.36 11.78
C ILE A 1570 -0.75 -3.88 10.37
N CYS A 1571 -0.92 -5.18 10.13
CA CYS A 1571 -0.87 -5.67 8.77
C CYS A 1571 -2.01 -5.11 7.93
N LEU A 1572 -3.19 -5.02 8.49
CA LEU A 1572 -4.32 -4.53 7.72
C LEU A 1572 -4.32 -3.04 7.57
N PHE A 1573 -3.54 -2.32 8.37
CA PHE A 1573 -3.39 -0.90 8.12
C PHE A 1573 -2.50 -0.63 6.93
N GLU A 1574 -1.47 -1.46 6.73
CA GLU A 1574 -0.55 -1.12 5.66
C GLU A 1574 -1.09 -1.53 4.30
N ILE A 1575 -2.03 -2.48 4.25
CA ILE A 1575 -2.60 -2.91 2.98
C ILE A 1575 -3.71 -1.96 2.54
N THR A 1576 -4.18 -1.10 3.43
CA THR A 1576 -5.11 -0.06 3.02
C THR A 1576 -4.44 0.90 2.06
N THR A 1577 -3.12 1.02 2.14
CA THR A 1577 -2.32 1.70 1.14
C THR A 1577 -1.82 0.74 0.05
N SER A 1578 -2.40 -0.46 -0.05
CA SER A 1578 -2.07 -1.51 -1.02
C SER A 1578 -0.62 -1.92 -0.99
N ALA A 1579 0.06 -1.75 0.12
CA ALA A 1579 1.51 -1.80 0.15
C ALA A 1579 1.98 -3.00 0.95
N GLY A 1580 2.66 -3.91 0.29
CA GLY A 1580 3.28 -5.02 0.98
C GLY A 1580 2.40 -6.21 1.18
N TRP A 1581 1.27 -6.30 0.49
CA TRP A 1581 0.40 -7.45 0.59
C TRP A 1581 0.87 -8.60 -0.27
N ASP A 1582 1.89 -8.38 -1.09
CA ASP A 1582 2.43 -9.48 -1.86
C ASP A 1582 3.24 -10.41 -0.98
N GLY A 1583 3.80 -9.88 0.11
CA GLY A 1583 4.62 -10.70 0.96
C GLY A 1583 3.83 -11.26 2.12
N LEU A 1584 2.68 -10.65 2.41
CA LEU A 1584 1.74 -11.27 3.33
C LEU A 1584 1.01 -12.41 2.67
N LEU A 1585 0.84 -12.35 1.35
CA LEU A 1585 0.14 -13.41 0.64
C LEU A 1585 1.06 -14.57 0.30
N ASN A 1586 2.36 -14.34 0.25
CA ASN A 1586 3.27 -15.36 -0.27
C ASN A 1586 3.46 -16.59 0.63
N PRO A 1587 3.48 -16.52 1.97
CA PRO A 1587 3.45 -17.76 2.74
C PRO A 1587 2.08 -18.35 2.99
N ILE A 1588 1.00 -17.70 2.56
CA ILE A 1588 -0.30 -18.34 2.64
C ILE A 1588 -0.43 -19.33 1.50
N LEU A 1589 0.19 -19.05 0.36
CA LEU A 1589 -0.08 -19.80 -0.86
C LEU A 1589 0.53 -21.19 -0.85
N ASN A 1590 1.32 -21.54 0.15
CA ASN A 1590 1.93 -22.87 0.09
C ASN A 1590 1.29 -23.85 1.05
N SER A 1591 1.12 -25.07 0.56
CA SER A 1591 0.48 -26.14 1.32
C SER A 1591 1.00 -27.47 0.77
N GLY A 1592 1.35 -28.38 1.67
CA GLY A 1592 1.92 -29.64 1.29
C GLY A 1592 3.42 -29.55 1.19
N PRO A 1593 4.12 -30.58 1.67
CA PRO A 1593 5.58 -30.50 1.78
C PRO A 1593 6.26 -30.60 0.43
N PRO A 1594 7.45 -30.00 0.28
CA PRO A 1594 8.11 -29.11 1.23
C PRO A 1594 7.62 -27.69 1.11
N ASP A 1595 8.27 -26.76 1.80
CA ASP A 1595 7.89 -25.36 1.78
C ASP A 1595 6.84 -25.11 2.85
N CYS A 1596 6.27 -26.20 3.35
CA CYS A 1596 5.27 -26.14 4.40
C CYS A 1596 5.26 -27.49 5.09
N ASP A 1597 4.81 -27.54 6.34
CA ASP A 1597 4.71 -28.83 7.04
C ASP A 1597 3.35 -29.13 7.70
N PRO A 1598 2.76 -30.35 7.38
CA PRO A 1598 1.49 -30.62 8.06
C PRO A 1598 1.83 -31.53 9.24
N ASN A 1599 1.34 -31.22 10.44
CA ASN A 1599 1.74 -31.96 11.63
C ASN A 1599 2.80 -31.26 12.47
N LEU A 1600 3.13 -30.03 12.14
CA LEU A 1600 4.10 -29.31 12.94
C LEU A 1600 3.39 -29.13 14.25
N GLU A 1601 4.07 -29.33 15.38
CA GLU A 1601 3.39 -29.16 16.64
C GLU A 1601 3.74 -27.81 17.21
N ASN A 1602 2.72 -27.02 17.47
CA ASN A 1602 2.93 -25.69 18.01
C ASN A 1602 2.80 -25.74 19.51
N PRO A 1603 3.85 -25.42 20.28
CA PRO A 1603 3.84 -25.72 21.70
C PRO A 1603 2.95 -24.75 22.48
N GLY A 1604 2.11 -25.32 23.34
CA GLY A 1604 1.19 -24.50 24.08
C GLY A 1604 -0.13 -24.25 23.40
N THR A 1605 -0.36 -24.85 22.24
CA THR A 1605 -1.65 -24.85 21.58
C THR A 1605 -1.96 -26.26 21.15
N SER A 1606 -3.21 -26.48 20.76
CA SER A 1606 -3.61 -27.76 20.21
C SER A 1606 -3.68 -27.75 18.69
N VAL A 1607 -3.56 -26.59 18.07
CA VAL A 1607 -3.70 -26.45 16.62
C VAL A 1607 -2.43 -26.97 15.98
N LYS A 1608 -2.49 -28.16 15.42
CA LYS A 1608 -1.34 -28.79 14.83
C LYS A 1608 -1.24 -28.40 13.36
N GLY A 1609 -0.04 -28.06 12.92
CA GLY A 1609 0.15 -27.74 11.52
C GLY A 1609 0.87 -26.43 11.30
N ASP A 1610 1.25 -26.19 10.05
CA ASP A 1610 2.01 -25.02 9.65
C ASP A 1610 1.43 -24.31 8.44
N CYS A 1611 0.61 -24.98 7.64
CA CYS A 1611 0.38 -24.53 6.29
C CYS A 1611 -0.65 -23.44 6.20
N GLY A 1612 -0.57 -22.69 5.12
CA GLY A 1612 -1.59 -21.72 4.80
C GLY A 1612 -2.62 -22.31 3.88
N ASN A 1613 -3.72 -21.61 3.74
CA ASN A 1613 -4.83 -22.09 2.92
C ASN A 1613 -4.88 -21.22 1.68
N PRO A 1614 -4.46 -21.71 0.51
CA PRO A 1614 -4.32 -20.81 -0.65
C PRO A 1614 -5.63 -20.37 -1.26
N SER A 1615 -6.74 -21.01 -0.94
CA SER A 1615 -8.02 -20.60 -1.51
C SER A 1615 -8.64 -19.48 -0.68
N ILE A 1616 -8.35 -19.47 0.62
CA ILE A 1616 -8.94 -18.47 1.49
C ILE A 1616 -8.04 -17.24 1.57
N GLY A 1617 -6.76 -17.42 1.32
CA GLY A 1617 -5.87 -16.27 1.27
C GLY A 1617 -6.11 -15.41 0.06
N ILE A 1618 -6.39 -16.03 -1.09
CA ILE A 1618 -6.66 -15.26 -2.29
C ILE A 1618 -8.00 -14.54 -2.18
N CYS A 1619 -8.98 -15.16 -1.54
CA CYS A 1619 -10.24 -14.48 -1.32
C CYS A 1619 -10.12 -13.40 -0.25
N PHE A 1620 -9.16 -13.55 0.67
CA PHE A 1620 -8.95 -12.55 1.72
C PHE A 1620 -8.39 -11.27 1.14
N PHE A 1621 -7.27 -11.39 0.43
CA PHE A 1621 -6.54 -10.21 0.01
C PHE A 1621 -7.18 -9.54 -1.18
N CYS A 1622 -7.64 -10.32 -2.15
CA CYS A 1622 -8.25 -9.71 -3.33
C CYS A 1622 -9.59 -9.08 -3.02
N SER A 1623 -10.28 -9.48 -1.97
CA SER A 1623 -11.47 -8.76 -1.57
C SER A 1623 -11.11 -7.41 -0.98
N TYR A 1624 -10.06 -7.36 -0.16
CA TYR A 1624 -9.76 -6.16 0.58
C TYR A 1624 -9.06 -5.12 -0.28
N ILE A 1625 -8.31 -5.55 -1.30
CA ILE A 1625 -7.74 -4.60 -2.24
C ILE A 1625 -8.84 -3.96 -3.08
N ILE A 1626 -9.88 -4.71 -3.46
CA ILE A 1626 -10.96 -4.12 -4.23
C ILE A 1626 -11.89 -3.28 -3.37
N ILE A 1627 -12.20 -3.73 -2.14
CA ILE A 1627 -13.14 -2.99 -1.30
C ILE A 1627 -12.52 -1.69 -0.80
N SER A 1628 -11.29 -1.73 -0.31
CA SER A 1628 -10.70 -0.52 0.20
C SER A 1628 -10.26 0.44 -0.89
N PHE A 1629 -10.04 -0.03 -2.11
CA PHE A 1629 -9.86 0.88 -3.24
C PHE A 1629 -11.12 1.68 -3.47
N LEU A 1630 -12.28 1.05 -3.32
CA LEU A 1630 -13.55 1.73 -3.56
C LEU A 1630 -13.85 2.72 -2.46
N ILE A 1631 -13.37 2.46 -1.25
CA ILE A 1631 -13.65 3.34 -0.12
C ILE A 1631 -12.70 4.53 -0.13
N VAL A 1632 -11.41 4.29 -0.35
CA VAL A 1632 -10.43 5.37 -0.31
C VAL A 1632 -10.64 6.33 -1.46
N VAL A 1633 -11.10 5.85 -2.62
CA VAL A 1633 -11.43 6.72 -3.75
C VAL A 1633 -12.59 7.65 -3.43
N ASN A 1634 -13.51 7.23 -2.55
CA ASN A 1634 -14.56 8.15 -2.11
C ASN A 1634 -14.02 9.26 -1.22
N MET A 1635 -12.91 9.01 -0.53
CA MET A 1635 -12.26 10.03 0.27
C MET A 1635 -11.43 10.98 -0.57
N TYR A 1636 -11.04 10.60 -1.78
CA TYR A 1636 -10.44 11.57 -2.68
C TYR A 1636 -11.48 12.51 -3.25
N ILE A 1637 -12.67 12.01 -3.55
CA ILE A 1637 -13.72 12.85 -4.10
C ILE A 1637 -14.22 13.83 -3.04
N ALA A 1638 -14.25 13.42 -1.77
CA ALA A 1638 -14.75 14.29 -0.72
C ALA A 1638 -13.85 15.47 -0.46
N ILE A 1639 -12.53 15.30 -0.58
CA ILE A 1639 -11.62 16.40 -0.36
C ILE A 1639 -11.57 17.31 -1.56
N ILE A 1640 -11.45 16.74 -2.76
CA ILE A 1640 -11.25 17.52 -3.97
C ILE A 1640 -12.51 18.28 -4.33
N LEU A 1641 -13.68 17.69 -4.12
CA LEU A 1641 -14.92 18.45 -4.36
C LEU A 1641 -15.18 19.54 -3.33
N GLU A 1642 -14.40 19.62 -2.27
CA GLU A 1642 -14.54 20.71 -1.31
C GLU A 1642 -13.61 21.87 -1.62
N ASN A 1643 -12.41 21.58 -2.12
CA ASN A 1643 -11.50 22.65 -2.55
C ASN A 1643 -12.07 23.42 -3.73
N PHE A 1644 -12.84 22.75 -4.58
CA PHE A 1644 -13.49 23.47 -5.67
C PHE A 1644 -14.60 24.33 -5.15
N ASN A 1645 -15.24 23.88 -4.08
CA ASN A 1645 -16.42 24.55 -3.59
C ASN A 1645 -16.04 25.80 -2.82
N VAL A 1646 -14.86 25.77 -2.17
CA VAL A 1646 -14.36 26.95 -1.45
C VAL A 1646 -13.99 28.05 -2.43
N ALA A 1647 -13.32 27.71 -3.52
CA ALA A 1647 -12.96 28.71 -4.53
C ALA A 1647 -14.20 29.18 -5.30
N THR A 1648 -15.22 28.34 -5.37
CA THR A 1648 -16.44 28.74 -6.07
C THR A 1648 -17.24 29.74 -5.23
N GLU A 1649 -17.27 29.53 -3.90
CA GLU A 1649 -18.14 30.35 -3.06
C GLU A 1649 -17.50 31.68 -2.68
N GLU A 1650 -16.35 32.00 -3.29
CA GLU A 1650 -15.66 33.26 -3.05
C GLU A 1650 -16.50 34.45 -3.53
N GLY B 20 2.78 -19.99 17.01
CA GLY B 20 4.15 -20.38 17.25
C GLY B 20 4.34 -21.08 18.56
N CYS B 21 5.11 -20.48 19.46
CA CYS B 21 5.42 -21.06 20.76
C CYS B 21 4.86 -20.13 21.83
N VAL B 22 3.99 -20.67 22.67
CA VAL B 22 3.37 -19.91 23.75
C VAL B 22 3.72 -20.62 25.06
N GLU B 23 4.23 -19.88 26.04
CA GLU B 23 4.61 -20.45 27.32
C GLU B 23 3.39 -20.49 28.24
N VAL B 24 2.91 -21.70 28.50
CA VAL B 24 1.73 -21.92 29.32
C VAL B 24 2.17 -22.55 30.63
N ASP B 25 1.60 -22.11 31.74
CA ASP B 25 1.92 -22.70 33.02
C ASP B 25 1.14 -24.00 33.23
N SER B 26 1.65 -24.85 34.10
CA SER B 26 1.03 -26.13 34.31
C SER B 26 -0.14 -26.02 35.27
N GLU B 27 -0.88 -27.11 35.40
CA GLU B 27 -1.95 -27.17 36.37
C GLU B 27 -1.41 -27.63 37.71
N THR B 28 -2.10 -27.27 38.79
CA THR B 28 -1.62 -27.53 40.14
C THR B 28 -2.46 -28.53 40.92
N GLU B 29 -3.60 -28.95 40.39
CA GLU B 29 -4.49 -29.87 41.09
C GLU B 29 -4.51 -31.17 40.32
N ALA B 30 -4.09 -32.26 40.95
CA ALA B 30 -4.17 -33.56 40.33
C ALA B 30 -5.18 -34.40 41.08
N VAL B 31 -5.73 -35.40 40.39
CA VAL B 31 -6.76 -36.26 40.93
C VAL B 31 -6.19 -37.65 41.11
N TYR B 32 -6.31 -38.18 42.33
CA TYR B 32 -5.78 -39.49 42.69
C TYR B 32 -6.38 -40.59 41.84
N GLY B 33 -5.53 -41.52 41.41
CA GLY B 33 -5.94 -42.60 40.54
C GLY B 33 -6.00 -42.28 39.07
N MET B 34 -6.12 -41.01 38.71
CA MET B 34 -6.28 -40.60 37.32
C MET B 34 -4.91 -40.28 36.71
N THR B 35 -4.90 -39.63 35.55
CA THR B 35 -3.67 -39.22 34.90
C THR B 35 -3.53 -37.71 34.94
N PHE B 36 -2.30 -37.24 34.78
CA PHE B 36 -2.00 -35.82 34.86
C PHE B 36 -0.78 -35.52 34.02
N LYS B 37 -0.74 -34.31 33.48
CA LYS B 37 0.29 -33.86 32.54
C LYS B 37 0.89 -32.56 33.03
N ILE B 38 2.21 -32.48 33.12
CA ILE B 38 2.87 -31.34 33.71
C ILE B 38 3.57 -30.56 32.61
N LEU B 39 3.12 -29.33 32.36
CA LEU B 39 3.60 -28.52 31.25
C LEU B 39 4.88 -27.78 31.62
N CYS B 40 5.91 -27.91 30.78
CA CYS B 40 7.16 -27.17 30.85
C CYS B 40 7.44 -26.72 29.43
N ILE B 41 7.00 -25.52 29.08
CA ILE B 41 7.18 -24.98 27.74
C ILE B 41 8.19 -23.87 27.81
N SER B 42 9.35 -24.08 27.19
CA SER B 42 10.42 -23.09 27.15
C SER B 42 10.62 -22.67 25.72
N CYS B 43 10.31 -21.43 25.41
CA CYS B 43 10.35 -20.93 24.05
C CYS B 43 11.59 -20.09 23.87
N LYS B 44 12.30 -20.28 22.76
CA LYS B 44 13.47 -19.49 22.49
C LYS B 44 13.07 -18.14 21.92
N ARG B 45 13.96 -17.15 22.05
CA ARG B 45 13.60 -15.75 21.77
C ARG B 45 13.39 -15.49 20.28
N ARG B 46 14.26 -16.02 19.43
CA ARG B 46 14.05 -15.98 18.00
C ARG B 46 13.74 -17.40 17.58
N SER B 47 12.59 -17.60 16.97
CA SER B 47 12.16 -18.96 16.63
C SER B 47 12.91 -19.54 15.46
N GLU B 48 13.74 -18.76 14.78
CA GLU B 48 14.46 -19.16 13.59
C GLU B 48 15.81 -19.79 13.88
N THR B 49 16.33 -19.67 15.10
CA THR B 49 17.67 -20.09 15.42
C THR B 49 17.71 -21.57 15.73
N ASN B 50 18.76 -22.24 15.31
CA ASN B 50 18.93 -23.65 15.61
C ASN B 50 19.34 -23.81 17.05
N ALA B 51 19.12 -25.01 17.57
CA ALA B 51 19.47 -25.35 18.94
C ALA B 51 19.48 -26.85 19.08
N GLU B 52 20.21 -27.40 20.03
CA GLU B 52 19.89 -28.75 20.43
C GLU B 52 19.89 -28.88 21.95
N THR B 53 18.81 -29.44 22.49
CA THR B 53 18.59 -29.36 23.93
C THR B 53 18.48 -30.74 24.55
N PHE B 54 18.44 -30.73 25.87
CA PHE B 54 18.06 -31.88 26.66
C PHE B 54 17.53 -31.36 27.98
N THR B 55 17.14 -32.28 28.87
CA THR B 55 16.47 -31.86 30.09
C THR B 55 16.71 -32.81 31.23
N GLU B 56 16.12 -32.44 32.35
CA GLU B 56 16.52 -32.90 33.65
C GLU B 56 15.42 -32.52 34.62
N TRP B 57 14.67 -33.49 35.12
CA TRP B 57 13.55 -33.23 36.01
C TRP B 57 13.93 -33.63 37.43
N THR B 58 13.70 -32.71 38.37
CA THR B 58 13.95 -32.96 39.79
C THR B 58 12.65 -32.77 40.55
N PHE B 59 12.51 -33.51 41.66
CA PHE B 59 11.24 -33.57 42.37
C PHE B 59 11.42 -33.64 43.87
N ARG B 60 10.81 -32.68 44.58
CA ARG B 60 10.74 -32.66 46.03
C ARG B 60 9.37 -33.11 46.50
N GLN B 61 9.35 -33.96 47.52
CA GLN B 61 8.16 -34.49 48.18
C GLN B 61 7.55 -33.42 49.07
N LYS B 62 6.71 -33.84 49.98
CA LYS B 62 6.44 -33.03 51.16
C LYS B 62 7.53 -33.25 52.24
N GLY B 63 8.63 -33.94 51.90
CA GLY B 63 9.77 -34.06 52.77
C GLY B 63 10.68 -32.85 52.67
N THR B 64 11.86 -32.99 53.27
CA THR B 64 12.62 -31.85 53.83
C THR B 64 13.14 -30.91 52.75
N GLU B 65 14.21 -31.23 52.02
CA GLU B 65 14.72 -30.27 51.06
C GLU B 65 15.34 -30.89 49.82
N GLU B 66 15.14 -32.18 49.61
CA GLU B 66 15.84 -32.88 48.56
C GLU B 66 15.21 -32.57 47.21
N PHE B 67 15.97 -32.73 46.13
CA PHE B 67 15.44 -32.62 44.78
C PHE B 67 16.09 -33.72 43.97
N VAL B 68 15.47 -34.88 43.92
CA VAL B 68 16.08 -36.06 43.34
C VAL B 68 15.83 -36.03 41.84
N LYS B 69 16.87 -36.31 41.05
CA LYS B 69 16.71 -36.43 39.61
C LYS B 69 15.83 -37.63 39.32
N ILE B 70 14.78 -37.43 38.52
CA ILE B 70 13.90 -38.53 38.15
C ILE B 70 14.04 -38.93 36.69
N LEU B 71 14.43 -38.04 35.78
CA LEU B 71 14.64 -38.44 34.40
C LEU B 71 15.64 -37.53 33.72
N ARG B 72 16.03 -37.94 32.50
CA ARG B 72 16.96 -37.16 31.67
C ARG B 72 16.60 -37.47 30.22
N TYR B 73 15.81 -36.62 29.59
CA TYR B 73 15.43 -36.81 28.20
C TYR B 73 16.46 -36.12 27.34
N GLU B 74 17.36 -36.90 26.74
CA GLU B 74 18.57 -36.35 26.15
C GLU B 74 18.35 -35.84 24.73
N ASN B 75 17.69 -36.63 23.93
CA ASN B 75 17.81 -36.51 22.49
C ASN B 75 16.61 -37.19 21.89
N GLU B 76 16.84 -37.92 20.81
CA GLU B 76 15.90 -38.87 20.22
C GLU B 76 15.28 -39.83 21.24
N VAL B 77 14.34 -40.65 20.76
CA VAL B 77 13.30 -41.35 21.54
C VAL B 77 13.74 -42.01 22.85
N LEU B 78 15.03 -42.19 23.07
CA LEU B 78 15.55 -42.62 24.36
C LEU B 78 15.18 -41.62 25.45
N GLN B 79 14.73 -42.15 26.58
CA GLN B 79 14.50 -41.41 27.80
C GLN B 79 15.08 -42.21 28.96
N LEU B 80 16.06 -41.66 29.64
CA LEU B 80 16.71 -42.36 30.74
C LEU B 80 16.18 -41.85 32.07
N GLU B 81 15.72 -42.77 32.89
CA GLU B 81 15.00 -42.44 34.12
C GLU B 81 15.15 -43.63 35.05
N GLU B 82 14.26 -43.79 36.03
CA GLU B 82 14.22 -44.93 36.94
C GLU B 82 15.43 -45.02 37.84
N ASP B 83 15.48 -44.15 38.84
CA ASP B 83 16.24 -44.49 40.03
C ASP B 83 15.39 -45.28 41.01
N GLU B 84 14.23 -44.75 41.41
CA GLU B 84 13.45 -45.29 42.53
C GLU B 84 12.03 -44.72 42.44
N ARG B 85 11.10 -45.37 43.17
CA ARG B 85 9.76 -44.97 43.62
C ARG B 85 8.67 -45.03 42.56
N PHE B 86 9.04 -44.94 41.28
CA PHE B 86 8.06 -45.09 40.20
C PHE B 86 8.76 -45.37 38.88
N GLU B 87 8.54 -46.58 38.39
CA GLU B 87 8.93 -47.01 37.06
C GLU B 87 7.66 -47.50 36.39
N GLY B 88 7.40 -46.99 35.20
CA GLY B 88 6.28 -47.50 34.46
C GLY B 88 5.12 -46.55 34.51
N ARG B 89 5.22 -45.50 35.31
CA ARG B 89 4.11 -44.56 35.34
C ARG B 89 4.50 -43.14 34.90
N VAL B 90 5.63 -42.99 34.20
CA VAL B 90 6.05 -41.70 33.66
C VAL B 90 6.32 -41.87 32.18
N VAL B 91 5.69 -41.03 31.36
CA VAL B 91 5.78 -41.10 29.91
C VAL B 91 6.17 -39.72 29.39
N TRP B 92 7.01 -39.68 28.34
CA TRP B 92 7.29 -38.43 27.66
C TRP B 92 6.08 -37.99 26.88
N ASN B 93 5.72 -36.72 26.99
CA ASN B 93 4.71 -36.10 26.15
C ASN B 93 5.15 -34.71 25.72
N GLY B 94 6.36 -34.61 25.21
CA GLY B 94 6.87 -33.33 24.72
C GLY B 94 7.02 -33.32 23.24
N SER B 95 8.13 -32.81 22.74
CA SER B 95 8.42 -32.87 21.32
C SER B 95 9.06 -34.18 20.96
N ARG B 96 8.73 -34.69 19.78
CA ARG B 96 9.20 -36.00 19.36
C ARG B 96 9.88 -35.90 18.01
N GLY B 97 11.09 -36.43 17.94
CA GLY B 97 11.85 -36.46 16.70
C GLY B 97 12.36 -35.14 16.20
N THR B 98 12.82 -34.25 17.06
CA THR B 98 13.26 -32.94 16.61
C THR B 98 14.67 -32.56 17.00
N LYS B 99 15.08 -32.85 18.24
CA LYS B 99 16.32 -32.50 18.95
C LYS B 99 16.38 -31.01 19.31
N ASP B 100 15.52 -30.23 18.67
CA ASP B 100 15.34 -28.82 18.93
C ASP B 100 14.62 -28.65 20.26
N LEU B 101 13.71 -29.60 20.52
CA LEU B 101 12.86 -29.63 21.70
C LEU B 101 11.91 -28.44 21.73
N GLN B 102 11.91 -27.68 22.82
CA GLN B 102 11.06 -26.50 23.04
C GLN B 102 9.81 -26.82 23.84
N ASP B 103 9.48 -28.10 23.97
CA ASP B 103 8.35 -28.51 24.78
C ASP B 103 8.84 -29.70 25.58
N LEU B 104 8.84 -29.60 26.90
CA LEU B 104 9.31 -30.71 27.70
C LEU B 104 8.31 -31.04 28.77
N SER B 105 7.17 -31.53 28.35
CA SER B 105 6.08 -31.91 29.23
C SER B 105 6.15 -33.39 29.57
N ILE B 106 6.18 -33.70 30.85
CA ILE B 106 6.09 -35.04 31.36
C ILE B 106 4.61 -35.40 31.51
N PHE B 107 4.30 -36.68 31.69
CA PHE B 107 2.92 -37.15 31.79
C PHE B 107 2.84 -38.34 32.72
N ILE B 108 2.12 -38.20 33.82
CA ILE B 108 2.06 -39.20 34.86
C ILE B 108 0.78 -40.00 34.69
N THR B 109 0.92 -41.30 34.49
CA THR B 109 -0.23 -42.19 34.53
C THR B 109 -0.40 -42.76 35.93
N ASN B 110 -1.63 -42.79 36.42
CA ASN B 110 -2.02 -43.33 37.72
C ASN B 110 -1.32 -42.58 38.87
N VAL B 111 -1.73 -41.32 39.03
CA VAL B 111 -1.27 -40.46 40.12
C VAL B 111 -1.54 -41.07 41.48
N THR B 112 -0.55 -41.01 42.36
CA THR B 112 -0.62 -41.47 43.74
C THR B 112 -0.55 -40.24 44.65
N TYR B 113 -0.69 -40.43 45.96
CA TYR B 113 -0.57 -39.29 46.87
C TYR B 113 0.87 -38.88 47.10
N ASN B 114 1.85 -39.65 46.67
CA ASN B 114 3.24 -39.30 46.86
C ASN B 114 3.84 -38.62 45.63
N HIS B 115 3.00 -38.18 44.70
CA HIS B 115 3.42 -37.32 43.60
C HIS B 115 3.15 -35.86 43.89
N SER B 116 2.73 -35.54 45.10
CA SER B 116 2.45 -34.16 45.48
C SER B 116 3.72 -33.51 45.98
N GLY B 117 3.99 -32.30 45.53
CA GLY B 117 5.22 -31.66 45.91
C GLY B 117 5.69 -30.65 44.89
N ASP B 118 7.00 -30.50 44.73
CA ASP B 118 7.56 -29.44 43.90
C ASP B 118 8.45 -30.07 42.84
N TYR B 119 8.28 -29.62 41.61
CA TYR B 119 8.96 -30.13 40.43
C TYR B 119 9.76 -29.01 39.77
N GLU B 120 10.86 -29.37 39.12
CA GLU B 120 11.65 -28.42 38.34
C GLU B 120 12.14 -29.07 37.07
N CYS B 121 11.88 -28.42 35.93
CA CYS B 121 12.48 -28.83 34.66
C CYS B 121 13.64 -27.91 34.35
N HIS B 122 14.78 -28.50 34.01
CA HIS B 122 15.99 -27.75 33.67
C HIS B 122 16.20 -27.92 32.18
N VAL B 123 15.98 -26.87 31.40
CA VAL B 123 16.18 -26.92 29.97
C VAL B 123 17.64 -26.54 29.72
N TYR B 124 18.41 -27.35 29.00
CA TYR B 124 19.80 -27.02 28.71
C TYR B 124 19.97 -26.87 27.20
N ARG B 125 19.64 -25.69 26.68
CA ARG B 125 19.77 -25.45 25.26
C ARG B 125 21.23 -25.27 24.89
N LEU B 126 21.50 -25.31 23.59
CA LEU B 126 22.82 -24.96 23.10
C LEU B 126 22.61 -24.36 21.72
N LEU B 127 22.61 -23.04 21.64
CA LEU B 127 22.31 -22.34 20.41
C LEU B 127 23.44 -22.51 19.41
N PHE B 128 23.08 -22.65 18.16
CA PHE B 128 24.03 -22.79 17.06
C PHE B 128 23.98 -21.52 16.23
N PHE B 129 25.09 -20.80 16.24
CA PHE B 129 25.23 -19.56 15.52
C PHE B 129 26.30 -19.76 14.46
N GLU B 130 26.57 -18.72 13.67
CA GLU B 130 27.37 -18.91 12.47
C GLU B 130 28.85 -19.13 12.77
N ASN B 131 29.32 -18.83 13.96
CA ASN B 131 30.69 -19.15 14.29
C ASN B 131 30.86 -19.78 15.67
N TYR B 132 29.84 -19.72 16.52
CA TYR B 132 30.08 -20.11 17.90
C TYR B 132 28.84 -20.73 18.53
N GLU B 133 29.09 -21.58 19.52
CA GLU B 133 28.08 -22.32 20.25
C GLU B 133 27.87 -21.63 21.58
N HIS B 134 26.61 -21.40 21.95
CA HIS B 134 26.29 -20.67 23.17
C HIS B 134 25.35 -21.50 24.03
N ASN B 135 25.82 -21.88 25.22
CA ASN B 135 25.14 -22.81 26.11
C ASN B 135 24.35 -22.01 27.13
N THR B 136 23.05 -22.27 27.23
CA THR B 136 22.18 -21.57 28.18
C THR B 136 21.49 -22.58 29.11
N SER B 137 20.69 -22.07 30.04
CA SER B 137 19.91 -22.91 30.93
C SER B 137 18.77 -22.12 31.56
N VAL B 138 17.61 -22.76 31.68
CA VAL B 138 16.38 -22.22 32.22
C VAL B 138 15.90 -23.20 33.27
N VAL B 139 15.23 -22.69 34.32
CA VAL B 139 14.57 -23.54 35.31
C VAL B 139 13.12 -23.06 35.47
N LYS B 140 12.16 -23.96 35.31
CA LYS B 140 10.77 -23.69 35.61
C LYS B 140 10.33 -24.51 36.82
N LYS B 141 9.60 -23.88 37.73
CA LYS B 141 9.22 -24.51 39.00
C LYS B 141 7.72 -24.71 39.05
N ILE B 142 7.31 -25.95 39.34
CA ILE B 142 5.91 -26.37 39.29
C ILE B 142 5.54 -27.01 40.63
N HIS B 143 4.41 -26.60 41.21
CA HIS B 143 3.93 -27.04 42.51
C HIS B 143 2.57 -27.68 42.33
N ILE B 144 2.47 -29.00 42.45
CA ILE B 144 1.19 -29.65 42.23
C ILE B 144 0.69 -30.29 43.52
N GLU B 145 -0.62 -30.54 43.56
CA GLU B 145 -1.34 -31.08 44.71
C GLU B 145 -2.16 -32.27 44.27
N VAL B 146 -2.05 -33.38 44.99
CA VAL B 146 -2.88 -34.54 44.71
C VAL B 146 -4.09 -34.47 45.63
N VAL B 147 -5.27 -34.39 45.05
CA VAL B 147 -6.54 -34.52 45.77
C VAL B 147 -7.25 -35.74 45.23
N ASP B 148 -8.47 -35.98 45.69
CA ASP B 148 -9.26 -37.10 45.17
C ASP B 148 -10.64 -36.67 44.71
N LYS B 149 -10.83 -35.35 44.54
CA LYS B 149 -12.10 -34.81 44.06
C LYS B 149 -11.85 -33.44 43.45
N ALA B 150 -12.02 -33.34 42.14
CA ALA B 150 -11.57 -32.17 41.39
C ALA B 150 -12.49 -30.99 41.65
N ASN B 151 -11.99 -30.03 42.42
CA ASN B 151 -12.58 -28.70 42.44
C ASN B 151 -12.49 -28.12 41.04
N ARG B 152 -13.59 -27.55 40.54
CA ARG B 152 -13.61 -27.20 39.14
C ARG B 152 -12.79 -25.93 38.85
N ASP B 153 -13.18 -24.79 39.42
CA ASP B 153 -12.41 -23.56 39.27
C ASP B 153 -12.88 -22.59 40.35
N MET B 154 -12.56 -21.32 40.18
CA MET B 154 -13.23 -20.25 40.90
C MET B 154 -13.84 -19.23 39.96
N ALA B 155 -13.30 -19.08 38.76
CA ALA B 155 -13.96 -18.30 37.73
C ALA B 155 -14.97 -19.11 36.93
N SER B 156 -15.06 -20.41 37.13
CA SER B 156 -16.17 -21.15 36.55
C SER B 156 -17.29 -21.35 37.54
N ILE B 157 -17.22 -20.69 38.69
CA ILE B 157 -18.36 -20.59 39.58
C ILE B 157 -18.92 -19.18 39.54
N VAL B 158 -18.04 -18.18 39.62
CA VAL B 158 -18.50 -16.80 39.71
C VAL B 158 -19.07 -16.34 38.37
N SER B 159 -18.48 -16.79 37.27
CA SER B 159 -19.01 -16.42 35.96
C SER B 159 -20.24 -17.20 35.57
N GLU B 160 -20.46 -18.38 36.15
CA GLU B 160 -21.71 -19.06 35.87
C GLU B 160 -22.85 -18.46 36.66
N ILE B 161 -22.57 -17.99 37.87
CA ILE B 161 -23.55 -17.21 38.61
C ILE B 161 -23.88 -15.92 37.90
N MET B 162 -22.87 -15.19 37.45
CA MET B 162 -23.08 -13.87 36.89
C MET B 162 -23.76 -13.90 35.53
N MET B 163 -23.71 -15.03 34.83
CA MET B 163 -24.52 -15.19 33.63
C MET B 163 -26.00 -15.23 33.96
N TYR B 164 -26.40 -16.13 34.89
CA TYR B 164 -27.80 -16.23 35.25
C TYR B 164 -28.31 -15.00 35.99
N VAL B 165 -27.45 -14.30 36.70
CA VAL B 165 -27.87 -13.05 37.34
C VAL B 165 -28.14 -11.99 36.29
N LEU B 166 -27.27 -11.86 35.28
CA LEU B 166 -27.48 -10.86 34.25
C LEU B 166 -28.65 -11.18 33.34
N ILE B 167 -28.89 -12.45 33.05
CA ILE B 167 -30.03 -12.82 32.21
C ILE B 167 -31.34 -12.52 32.91
N VAL B 168 -31.45 -12.83 34.20
CA VAL B 168 -32.71 -12.67 34.91
C VAL B 168 -32.99 -11.20 35.22
N VAL B 169 -31.97 -10.42 35.55
CA VAL B 169 -32.18 -9.00 35.79
C VAL B 169 -32.56 -8.25 34.52
N LEU B 170 -32.07 -8.70 33.36
CA LEU B 170 -32.42 -8.02 32.12
C LEU B 170 -33.84 -8.32 31.66
N THR B 171 -34.41 -9.47 32.01
CA THR B 171 -35.82 -9.67 31.67
C THR B 171 -36.73 -8.86 32.55
N ILE B 172 -36.39 -8.76 33.84
CA ILE B 172 -37.16 -7.94 34.77
C ILE B 172 -37.01 -6.46 34.44
N TRP B 173 -35.95 -6.07 33.74
CA TRP B 173 -35.88 -4.70 33.26
C TRP B 173 -36.81 -4.47 32.07
N LEU B 174 -37.14 -5.53 31.32
CA LEU B 174 -38.13 -5.38 30.26
C LEU B 174 -39.55 -5.46 30.79
N VAL B 175 -39.87 -6.51 31.54
CA VAL B 175 -41.24 -6.77 31.97
C VAL B 175 -41.72 -5.71 32.96
N ALA B 176 -40.81 -5.04 33.66
CA ALA B 176 -41.23 -3.83 34.36
C ALA B 176 -41.56 -2.71 33.38
N GLU B 177 -40.73 -2.52 32.36
CA GLU B 177 -41.00 -1.46 31.39
C GLU B 177 -42.12 -1.82 30.43
N MET B 178 -42.31 -3.11 30.15
CA MET B 178 -43.37 -3.52 29.24
C MET B 178 -44.74 -3.31 29.87
N ILE B 179 -44.84 -3.54 31.17
CA ILE B 179 -46.10 -3.36 31.89
C ILE B 179 -46.24 -1.94 32.43
N TYR B 180 -45.15 -1.17 32.49
CA TYR B 180 -45.30 0.25 32.71
C TYR B 180 -46.01 0.93 31.53
N CYS B 181 -45.57 0.65 30.32
CA CYS B 181 -46.15 1.31 29.15
C CYS B 181 -47.51 0.74 28.80
N TYR B 182 -47.78 -0.52 29.13
CA TYR B 182 -49.08 -1.12 28.86
C TYR B 182 -50.14 -0.50 29.77
N LYS B 183 -49.76 -0.12 30.98
CA LYS B 183 -50.69 0.61 31.83
C LYS B 183 -50.73 2.09 31.46
N LYS B 184 -49.72 2.57 30.75
CA LYS B 184 -49.70 3.96 30.32
C LYS B 184 -50.67 4.19 29.17
N ILE B 185 -50.74 3.22 28.25
CA ILE B 185 -51.53 3.42 27.03
C ILE B 185 -53.01 3.22 27.30
N ALA B 186 -53.36 2.25 28.15
CA ALA B 186 -54.78 2.02 28.45
C ALA B 186 -55.34 3.10 29.37
N ALA B 187 -54.47 3.77 30.13
CA ALA B 187 -54.94 4.91 30.93
C ALA B 187 -55.08 6.15 30.08
N ALA B 188 -54.31 6.25 28.99
CA ALA B 188 -54.48 7.35 28.06
C ALA B 188 -55.67 7.13 27.15
N THR B 189 -56.13 5.88 27.06
CA THR B 189 -57.38 5.58 26.39
C THR B 189 -58.57 5.95 27.29
N GLU B 190 -58.35 5.90 28.61
CA GLU B 190 -59.38 6.33 29.55
C GLU B 190 -59.62 7.83 29.47
N THR B 191 -58.56 8.60 29.23
CA THR B 191 -58.69 10.06 29.18
C THR B 191 -59.36 10.53 27.89
N ALA B 192 -59.39 9.68 26.88
CA ALA B 192 -60.04 10.02 25.61
C ALA B 192 -61.30 9.19 25.41
#